data_4QNQ
#
_entry.id   4QNQ
#
_cell.length_a   78.140
_cell.length_b   85.810
_cell.length_c   93.640
_cell.angle_alpha   72.94
_cell.angle_beta   67.42
_cell.angle_gamma   69.38
#
_symmetry.space_group_name_H-M   'P 1'
#
loop_
_entity.id
_entity.type
_entity.pdbx_description
1 polymer 'Bcl-2-like protein 1'
2 non-polymer 4-(4-{[2-(4-chlorophenyl)-5,5-dimethylcyclohex-1-en-1-yl]methyl}piperazin-1-yl)-N-[(4-{[(2R)-4-(morpholin-4-yl)-1-(phenylsulfanyl)butan-2-yl]amino}-3-[(trifluoromethyl)sulfonyl]phenyl)sulfonyl]benzamide
3 water water
#
_entity_poly.entity_id   1
_entity_poly.type   'polypeptide(L)'
_entity_poly.pdbx_seq_one_letter_code
;GSPEFPGMSQSNRELVVDFLSYKLSQKGYSWSQFSDVEENRTEAPEETEPERETPSAINGNPSWHLADSPAVNGATGHSS
SLDAREVIPMAAVKQALREAGDEFELRYRRAFSDLTSQLHITPGTAYQSFEQVVNELFRDGVNWGRIVAFFSFGGALCVE
SVDKEMQVLVSRIASWMATYLNDHLEPWIQENGGWDTFVDLYGNNAAAESRKGQERFNRWFLTGMTVAGVVLLGSLFSRK
;
_entity_poly.pdbx_strand_id   A,B,C,D,E,F,G,H,I,J,K,L
#
loop_
_chem_comp.id
_chem_comp.type
_chem_comp.name
_chem_comp.formula
1XJ non-polymer 4-(4-{[2-(4-chlorophenyl)-5,5-dimethylcyclohex-1-en-1-yl]methyl}piperazin-1-yl)-N-[(4-{[(2R)-4-(morpholin-4-yl)-1-(phenylsulfanyl)butan-2-yl]amino}-3-[(trifluoromethyl)sulfonyl]phenyl)sulfonyl]benzamide 'C47 H55 Cl F3 N5 O6 S3'
#
# COMPACT_ATOMS: atom_id res chain seq x y z
N MET A 8 10.41 30.40 38.80
CA MET A 8 11.03 29.26 39.52
C MET A 8 11.05 28.05 38.62
N SER A 9 11.58 26.96 39.14
CA SER A 9 11.70 25.71 38.40
C SER A 9 10.37 25.05 38.00
N GLN A 10 9.36 25.13 38.87
CA GLN A 10 8.06 24.60 38.53
C GLN A 10 7.39 25.43 37.41
N SER A 11 7.52 26.76 37.45
CA SER A 11 7.03 27.63 36.41
C SER A 11 7.58 27.21 35.08
N ASN A 12 8.88 27.05 35.02
CA ASN A 12 9.57 26.67 33.84
C ASN A 12 9.07 25.34 33.34
N ARG A 13 8.80 24.41 34.24
CA ARG A 13 8.21 23.12 33.80
C ARG A 13 6.86 23.34 33.18
N GLU A 14 6.07 24.22 33.75
CA GLU A 14 4.78 24.54 33.16
C GLU A 14 4.93 25.08 31.75
N LEU A 15 5.86 26.02 31.54
CA LEU A 15 6.05 26.62 30.24
C LEU A 15 6.38 25.59 29.19
N VAL A 16 7.21 24.64 29.50
CA VAL A 16 7.67 23.63 28.56
C VAL A 16 6.52 22.78 28.15
N VAL A 17 5.72 22.33 29.11
CA VAL A 17 4.58 21.45 28.82
C VAL A 17 3.51 22.19 28.01
N ASP A 18 3.21 23.41 28.39
CA ASP A 18 2.30 24.20 27.58
C ASP A 18 2.80 24.38 26.12
N PHE A 19 4.05 24.71 25.94
CA PHE A 19 4.52 24.92 24.61
C PHE A 19 4.50 23.67 23.77
N LEU A 20 4.98 22.56 24.31
CA LEU A 20 4.99 21.33 23.59
C LEU A 20 3.60 20.82 23.27
N SER A 21 2.67 20.96 24.20
CA SER A 21 1.26 20.55 23.91
C SER A 21 0.70 21.35 22.83
N TYR A 22 1.02 22.65 22.83
CA TYR A 22 0.53 23.55 21.83
C TYR A 22 1.03 23.10 20.48
N LYS A 23 2.30 22.76 20.38
CA LYS A 23 2.84 22.38 19.07
C LYS A 23 2.26 21.09 18.62
N LEU A 24 2.15 20.11 19.50
CA LEU A 24 1.51 18.85 19.10
C LEU A 24 0.04 19.03 18.65
N SER A 25 -0.71 19.83 19.40
CA SER A 25 -2.06 20.13 18.95
C SER A 25 -2.14 20.72 17.56
N GLN A 26 -1.39 21.77 17.32
CA GLN A 26 -1.29 22.38 15.98
C GLN A 26 -1.10 21.40 14.87
N LYS A 27 -0.24 20.42 15.06
CA LYS A 27 0.10 19.52 13.96
C LYS A 27 -0.84 18.36 13.91
N GLY A 28 -1.89 18.33 14.74
CA GLY A 28 -2.89 17.27 14.64
C GLY A 28 -2.54 16.02 15.43
N TYR A 29 -1.52 16.11 16.29
CA TYR A 29 -1.23 15.02 17.25
C TYR A 29 -1.83 15.24 18.56
N SER A 30 -1.86 14.08 19.17
CA SER A 30 -2.10 13.86 20.58
C SER A 30 -0.99 14.50 21.45
N TRP A 31 -1.44 15.13 22.55
CA TRP A 31 -0.58 15.61 23.61
C TRP A 31 -0.89 14.88 24.87
N SER A 32 -1.55 13.72 24.75
CA SER A 32 -1.91 12.94 25.91
C SER A 32 -0.78 12.09 26.44
N GLN A 33 0.44 12.28 25.94
CA GLN A 33 1.66 11.82 26.65
C GLN A 33 1.91 12.70 27.86
N PHE A 34 1.16 13.81 27.97
CA PHE A 34 1.03 14.57 29.21
C PHE A 34 -0.40 14.39 29.76
N ILE A 88 -3.97 36.79 34.29
CA ILE A 88 -3.00 36.03 35.10
C ILE A 88 -1.66 36.04 34.39
N PRO A 89 -0.62 36.60 35.02
CA PRO A 89 0.72 36.67 34.40
C PRO A 89 1.22 35.37 33.73
N MET A 90 1.12 34.21 34.39
CA MET A 90 1.52 32.95 33.78
C MET A 90 0.81 32.71 32.43
N ALA A 91 -0.49 32.99 32.36
CA ALA A 91 -1.21 32.85 31.12
C ALA A 91 -0.66 33.79 30.06
N ALA A 92 -0.23 34.98 30.48
CA ALA A 92 0.33 35.93 29.55
C ALA A 92 1.68 35.46 28.98
N VAL A 93 2.53 34.95 29.87
CA VAL A 93 3.76 34.31 29.46
C VAL A 93 3.53 33.20 28.43
N LYS A 94 2.57 32.33 28.69
CA LYS A 94 2.39 31.20 27.84
C LYS A 94 1.92 31.64 26.46
N GLN A 95 0.98 32.57 26.43
CA GLN A 95 0.49 33.16 25.18
C GLN A 95 1.61 33.84 24.33
N ALA A 96 2.40 34.69 24.97
CA ALA A 96 3.55 35.31 24.31
C ALA A 96 4.52 34.26 23.73
N LEU A 97 4.79 33.22 24.51
CA LEU A 97 5.67 32.15 24.03
C LEU A 97 5.14 31.36 22.87
N ARG A 98 3.85 31.06 22.88
CA ARG A 98 3.23 30.38 21.75
C ARG A 98 3.35 31.20 20.43
N GLU A 99 2.98 32.44 20.53
CA GLU A 99 3.06 33.34 19.40
C GLU A 99 4.49 33.57 18.95
N ALA A 100 5.41 33.87 19.85
CA ALA A 100 6.81 34.00 19.47
C ALA A 100 7.36 32.77 18.78
N GLY A 101 6.98 31.57 19.21
CA GLY A 101 7.46 30.38 18.56
C GLY A 101 6.96 30.29 17.16
N ASP A 102 5.66 30.50 16.97
CA ASP A 102 5.08 30.60 15.60
C ASP A 102 5.77 31.65 14.74
N GLU A 103 6.02 32.81 15.31
CA GLU A 103 6.65 33.85 14.54
C GLU A 103 8.10 33.44 14.16
N PHE A 104 8.85 32.93 15.13
CA PHE A 104 10.18 32.41 14.88
C PHE A 104 10.18 31.37 13.78
N GLU A 105 9.27 30.40 13.86
CA GLU A 105 9.18 29.34 12.84
C GLU A 105 8.81 29.87 11.45
N LEU A 106 8.15 31.02 11.41
CA LEU A 106 7.83 31.67 10.15
C LEU A 106 9.04 32.41 9.56
N ARG A 107 9.66 33.28 10.35
CA ARG A 107 10.80 34.00 9.83
C ARG A 107 11.98 33.11 9.54
N TYR A 108 12.14 32.00 10.24
CA TYR A 108 13.32 31.18 10.05
C TYR A 108 12.95 29.84 9.58
N ARG A 109 11.95 29.83 8.70
CA ARG A 109 11.43 28.61 8.17
C ARG A 109 12.50 27.80 7.45
N ARG A 110 13.47 28.50 6.85
CA ARG A 110 14.56 27.84 6.12
C ARG A 110 15.42 27.03 7.04
N ALA A 111 15.90 27.67 8.11
CA ALA A 111 16.70 27.02 9.18
C ALA A 111 15.88 25.93 9.87
N PHE A 112 14.62 26.24 10.12
CA PHE A 112 13.73 25.30 10.76
C PHE A 112 13.63 24.02 9.94
N SER A 113 13.29 24.20 8.67
CA SER A 113 13.09 23.10 7.72
C SER A 113 14.36 22.27 7.49
N ASP A 114 15.53 22.93 7.47
CA ASP A 114 16.84 22.26 7.30
C ASP A 114 17.13 21.30 8.42
N LEU A 115 16.85 21.76 9.64
CA LEU A 115 17.03 20.92 10.82
C LEU A 115 16.01 19.78 10.94
N THR A 116 14.77 20.00 10.54
CA THR A 116 13.75 18.96 10.68
C THR A 116 13.86 17.79 9.71
N SER A 117 14.74 17.89 8.71
CA SER A 117 15.04 16.73 7.86
C SER A 117 16.47 16.25 8.05
N GLN A 118 17.24 16.98 8.84
CA GLN A 118 18.63 16.66 9.09
C GLN A 118 18.73 15.39 9.91
N LEU A 119 18.31 15.45 11.18
CA LEU A 119 18.67 14.38 12.12
C LEU A 119 17.61 13.29 12.14
N HIS A 120 18.07 12.07 12.42
CA HIS A 120 17.22 10.90 12.52
C HIS A 120 17.21 10.55 13.96
N ILE A 121 16.03 10.53 14.60
CA ILE A 121 16.00 10.22 16.01
C ILE A 121 15.57 8.81 16.33
N THR A 122 16.28 8.30 17.33
CA THR A 122 15.90 7.08 18.01
C THR A 122 15.93 7.38 19.49
N PRO A 123 15.25 6.57 20.26
CA PRO A 123 15.32 6.71 21.69
C PRO A 123 16.75 6.57 22.23
N GLY A 124 17.61 5.84 21.51
CA GLY A 124 19.01 5.66 21.91
C GLY A 124 19.96 6.81 21.61
N THR A 125 19.58 7.70 20.72
CA THR A 125 20.50 8.77 20.28
C THR A 125 19.94 10.16 20.57
N ALA A 126 18.68 10.21 20.96
CA ALA A 126 17.97 11.45 21.14
C ALA A 126 18.69 12.41 22.06
N TYR A 127 19.17 11.92 23.20
CA TYR A 127 19.71 12.80 24.20
C TYR A 127 20.98 13.46 23.72
N GLN A 128 21.83 12.71 23.02
CA GLN A 128 23.07 13.35 22.51
C GLN A 128 22.78 14.37 21.40
N SER A 129 21.83 14.07 20.53
CA SER A 129 21.41 15.02 19.54
C SER A 129 20.83 16.29 20.19
N PHE A 130 19.93 16.13 21.17
CA PHE A 130 19.33 17.27 21.88
C PHE A 130 20.39 18.15 22.47
N GLU A 131 21.35 17.55 23.14
CA GLU A 131 22.41 18.30 23.83
C GLU A 131 23.39 18.98 22.91
N GLN A 132 23.71 18.37 21.77
CA GLN A 132 24.61 19.00 20.81
C GLN A 132 23.97 20.28 20.25
N VAL A 133 22.74 20.16 19.78
CA VAL A 133 22.07 21.27 19.19
C VAL A 133 21.93 22.39 20.23
N VAL A 134 21.50 22.05 21.45
CA VAL A 134 21.29 23.09 22.46
C VAL A 134 22.60 23.74 22.82
N ASN A 135 23.69 22.97 22.95
CA ASN A 135 24.99 23.59 23.24
C ASN A 135 25.46 24.51 22.14
N GLU A 136 25.29 24.09 20.88
CA GLU A 136 25.54 24.94 19.75
C GLU A 136 24.70 26.28 19.83
N LEU A 137 23.40 26.17 20.07
CA LEU A 137 22.51 27.29 20.04
C LEU A 137 22.94 28.34 21.04
N PHE A 138 23.44 27.90 22.19
CA PHE A 138 23.85 28.84 23.25
C PHE A 138 25.37 28.98 23.47
N ARG A 139 26.18 28.54 22.51
CA ARG A 139 27.63 28.62 22.66
C ARG A 139 28.17 30.03 23.01
N ASP A 140 27.65 31.07 22.34
CA ASP A 140 28.12 32.45 22.47
C ASP A 140 27.29 33.28 23.43
N GLY A 141 26.44 32.65 24.21
CA GLY A 141 25.58 33.41 25.13
C GLY A 141 24.09 33.18 24.88
N VAL A 142 23.33 33.76 25.79
CA VAL A 142 21.89 33.70 25.81
C VAL A 142 21.27 35.04 25.38
N ASN A 143 20.22 34.97 24.57
CA ASN A 143 19.27 36.09 24.46
C ASN A 143 17.85 35.54 24.25
N TRP A 144 16.85 36.41 24.22
CA TRP A 144 15.49 35.98 24.25
C TRP A 144 15.15 35.19 23.00
N GLY A 145 15.70 35.62 21.89
CA GLY A 145 15.46 34.98 20.62
C GLY A 145 15.91 33.54 20.67
N ARG A 146 17.04 33.33 21.29
CA ARG A 146 17.67 32.01 21.33
C ARG A 146 16.82 31.10 22.23
N ILE A 147 16.30 31.66 23.32
CA ILE A 147 15.35 30.96 24.15
C ILE A 147 14.09 30.51 23.39
N VAL A 148 13.50 31.36 22.58
CA VAL A 148 12.36 31.00 21.74
C VAL A 148 12.81 29.89 20.77
N ALA A 149 14.04 29.98 20.26
CA ALA A 149 14.47 28.99 19.28
C ALA A 149 14.65 27.60 19.95
N PHE A 150 15.02 27.63 21.22
CA PHE A 150 15.17 26.47 22.06
C PHE A 150 13.80 25.76 22.22
N PHE A 151 12.77 26.52 22.59
CA PHE A 151 11.43 25.95 22.71
C PHE A 151 11.01 25.37 21.36
N SER A 152 11.25 26.08 20.28
CA SER A 152 10.82 25.58 18.97
C SER A 152 11.53 24.32 18.59
N PHE A 153 12.78 24.22 18.99
CA PHE A 153 13.56 23.04 18.67
C PHE A 153 12.95 21.83 19.39
N GLY A 154 12.72 21.98 20.69
CA GLY A 154 12.01 21.00 21.45
C GLY A 154 10.71 20.59 20.80
N GLY A 155 9.94 21.58 20.35
CA GLY A 155 8.66 21.26 19.78
C GLY A 155 8.82 20.38 18.55
N ALA A 156 9.81 20.74 17.71
CA ALA A 156 10.06 19.98 16.47
C ALA A 156 10.51 18.56 16.77
N LEU A 157 11.32 18.38 17.82
CA LEU A 157 11.74 17.02 18.20
C LEU A 157 10.52 16.19 18.68
N CYS A 158 9.64 16.79 19.47
CA CYS A 158 8.48 16.06 19.88
C CYS A 158 7.60 15.65 18.70
N VAL A 159 7.43 16.54 17.75
CA VAL A 159 6.53 16.29 16.65
C VAL A 159 7.10 15.15 15.82
N GLU A 160 8.38 15.24 15.53
CA GLU A 160 9.09 14.18 14.84
C GLU A 160 8.93 12.83 15.60
N SER A 161 9.03 12.86 16.92
CA SER A 161 8.96 11.67 17.71
C SER A 161 7.63 10.94 17.56
N VAL A 162 6.55 11.71 17.63
CA VAL A 162 5.21 11.14 17.57
C VAL A 162 4.96 10.62 16.14
N ASP A 163 5.34 11.41 15.15
CA ASP A 163 5.33 10.96 13.76
C ASP A 163 5.87 9.52 13.62
N LYS A 164 7.08 9.27 14.12
CA LYS A 164 7.80 8.02 13.91
C LYS A 164 7.50 6.98 14.99
N GLU A 165 6.40 7.16 15.72
CA GLU A 165 5.93 6.20 16.69
C GLU A 165 6.95 5.99 17.83
N MET A 166 7.57 7.07 18.28
CA MET A 166 8.47 7.04 19.42
C MET A 166 7.90 7.93 20.49
N GLN A 167 6.66 7.65 20.86
CA GLN A 167 5.90 8.51 21.75
C GLN A 167 6.58 8.72 23.09
N VAL A 168 7.36 7.71 23.49
CA VAL A 168 8.08 7.70 24.78
C VAL A 168 9.04 8.90 24.91
N LEU A 169 9.57 9.38 23.81
CA LEU A 169 10.42 10.55 23.85
C LEU A 169 9.77 11.84 24.27
N VAL A 170 8.48 11.97 24.10
CA VAL A 170 7.85 13.26 24.28
C VAL A 170 8.06 13.78 25.70
N SER A 171 7.78 12.97 26.68
CA SER A 171 7.96 13.41 28.06
C SER A 171 9.44 13.43 28.48
N ARG A 172 10.29 12.67 27.79
CA ARG A 172 11.70 12.76 28.07
C ARG A 172 12.26 14.09 27.58
N ILE A 173 11.88 14.46 26.38
CA ILE A 173 12.25 15.76 25.82
C ILE A 173 11.75 16.91 26.71
N ALA A 174 10.54 16.79 27.22
CA ALA A 174 10.01 17.84 28.15
C ALA A 174 10.91 18.02 29.31
N SER A 175 11.38 16.91 29.85
CA SER A 175 12.15 16.99 31.10
C SER A 175 13.56 17.46 30.79
N TRP A 176 14.12 17.07 29.63
CA TRP A 176 15.41 17.62 29.24
C TRP A 176 15.35 19.12 29.02
N MET A 177 14.27 19.62 28.40
CA MET A 177 14.11 21.07 28.23
C MET A 177 13.97 21.79 29.58
N ALA A 178 13.17 21.24 30.51
CA ALA A 178 12.98 21.90 31.83
C ALA A 178 14.29 21.93 32.60
N THR A 179 15.03 20.81 32.59
CA THR A 179 16.30 20.77 33.25
C THR A 179 17.25 21.85 32.69
N TYR A 180 17.36 21.93 31.37
CA TYR A 180 18.27 22.89 30.77
C TYR A 180 17.84 24.36 31.04
N LEU A 181 16.54 24.59 30.96
CA LEU A 181 16.00 25.89 31.35
C LEU A 181 16.41 26.19 32.79
N ASN A 182 16.12 25.28 33.71
CA ASN A 182 16.37 25.55 35.15
C ASN A 182 17.82 25.63 35.57
N ASP A 183 18.70 24.89 34.89
CA ASP A 183 20.13 24.87 35.23
C ASP A 183 20.94 25.95 34.46
N HIS A 184 20.64 26.11 33.18
CA HIS A 184 21.50 26.93 32.33
C HIS A 184 20.93 28.24 31.83
N LEU A 185 19.61 28.42 31.78
CA LEU A 185 19.00 29.66 31.23
C LEU A 185 18.41 30.58 32.28
N GLU A 186 17.97 30.01 33.40
CA GLU A 186 17.21 30.74 34.42
C GLU A 186 18.01 31.90 35.05
N PRO A 187 19.34 31.72 35.30
CA PRO A 187 20.16 32.83 35.79
C PRO A 187 20.13 34.08 34.86
N TRP A 188 20.35 33.86 33.57
CA TRP A 188 20.20 34.90 32.58
C TRP A 188 18.77 35.50 32.54
N ILE A 189 17.74 34.67 32.66
CA ILE A 189 16.36 35.16 32.69
C ILE A 189 16.08 36.06 33.91
N GLN A 190 16.47 35.63 35.10
CA GLN A 190 16.27 36.49 36.29
C GLN A 190 17.09 37.78 36.19
N GLU A 191 18.26 37.71 35.58
CA GLU A 191 19.14 38.86 35.49
C GLU A 191 18.53 39.91 34.54
N ASN A 192 17.71 39.44 33.60
CA ASN A 192 17.21 40.30 32.55
C ASN A 192 15.73 40.61 32.69
N GLY A 193 15.23 40.56 33.91
CA GLY A 193 13.90 41.00 34.19
C GLY A 193 12.84 39.93 34.32
N GLY A 194 13.23 38.64 34.23
CA GLY A 194 12.25 37.54 34.31
C GLY A 194 11.32 37.50 33.10
N TRP A 195 10.34 36.61 33.14
CA TRP A 195 9.48 36.40 32.03
C TRP A 195 8.59 37.55 31.75
N ASP A 196 8.41 38.45 32.73
CA ASP A 196 7.68 39.74 32.51
C ASP A 196 8.28 40.59 31.43
N THR A 197 9.60 40.68 31.42
CA THR A 197 10.28 41.42 30.35
C THR A 197 10.02 40.81 28.98
N PHE A 198 10.00 39.49 28.90
CA PHE A 198 9.84 38.83 27.65
C PHE A 198 8.46 39.21 27.10
N VAL A 199 7.46 39.19 27.95
CA VAL A 199 6.07 39.57 27.55
C VAL A 199 5.99 41.02 27.11
N ASP A 200 6.58 41.93 27.87
CA ASP A 200 6.69 43.35 27.48
C ASP A 200 7.41 43.53 26.13
N LEU A 201 8.53 42.86 25.94
CA LEU A 201 9.23 43.01 24.68
C LEU A 201 8.43 42.43 23.51
N TYR A 202 7.80 41.27 23.69
CA TYR A 202 7.09 40.68 22.57
C TYR A 202 5.85 41.51 22.16
N GLY A 203 5.10 42.01 23.13
CA GLY A 203 3.90 42.74 22.81
C GLY A 203 4.06 44.27 22.76
N ASN A 204 5.19 44.82 23.23
CA ASN A 204 5.21 46.22 23.78
C ASN A 204 4.34 47.22 23.04
N SER B 9 -8.05 -20.82 -6.77
CA SER B 9 -8.44 -21.34 -5.43
C SER B 9 -9.82 -20.87 -5.02
N GLN B 10 -10.11 -19.59 -5.30
CA GLN B 10 -11.45 -19.00 -5.08
C GLN B 10 -12.48 -19.57 -6.04
N SER B 11 -12.08 -19.74 -7.28
CA SER B 11 -12.89 -20.44 -8.24
C SER B 11 -13.22 -21.86 -7.72
N ASN B 12 -12.24 -22.58 -7.20
CA ASN B 12 -12.50 -23.93 -6.74
C ASN B 12 -13.50 -23.95 -5.57
N ARG B 13 -13.38 -22.99 -4.66
CA ARG B 13 -14.31 -22.82 -3.55
C ARG B 13 -15.72 -22.60 -4.06
N GLU B 14 -15.87 -21.72 -5.05
CA GLU B 14 -17.14 -21.56 -5.74
C GLU B 14 -17.70 -22.87 -6.30
N LEU B 15 -16.91 -23.65 -7.01
CA LEU B 15 -17.40 -24.90 -7.56
C LEU B 15 -17.87 -25.82 -6.47
N VAL B 16 -17.11 -25.94 -5.39
CA VAL B 16 -17.50 -26.84 -4.30
C VAL B 16 -18.87 -26.43 -3.73
N VAL B 17 -19.02 -25.15 -3.42
CA VAL B 17 -20.28 -24.67 -2.84
C VAL B 17 -21.45 -24.87 -3.79
N ASP B 18 -21.27 -24.57 -5.06
CA ASP B 18 -22.31 -24.76 -6.06
C ASP B 18 -22.70 -26.24 -6.14
N PHE B 19 -21.72 -27.12 -6.16
CA PHE B 19 -22.02 -28.52 -6.32
C PHE B 19 -22.83 -29.08 -5.15
N LEU B 20 -22.38 -28.75 -3.95
CA LEU B 20 -23.01 -29.25 -2.77
C LEU B 20 -24.42 -28.66 -2.59
N SER B 21 -24.56 -27.36 -2.79
CA SER B 21 -25.87 -26.72 -2.75
C SER B 21 -26.85 -27.38 -3.74
N TYR B 22 -26.42 -27.64 -4.97
CA TYR B 22 -27.19 -28.36 -5.94
C TYR B 22 -27.58 -29.72 -5.41
N LYS B 23 -26.65 -30.50 -4.86
CA LYS B 23 -26.99 -31.86 -4.44
C LYS B 23 -27.96 -31.85 -3.28
N LEU B 24 -27.71 -30.97 -2.29
CA LEU B 24 -28.65 -30.88 -1.16
C LEU B 24 -30.06 -30.60 -1.68
N SER B 25 -30.24 -29.62 -2.57
CA SER B 25 -31.55 -29.31 -3.15
C SER B 25 -32.23 -30.45 -3.87
N GLN B 26 -31.47 -31.15 -4.72
CA GLN B 26 -32.01 -32.38 -5.34
C GLN B 26 -32.61 -33.37 -4.39
N LYS B 27 -32.04 -33.54 -3.21
CA LYS B 27 -32.54 -34.54 -2.24
C LYS B 27 -33.54 -33.97 -1.23
N GLY B 28 -33.93 -32.71 -1.40
CA GLY B 28 -34.92 -32.11 -0.53
C GLY B 28 -34.38 -31.71 0.81
N TYR B 29 -33.06 -31.49 0.90
CA TYR B 29 -32.43 -31.18 2.18
C TYR B 29 -31.83 -29.79 2.36
N SER B 30 -32.00 -28.89 1.41
CA SER B 30 -31.69 -27.49 1.65
C SER B 30 -32.56 -27.03 2.83
N TRP B 31 -32.02 -26.13 3.61
CA TRP B 31 -32.83 -25.53 4.63
C TRP B 31 -34.13 -24.88 4.15
N SER B 32 -34.20 -24.50 2.88
CA SER B 32 -35.39 -23.83 2.40
C SER B 32 -36.46 -24.85 2.07
N GLN B 33 -36.16 -26.12 2.28
CA GLN B 33 -37.08 -27.21 1.88
C GLN B 33 -37.79 -27.88 3.06
N PHE B 34 -37.90 -27.17 4.18
CA PHE B 34 -38.74 -27.56 5.33
C PHE B 34 -40.21 -27.85 4.92
N SER B 35 -40.89 -28.78 5.56
CA SER B 35 -42.22 -29.19 5.06
C SER B 35 -43.44 -28.39 5.58
N ASP B 36 -44.59 -28.72 4.97
CA ASP B 36 -45.95 -28.32 5.37
C ASP B 36 -46.20 -26.81 5.35
N PRO B 89 -17.84 -18.47 -18.52
CA PRO B 89 -17.13 -19.74 -18.37
C PRO B 89 -17.44 -20.40 -17.05
N MET B 90 -17.40 -19.65 -15.95
CA MET B 90 -17.70 -20.21 -14.63
C MET B 90 -19.07 -20.93 -14.61
N ALA B 91 -20.06 -20.30 -15.20
CA ALA B 91 -21.36 -20.93 -15.33
C ALA B 91 -21.31 -22.24 -16.15
N ALA B 92 -20.44 -22.30 -17.14
CA ALA B 92 -20.25 -23.48 -17.98
C ALA B 92 -19.53 -24.64 -17.24
N VAL B 93 -18.56 -24.28 -16.43
CA VAL B 93 -17.91 -25.24 -15.58
C VAL B 93 -18.90 -25.79 -14.57
N LYS B 94 -19.73 -24.94 -13.99
CA LYS B 94 -20.68 -25.38 -12.94
C LYS B 94 -21.67 -26.35 -13.52
N GLN B 95 -22.15 -26.04 -14.70
CA GLN B 95 -23.17 -26.84 -15.39
C GLN B 95 -22.65 -28.22 -15.69
N ALA B 96 -21.45 -28.28 -16.23
CA ALA B 96 -20.88 -29.54 -16.63
C ALA B 96 -20.65 -30.41 -15.40
N LEU B 97 -20.19 -29.78 -14.35
CA LEU B 97 -19.97 -30.48 -13.10
C LEU B 97 -21.26 -31.06 -12.48
N ARG B 98 -22.31 -30.24 -12.41
CA ARG B 98 -23.63 -30.77 -12.03
C ARG B 98 -24.08 -31.95 -12.85
N GLU B 99 -23.94 -31.85 -14.16
CA GLU B 99 -24.41 -32.90 -15.03
C GLU B 99 -23.58 -34.13 -14.88
N ALA B 100 -22.27 -33.91 -14.84
CA ALA B 100 -21.32 -34.99 -14.74
C ALA B 100 -21.54 -35.77 -13.45
N GLY B 101 -21.83 -35.05 -12.36
CA GLY B 101 -22.05 -35.70 -11.10
C GLY B 101 -23.32 -36.54 -11.15
N ASP B 102 -24.37 -36.04 -11.76
CA ASP B 102 -25.63 -36.79 -11.90
C ASP B 102 -25.42 -38.00 -12.77
N GLU B 103 -24.71 -37.82 -13.89
CA GLU B 103 -24.47 -38.95 -14.77
C GLU B 103 -23.63 -40.05 -14.08
N PHE B 104 -22.57 -39.63 -13.38
CA PHE B 104 -21.77 -40.56 -12.61
C PHE B 104 -22.59 -41.35 -11.61
N GLU B 105 -23.49 -40.67 -10.92
CA GLU B 105 -24.33 -41.32 -9.91
C GLU B 105 -25.29 -42.31 -10.56
N LEU B 106 -25.81 -41.99 -11.72
CA LEU B 106 -26.53 -42.96 -12.49
C LEU B 106 -25.66 -44.17 -12.89
N ARG B 107 -24.54 -43.95 -13.53
CA ARG B 107 -23.77 -45.09 -14.02
C ARG B 107 -23.20 -45.98 -12.93
N TYR B 108 -22.97 -45.44 -11.73
CA TYR B 108 -22.31 -46.21 -10.70
C TYR B 108 -23.16 -46.19 -9.43
N ARG B 109 -24.47 -46.36 -9.61
CA ARG B 109 -25.44 -46.35 -8.49
C ARG B 109 -25.03 -47.44 -7.50
N ARG B 110 -24.48 -48.52 -8.03
CA ARG B 110 -24.14 -49.67 -7.20
C ARG B 110 -23.04 -49.29 -6.21
N ALA B 111 -21.92 -48.81 -6.72
CA ALA B 111 -20.81 -48.37 -5.86
C ALA B 111 -21.25 -47.20 -4.99
N PHE B 112 -22.11 -46.35 -5.55
CA PHE B 112 -22.58 -45.20 -4.82
C PHE B 112 -23.32 -45.71 -3.58
N SER B 113 -24.33 -46.54 -3.82
CA SER B 113 -25.17 -47.01 -2.72
C SER B 113 -24.37 -47.88 -1.74
N ASP B 114 -23.45 -48.70 -2.26
CA ASP B 114 -22.61 -49.54 -1.40
C ASP B 114 -21.89 -48.73 -0.34
N LEU B 115 -21.30 -47.62 -0.77
CA LEU B 115 -20.54 -46.78 0.13
C LEU B 115 -21.44 -46.02 1.07
N THR B 116 -22.60 -45.55 0.59
CA THR B 116 -23.48 -44.71 1.44
C THR B 116 -24.07 -45.42 2.67
N SER B 117 -24.11 -46.74 2.65
CA SER B 117 -24.51 -47.54 3.81
C SER B 117 -23.31 -48.22 4.49
N GLN B 118 -22.12 -48.04 3.92
CA GLN B 118 -20.92 -48.67 4.44
C GLN B 118 -20.45 -48.00 5.73
N LEU B 119 -20.16 -46.71 5.65
CA LEU B 119 -19.57 -46.00 6.77
C LEU B 119 -20.63 -45.22 7.60
N HIS B 120 -20.42 -45.28 8.91
CA HIS B 120 -21.27 -44.68 9.91
C HIS B 120 -20.64 -43.36 10.30
N ILE B 121 -21.30 -42.29 9.91
CA ILE B 121 -20.75 -40.97 9.97
C ILE B 121 -21.06 -40.28 11.29
N THR B 122 -20.02 -39.95 12.03
CA THR B 122 -20.15 -39.11 13.23
C THR B 122 -19.19 -37.93 13.12
N PRO B 123 -19.47 -36.86 13.85
CA PRO B 123 -18.56 -35.71 13.78
C PRO B 123 -17.14 -36.07 14.18
N GLY B 124 -16.99 -37.07 15.02
CA GLY B 124 -15.71 -37.51 15.47
C GLY B 124 -14.98 -38.45 14.55
N THR B 125 -15.66 -39.02 13.54
CA THR B 125 -15.01 -39.93 12.57
C THR B 125 -15.04 -39.43 11.15
N ALA B 126 -15.79 -38.35 10.90
CA ALA B 126 -16.05 -37.88 9.56
C ALA B 126 -14.77 -37.54 8.80
N TYR B 127 -13.82 -36.88 9.47
CA TYR B 127 -12.62 -36.45 8.76
C TYR B 127 -11.82 -37.61 8.29
N GLN B 128 -11.65 -38.60 9.17
CA GLN B 128 -10.83 -39.75 8.83
C GLN B 128 -11.49 -40.54 7.66
N SER B 129 -12.80 -40.73 7.75
CA SER B 129 -13.55 -41.40 6.70
C SER B 129 -13.37 -40.66 5.40
N PHE B 130 -13.54 -39.32 5.43
CA PHE B 130 -13.32 -38.51 4.24
C PHE B 130 -11.91 -38.73 3.64
N GLU B 131 -10.89 -38.68 4.48
CA GLU B 131 -9.52 -38.87 3.97
C GLU B 131 -9.26 -40.29 3.41
N GLN B 132 -9.78 -41.31 4.07
CA GLN B 132 -9.55 -42.68 3.63
C GLN B 132 -10.13 -42.93 2.27
N VAL B 133 -11.37 -42.50 2.09
CA VAL B 133 -12.01 -42.69 0.80
C VAL B 133 -11.31 -41.88 -0.30
N VAL B 134 -11.01 -40.61 -0.04
CA VAL B 134 -10.36 -39.77 -1.03
C VAL B 134 -8.95 -40.30 -1.39
N ASN B 135 -8.19 -40.74 -0.39
CA ASN B 135 -6.87 -41.36 -0.71
C ASN B 135 -7.00 -42.65 -1.51
N GLU B 136 -8.00 -43.47 -1.24
CA GLU B 136 -8.26 -44.64 -2.07
C GLU B 136 -8.61 -44.24 -3.51
N LEU B 137 -9.50 -43.27 -3.66
CA LEU B 137 -9.94 -42.80 -4.97
C LEU B 137 -8.81 -42.33 -5.86
N PHE B 138 -7.87 -41.61 -5.26
CA PHE B 138 -6.73 -41.07 -6.03
C PHE B 138 -5.40 -41.87 -5.87
N ARG B 139 -5.44 -43.08 -5.30
CA ARG B 139 -4.26 -43.94 -5.17
C ARG B 139 -3.46 -44.16 -6.43
N ASP B 140 -4.11 -44.31 -7.58
CA ASP B 140 -3.42 -44.51 -8.87
C ASP B 140 -3.38 -43.22 -9.69
N GLY B 141 -3.42 -42.06 -9.04
CA GLY B 141 -3.32 -40.79 -9.75
C GLY B 141 -4.66 -40.10 -10.00
N VAL B 142 -4.59 -38.92 -10.61
CA VAL B 142 -5.76 -38.09 -10.97
C VAL B 142 -6.21 -38.27 -12.44
N ASN B 143 -7.53 -38.29 -12.65
CA ASN B 143 -8.06 -38.01 -13.97
C ASN B 143 -9.44 -37.33 -13.82
N TRP B 144 -10.06 -36.94 -14.93
CA TRP B 144 -11.30 -36.18 -14.84
C TRP B 144 -12.40 -36.96 -14.17
N GLY B 145 -12.51 -38.26 -14.50
CA GLY B 145 -13.55 -39.15 -13.95
C GLY B 145 -13.47 -39.25 -12.45
N ARG B 146 -12.25 -39.40 -11.97
CA ARG B 146 -12.02 -39.44 -10.53
C ARG B 146 -12.35 -38.09 -9.83
N ILE B 147 -11.99 -36.98 -10.45
CA ILE B 147 -12.40 -35.68 -9.96
C ILE B 147 -13.91 -35.58 -9.82
N VAL B 148 -14.65 -36.02 -10.81
CA VAL B 148 -16.10 -36.02 -10.70
C VAL B 148 -16.58 -36.88 -9.52
N ALA B 149 -15.96 -38.04 -9.34
CA ALA B 149 -16.36 -38.97 -8.31
C ALA B 149 -16.11 -38.31 -6.96
N PHE B 150 -15.05 -37.52 -6.88
CA PHE B 150 -14.67 -36.80 -5.66
C PHE B 150 -15.79 -35.85 -5.26
N PHE B 151 -16.27 -35.05 -6.21
CA PHE B 151 -17.36 -34.14 -5.96
C PHE B 151 -18.62 -34.92 -5.55
N SER B 152 -18.91 -36.01 -6.23
CA SER B 152 -20.08 -36.82 -5.85
C SER B 152 -20.00 -37.43 -4.47
N PHE B 153 -18.80 -37.82 -4.07
CA PHE B 153 -18.58 -38.38 -2.77
C PHE B 153 -18.85 -37.33 -1.72
N GLY B 154 -18.32 -36.14 -1.92
CA GLY B 154 -18.56 -35.06 -0.95
C GLY B 154 -20.06 -34.75 -0.84
N GLY B 155 -20.74 -34.67 -1.98
CA GLY B 155 -22.16 -34.46 -2.01
C GLY B 155 -22.90 -35.49 -1.19
N ALA B 156 -22.55 -36.74 -1.37
CA ALA B 156 -23.20 -37.84 -0.65
C ALA B 156 -22.95 -37.71 0.83
N LEU B 157 -21.73 -37.38 1.24
CA LEU B 157 -21.46 -37.15 2.67
C LEU B 157 -22.25 -36.02 3.26
N CYS B 158 -22.47 -34.97 2.49
CA CYS B 158 -23.26 -33.85 2.98
C CYS B 158 -24.74 -34.23 3.12
N VAL B 159 -25.25 -35.00 2.15
CA VAL B 159 -26.64 -35.45 2.22
C VAL B 159 -26.84 -36.35 3.42
N GLU B 160 -25.93 -37.31 3.57
CA GLU B 160 -25.93 -38.20 4.73
C GLU B 160 -25.87 -37.39 6.06
N SER B 161 -24.95 -36.44 6.16
CA SER B 161 -24.87 -35.61 7.33
C SER B 161 -26.16 -34.97 7.74
N VAL B 162 -26.89 -34.41 6.77
CA VAL B 162 -28.15 -33.68 7.06
C VAL B 162 -29.27 -34.68 7.43
N ASP B 163 -29.32 -35.81 6.73
CA ASP B 163 -30.16 -36.94 7.06
C ASP B 163 -30.12 -37.22 8.55
N LYS B 164 -28.91 -37.40 9.09
CA LYS B 164 -28.72 -37.85 10.47
C LYS B 164 -28.47 -36.70 11.47
N GLU B 165 -28.97 -35.52 11.13
CA GLU B 165 -29.00 -34.38 12.05
C GLU B 165 -27.61 -33.86 12.42
N MET B 166 -26.63 -33.99 11.51
CA MET B 166 -25.28 -33.51 11.75
C MET B 166 -24.96 -32.39 10.79
N GLN B 167 -25.87 -31.42 10.72
CA GLN B 167 -25.75 -30.30 9.79
C GLN B 167 -24.42 -29.55 9.89
N VAL B 168 -23.82 -29.53 11.07
CA VAL B 168 -22.54 -28.84 11.27
C VAL B 168 -21.41 -29.37 10.34
N LEU B 169 -21.50 -30.63 9.93
CA LEU B 169 -20.57 -31.21 8.99
C LEU B 169 -20.61 -30.70 7.56
N VAL B 170 -21.70 -30.07 7.15
CA VAL B 170 -21.81 -29.67 5.74
C VAL B 170 -20.74 -28.64 5.34
N SER B 171 -20.61 -27.56 6.10
CA SER B 171 -19.62 -26.55 5.77
C SER B 171 -18.19 -27.04 6.10
N ARG B 172 -18.03 -27.96 7.03
CA ARG B 172 -16.72 -28.56 7.23
C ARG B 172 -16.29 -29.40 6.02
N ILE B 173 -17.23 -30.19 5.50
CA ILE B 173 -16.96 -31.01 4.33
C ILE B 173 -16.59 -30.17 3.18
N ALA B 174 -17.30 -29.02 3.02
CA ALA B 174 -17.00 -28.09 1.96
C ALA B 174 -15.56 -27.73 2.01
N SER B 175 -15.10 -27.37 3.20
CA SER B 175 -13.78 -26.77 3.32
C SER B 175 -12.76 -27.89 3.15
N TRP B 176 -13.03 -29.11 3.62
CA TRP B 176 -12.12 -30.24 3.33
C TRP B 176 -12.02 -30.49 1.84
N MET B 177 -13.13 -30.40 1.11
CA MET B 177 -13.08 -30.61 -0.33
C MET B 177 -12.28 -29.47 -0.98
N ALA B 178 -12.53 -28.23 -0.58
CA ALA B 178 -11.87 -27.08 -1.20
C ALA B 178 -10.34 -27.19 -0.98
N THR B 179 -9.94 -27.54 0.22
CA THR B 179 -8.54 -27.75 0.55
C THR B 179 -7.94 -28.87 -0.31
N TYR B 180 -8.63 -30.00 -0.42
CA TYR B 180 -8.09 -31.12 -1.18
C TYR B 180 -7.97 -30.75 -2.68
N LEU B 181 -8.98 -30.05 -3.18
CA LEU B 181 -8.98 -29.55 -4.55
C LEU B 181 -7.75 -28.67 -4.83
N ASN B 182 -7.56 -27.66 -4.00
CA ASN B 182 -6.51 -26.70 -4.19
C ASN B 182 -5.12 -27.30 -4.02
N ASP B 183 -4.99 -28.21 -3.10
CA ASP B 183 -3.70 -28.72 -2.78
C ASP B 183 -3.24 -29.84 -3.73
N HIS B 184 -4.09 -30.82 -3.95
CA HIS B 184 -3.71 -32.07 -4.57
C HIS B 184 -4.24 -32.18 -6.00
N LEU B 185 -5.34 -31.51 -6.36
CA LEU B 185 -5.96 -31.75 -7.66
C LEU B 185 -5.74 -30.65 -8.69
N GLU B 186 -5.76 -29.39 -8.25
CA GLU B 186 -5.46 -28.22 -9.08
C GLU B 186 -4.16 -28.29 -9.94
N PRO B 187 -3.04 -28.82 -9.39
CA PRO B 187 -1.84 -28.97 -10.21
C PRO B 187 -2.06 -29.80 -11.44
N TRP B 188 -2.68 -30.96 -11.31
CA TRP B 188 -3.03 -31.79 -12.44
C TRP B 188 -4.01 -31.13 -13.38
N ILE B 189 -4.94 -30.36 -12.81
CA ILE B 189 -5.94 -29.65 -13.60
C ILE B 189 -5.25 -28.61 -14.46
N GLN B 190 -4.34 -27.84 -13.87
CA GLN B 190 -3.64 -26.79 -14.61
C GLN B 190 -2.74 -27.36 -15.68
N GLU B 191 -2.18 -28.50 -15.40
CA GLU B 191 -1.35 -29.18 -16.36
C GLU B 191 -2.14 -29.71 -17.56
N ASN B 192 -3.40 -30.08 -17.36
CA ASN B 192 -4.18 -30.69 -18.41
C ASN B 192 -5.18 -29.77 -19.05
N GLY B 193 -4.95 -28.47 -18.95
CA GLY B 193 -5.73 -27.42 -19.70
C GLY B 193 -6.68 -26.55 -18.87
N GLY B 194 -6.75 -26.79 -17.56
CA GLY B 194 -7.76 -26.18 -16.73
C GLY B 194 -9.18 -26.69 -16.99
N TRP B 195 -10.12 -26.13 -16.26
CA TRP B 195 -11.52 -26.55 -16.33
C TRP B 195 -12.17 -26.50 -17.71
N ASP B 196 -11.69 -25.60 -18.58
CA ASP B 196 -12.05 -25.55 -20.00
C ASP B 196 -11.99 -26.94 -20.63
N THR B 197 -10.91 -27.65 -20.36
CA THR B 197 -10.71 -28.95 -20.97
C THR B 197 -11.80 -29.93 -20.50
N PHE B 198 -12.18 -29.83 -19.23
CA PHE B 198 -13.25 -30.64 -18.70
C PHE B 198 -14.59 -30.34 -19.42
N VAL B 199 -14.93 -29.04 -19.58
CA VAL B 199 -16.18 -28.63 -20.25
C VAL B 199 -16.19 -29.15 -21.68
N ASP B 200 -15.07 -28.96 -22.39
CA ASP B 200 -14.90 -29.48 -23.75
C ASP B 200 -15.13 -30.98 -23.81
N LEU B 201 -14.46 -31.74 -22.97
CA LEU B 201 -14.63 -33.17 -22.99
C LEU B 201 -16.04 -33.56 -22.63
N TYR B 202 -16.63 -32.91 -21.64
CA TYR B 202 -17.94 -33.35 -21.20
C TYR B 202 -18.94 -33.15 -22.30
N GLY B 203 -18.89 -31.98 -22.93
CA GLY B 203 -19.84 -31.61 -23.97
C GLY B 203 -19.54 -32.10 -25.39
N ASN B 204 -18.43 -32.79 -25.65
CA ASN B 204 -18.07 -33.13 -27.05
C ASN B 204 -17.51 -34.53 -27.30
N MET C 8 12.77 -24.49 10.96
CA MET C 8 12.81 -25.77 11.74
C MET C 8 13.03 -26.98 10.83
N SER C 9 13.53 -28.07 11.39
CA SER C 9 13.70 -29.30 10.64
C SER C 9 12.38 -29.94 10.21
N GLN C 10 11.35 -29.86 11.04
CA GLN C 10 10.05 -30.44 10.67
C GLN C 10 9.38 -29.65 9.57
N SER C 11 9.53 -28.33 9.60
CA SER C 11 9.02 -27.46 8.57
C SER C 11 9.63 -27.87 7.26
N ASN C 12 10.94 -28.01 7.24
CA ASN C 12 11.65 -28.35 6.02
C ASN C 12 11.19 -29.66 5.44
N ARG C 13 10.99 -30.64 6.31
CA ARG C 13 10.43 -31.92 5.87
C ARG C 13 9.05 -31.77 5.21
N GLU C 14 8.18 -30.96 5.84
CA GLU C 14 6.86 -30.61 5.28
C GLU C 14 6.99 -30.05 3.91
N LEU C 15 7.94 -29.13 3.69
CA LEU C 15 8.10 -28.46 2.40
C LEU C 15 8.51 -29.46 1.34
N VAL C 16 9.39 -30.35 1.71
CA VAL C 16 9.85 -31.35 0.78
C VAL C 16 8.64 -32.18 0.31
N VAL C 17 7.88 -32.71 1.27
CA VAL C 17 6.76 -33.60 0.95
C VAL C 17 5.72 -32.88 0.09
N ASP C 18 5.44 -31.64 0.43
CA ASP C 18 4.51 -30.84 -0.39
C ASP C 18 4.95 -30.67 -1.82
N PHE C 19 6.22 -30.30 -1.99
CA PHE C 19 6.75 -30.08 -3.31
C PHE C 19 6.76 -31.34 -4.15
N LEU C 20 7.27 -32.45 -3.59
CA LEU C 20 7.26 -33.72 -4.32
C LEU C 20 5.85 -34.23 -4.64
N SER C 21 4.92 -34.14 -3.68
CA SER C 21 3.51 -34.52 -3.97
C SER C 21 2.92 -33.68 -5.09
N TYR C 22 3.19 -32.38 -5.07
CA TYR C 22 2.76 -31.47 -6.13
C TYR C 22 3.31 -31.90 -7.50
N LYS C 23 4.60 -32.22 -7.56
CA LYS C 23 5.15 -32.61 -8.82
C LYS C 23 4.55 -33.92 -9.29
N LEU C 24 4.35 -34.87 -8.39
CA LEU C 24 3.75 -36.17 -8.79
C LEU C 24 2.32 -36.03 -9.28
N SER C 25 1.54 -35.26 -8.56
CA SER C 25 0.20 -34.91 -9.03
C SER C 25 0.12 -34.26 -10.42
N GLN C 26 0.99 -33.29 -10.70
CA GLN C 26 1.07 -32.66 -12.04
C GLN C 26 1.25 -33.64 -13.18
N LYS C 27 1.96 -34.73 -12.94
CA LYS C 27 2.30 -35.66 -14.02
C LYS C 27 1.32 -36.80 -14.10
N GLY C 28 0.33 -36.80 -13.21
CA GLY C 28 -0.71 -37.80 -13.30
C GLY C 28 -0.41 -38.99 -12.46
N TYR C 29 0.66 -38.90 -11.66
CA TYR C 29 0.96 -39.97 -10.72
C TYR C 29 0.37 -39.82 -9.36
N SER C 30 0.32 -41.00 -8.76
CA SER C 30 0.12 -41.18 -7.35
C SER C 30 1.20 -40.54 -6.49
N TRP C 31 0.77 -39.93 -5.39
CA TRP C 31 1.66 -39.46 -4.34
C TRP C 31 1.45 -40.22 -3.07
N SER C 32 0.78 -41.35 -3.16
CA SER C 32 0.41 -42.10 -1.99
C SER C 32 1.55 -42.95 -1.50
N GLN C 33 2.74 -42.77 -2.07
CA GLN C 33 3.97 -43.25 -1.42
C GLN C 33 4.26 -42.43 -0.16
N PHE C 34 3.50 -41.36 0.06
CA PHE C 34 3.52 -40.58 1.32
C PHE C 34 2.31 -40.79 2.26
N SER C 35 1.15 -41.13 1.69
CA SER C 35 -0.04 -41.49 2.50
C SER C 35 -0.67 -42.78 2.01
N ILE C 88 -1.57 -17.48 6.57
CA ILE C 88 -1.11 -18.80 6.99
C ILE C 88 0.31 -19.06 6.44
N PRO C 89 1.34 -18.61 7.16
CA PRO C 89 2.67 -18.48 6.54
C PRO C 89 3.19 -19.74 5.84
N MET C 90 3.05 -20.91 6.47
CA MET C 90 3.51 -22.18 5.85
C MET C 90 2.80 -22.47 4.50
N ALA C 91 1.50 -22.23 4.43
CA ALA C 91 0.81 -22.24 3.13
C ALA C 91 1.41 -21.27 2.10
N ALA C 92 1.88 -20.11 2.55
CA ALA C 92 2.46 -19.15 1.60
C ALA C 92 3.82 -19.61 1.08
N VAL C 93 4.63 -20.17 1.97
CA VAL C 93 5.91 -20.75 1.57
C VAL C 93 5.68 -21.86 0.54
N LYS C 94 4.72 -22.73 0.80
CA LYS C 94 4.44 -23.88 -0.07
C LYS C 94 4.04 -23.47 -1.46
N GLN C 95 3.08 -22.56 -1.50
CA GLN C 95 2.67 -21.93 -2.74
C GLN C 95 3.82 -21.29 -3.53
N ALA C 96 4.55 -20.38 -2.89
CA ALA C 96 5.73 -19.72 -3.54
C ALA C 96 6.72 -20.75 -4.11
N LEU C 97 6.97 -21.80 -3.34
CA LEU C 97 7.87 -22.88 -3.79
C LEU C 97 7.38 -23.65 -5.02
N ARG C 98 6.12 -24.04 -5.01
CA ARG C 98 5.49 -24.70 -6.14
C ARG C 98 5.59 -23.88 -7.36
N GLU C 99 5.21 -22.62 -7.24
CA GLU C 99 5.31 -21.69 -8.35
C GLU C 99 6.74 -21.45 -8.85
N ALA C 100 7.66 -21.24 -7.92
CA ALA C 100 9.03 -20.99 -8.29
C ALA C 100 9.59 -22.18 -9.04
N GLY C 101 9.23 -23.39 -8.59
CA GLY C 101 9.72 -24.59 -9.24
C GLY C 101 9.24 -24.69 -10.65
N ASP C 102 7.97 -24.41 -10.85
CA ASP C 102 7.39 -24.38 -12.20
C ASP C 102 8.07 -23.32 -13.08
N GLU C 103 8.34 -22.15 -12.52
CA GLU C 103 8.98 -21.10 -13.31
C GLU C 103 10.45 -21.48 -13.64
N PHE C 104 11.17 -22.04 -12.67
CA PHE C 104 12.53 -22.55 -12.94
C PHE C 104 12.58 -23.58 -14.08
N GLU C 105 11.63 -24.51 -14.04
CA GLU C 105 11.56 -25.59 -14.99
C GLU C 105 11.20 -25.05 -16.34
N LEU C 106 10.47 -23.94 -16.38
CA LEU C 106 10.18 -23.27 -17.64
C LEU C 106 11.41 -22.53 -18.20
N ARG C 107 12.02 -21.66 -17.41
CA ARG C 107 13.18 -20.92 -17.90
C ARG C 107 14.43 -21.77 -18.18
N TYR C 108 14.60 -22.91 -17.50
CA TYR C 108 15.80 -23.73 -17.72
C TYR C 108 15.42 -25.08 -18.24
N ARG C 109 14.49 -25.10 -19.19
CA ARG C 109 13.95 -26.39 -19.66
C ARG C 109 15.00 -27.21 -20.38
N ARG C 110 15.99 -26.51 -20.90
CA ARG C 110 17.12 -27.12 -21.56
C ARG C 110 17.98 -27.92 -20.58
N ALA C 111 18.47 -27.23 -19.55
CA ALA C 111 19.21 -27.89 -18.47
C ALA C 111 18.37 -28.98 -17.80
N PHE C 112 17.08 -28.71 -17.64
CA PHE C 112 16.15 -29.66 -17.03
C PHE C 112 16.06 -30.95 -17.83
N SER C 113 15.77 -30.80 -19.12
CA SER C 113 15.61 -31.90 -20.04
C SER C 113 16.92 -32.68 -20.23
N ASP C 114 18.03 -31.95 -20.28
CA ASP C 114 19.38 -32.54 -20.40
C ASP C 114 19.62 -33.55 -19.30
N LEU C 115 19.38 -33.13 -18.07
CA LEU C 115 19.64 -33.94 -16.88
C LEU C 115 18.68 -35.12 -16.72
N THR C 116 17.42 -34.93 -17.11
CA THR C 116 16.41 -35.98 -16.98
C THR C 116 16.61 -37.19 -17.89
N SER C 117 17.39 -37.04 -18.96
CA SER C 117 17.78 -38.19 -19.79
C SER C 117 19.23 -38.63 -19.58
N GLN C 118 19.97 -37.91 -18.74
CA GLN C 118 21.40 -38.18 -18.52
C GLN C 118 21.62 -39.42 -17.68
N LEU C 119 21.23 -39.35 -16.40
CA LEU C 119 21.57 -40.42 -15.46
C LEU C 119 20.52 -41.53 -15.54
N HIS C 120 20.99 -42.76 -15.31
CA HIS C 120 20.13 -43.93 -15.29
C HIS C 120 19.96 -44.29 -13.86
N ILE C 121 18.71 -44.30 -13.42
CA ILE C 121 18.42 -44.44 -12.02
C ILE C 121 18.12 -45.90 -11.67
N THR C 122 18.87 -46.39 -10.68
CA THR C 122 18.55 -47.66 -10.00
C THR C 122 18.60 -47.45 -8.51
N PRO C 123 17.91 -48.30 -7.78
CA PRO C 123 17.99 -48.27 -6.33
C PRO C 123 19.43 -48.38 -5.76
N GLY C 124 20.29 -49.13 -6.43
CA GLY C 124 21.69 -49.19 -6.05
C GLY C 124 22.57 -48.02 -6.37
N THR C 125 22.14 -47.10 -7.25
CA THR C 125 23.02 -45.97 -7.62
C THR C 125 22.45 -44.61 -7.23
N ALA C 126 21.16 -44.57 -6.95
CA ALA C 126 20.41 -43.33 -6.76
C ALA C 126 21.06 -42.41 -5.73
N TYR C 127 21.53 -42.94 -4.60
CA TYR C 127 22.07 -42.07 -3.53
C TYR C 127 23.36 -41.38 -3.91
N GLN C 128 24.26 -42.10 -4.58
CA GLN C 128 25.53 -41.49 -5.02
C GLN C 128 25.22 -40.47 -6.11
N SER C 129 24.32 -40.80 -7.04
CA SER C 129 23.86 -39.80 -8.03
C SER C 129 23.29 -38.51 -7.39
N PHE C 130 22.36 -38.67 -6.47
CA PHE C 130 21.74 -37.53 -5.79
C PHE C 130 22.79 -36.65 -5.13
N GLU C 131 23.72 -37.27 -4.43
CA GLU C 131 24.75 -36.55 -3.67
C GLU C 131 25.75 -35.84 -4.53
N GLN C 132 26.10 -36.45 -5.68
CA GLN C 132 27.04 -35.81 -6.63
C GLN C 132 26.42 -34.54 -7.18
N VAL C 133 25.22 -34.67 -7.74
CA VAL C 133 24.51 -33.52 -8.30
C VAL C 133 24.31 -32.43 -7.27
N VAL C 134 23.81 -32.78 -6.09
CA VAL C 134 23.60 -31.74 -5.07
C VAL C 134 24.88 -31.06 -4.65
N ASN C 135 25.96 -31.80 -4.49
CA ASN C 135 27.28 -31.18 -4.23
C ASN C 135 27.75 -30.29 -5.36
N GLU C 136 27.57 -30.71 -6.60
CA GLU C 136 27.83 -29.83 -7.73
C GLU C 136 27.05 -28.48 -7.64
N LEU C 137 25.73 -28.60 -7.42
CA LEU C 137 24.81 -27.50 -7.46
C LEU C 137 25.21 -26.44 -6.48
N PHE C 138 25.70 -26.87 -5.33
CA PHE C 138 26.05 -25.91 -4.28
C PHE C 138 27.57 -25.72 -4.07
N ARG C 139 28.37 -26.14 -5.06
CA ARG C 139 29.82 -26.04 -4.96
C ARG C 139 30.24 -24.58 -4.73
N ASP C 140 29.61 -23.65 -5.47
CA ASP C 140 29.92 -22.21 -5.39
C ASP C 140 29.09 -21.38 -4.40
N GLY C 141 28.46 -22.04 -3.42
CA GLY C 141 27.67 -21.35 -2.39
C GLY C 141 26.18 -21.53 -2.62
N VAL C 142 25.42 -21.04 -1.64
CA VAL C 142 23.97 -21.14 -1.61
C VAL C 142 23.29 -19.81 -1.97
N ASN C 143 22.30 -19.88 -2.85
CA ASN C 143 21.35 -18.79 -3.04
C ASN C 143 19.93 -19.36 -3.24
N TRP C 144 18.92 -18.50 -3.29
CA TRP C 144 17.54 -18.95 -3.36
C TRP C 144 17.23 -19.69 -4.59
N GLY C 145 17.78 -19.28 -5.70
CA GLY C 145 17.52 -19.98 -6.97
C GLY C 145 18.06 -21.38 -6.98
N ARG C 146 19.21 -21.56 -6.36
CA ARG C 146 19.85 -22.86 -6.31
C ARG C 146 19.01 -23.77 -5.45
N ILE C 147 18.51 -23.25 -4.33
CA ILE C 147 17.55 -23.94 -3.52
C ILE C 147 16.30 -24.39 -4.32
N VAL C 148 15.71 -23.54 -5.11
CA VAL C 148 14.63 -23.99 -5.97
C VAL C 148 15.10 -25.07 -6.93
N ALA C 149 16.32 -24.96 -7.48
CA ALA C 149 16.79 -25.99 -8.45
C ALA C 149 16.91 -27.34 -7.75
N PHE C 150 17.33 -27.29 -6.49
CA PHE C 150 17.41 -28.45 -5.61
C PHE C 150 16.06 -29.18 -5.44
N PHE C 151 15.01 -28.42 -5.13
CA PHE C 151 13.66 -29.02 -5.05
C PHE C 151 13.20 -29.57 -6.38
N SER C 152 13.43 -28.84 -7.45
CA SER C 152 13.11 -29.34 -8.79
C SER C 152 13.88 -30.57 -9.16
N PHE C 153 15.13 -30.63 -8.72
CA PHE C 153 15.93 -31.81 -9.05
C PHE C 153 15.28 -33.04 -8.40
N GLY C 154 15.07 -32.91 -7.09
CA GLY C 154 14.33 -33.91 -6.33
C GLY C 154 13.02 -34.33 -6.98
N GLY C 155 12.27 -33.36 -7.48
CA GLY C 155 10.99 -33.69 -8.07
C GLY C 155 11.18 -34.55 -9.32
N ALA C 156 12.16 -34.19 -10.13
CA ALA C 156 12.35 -34.87 -11.40
C ALA C 156 12.78 -36.30 -11.10
N LEU C 157 13.63 -36.47 -10.08
CA LEU C 157 14.03 -37.79 -9.73
C LEU C 157 12.85 -38.64 -9.33
N CYS C 158 11.93 -38.07 -8.53
CA CYS C 158 10.78 -38.83 -8.04
C CYS C 158 9.88 -39.24 -9.18
N VAL C 159 9.66 -38.34 -10.13
CA VAL C 159 8.82 -38.65 -11.29
C VAL C 159 9.47 -39.75 -12.11
N GLU C 160 10.77 -39.61 -12.37
CA GLU C 160 11.52 -40.66 -13.07
C GLU C 160 11.37 -42.02 -12.36
N SER C 161 11.61 -42.03 -11.06
CA SER C 161 11.49 -43.22 -10.27
C SER C 161 10.18 -43.93 -10.48
N VAL C 162 9.06 -43.20 -10.42
CA VAL C 162 7.74 -43.84 -10.56
C VAL C 162 7.57 -44.36 -11.98
N ASP C 163 8.03 -43.58 -12.94
CA ASP C 163 7.97 -43.97 -14.32
C ASP C 163 8.52 -45.39 -14.47
N LYS C 164 9.73 -45.60 -13.97
CA LYS C 164 10.45 -46.84 -14.18
C LYS C 164 10.17 -47.86 -13.07
N GLU C 165 9.04 -47.74 -12.40
CA GLU C 165 8.60 -48.78 -11.48
C GLU C 165 9.54 -48.98 -10.30
N MET C 166 10.18 -47.91 -9.85
CA MET C 166 11.00 -47.92 -8.64
C MET C 166 10.40 -47.01 -7.60
N GLN C 167 9.11 -47.22 -7.33
CA GLN C 167 8.35 -46.43 -6.38
C GLN C 167 9.01 -46.24 -5.05
N VAL C 168 9.78 -47.25 -4.63
CA VAL C 168 10.42 -47.26 -3.30
C VAL C 168 11.39 -46.08 -3.10
N LEU C 169 11.95 -45.57 -4.19
CA LEU C 169 12.83 -44.42 -4.12
C LEU C 169 12.17 -43.11 -3.72
N VAL C 170 10.87 -43.03 -3.86
CA VAL C 170 10.20 -41.73 -3.68
C VAL C 170 10.34 -41.21 -2.26
N SER C 171 10.13 -42.08 -1.30
CA SER C 171 10.22 -41.63 0.10
C SER C 171 11.70 -41.55 0.54
N ARG C 172 12.57 -42.29 -0.13
CA ARG C 172 14.00 -42.22 0.20
C ARG C 172 14.55 -40.89 -0.25
N ILE C 173 14.20 -40.51 -1.45
CA ILE C 173 14.56 -39.22 -1.98
C ILE C 173 14.07 -38.10 -1.08
N ALA C 174 12.83 -38.19 -0.60
CA ALA C 174 12.28 -37.17 0.24
C ALA C 174 13.13 -37.00 1.46
N SER C 175 13.52 -38.12 2.03
CA SER C 175 14.32 -38.04 3.25
C SER C 175 15.75 -37.54 2.96
N TRP C 176 16.30 -37.86 1.79
CA TRP C 176 17.62 -37.36 1.44
C TRP C 176 17.60 -35.88 1.28
N MET C 177 16.52 -35.39 0.65
CA MET C 177 16.32 -33.95 0.51
C MET C 177 16.18 -33.27 1.91
N ALA C 178 15.36 -33.85 2.78
CA ALA C 178 15.14 -33.25 4.12
C ALA C 178 16.44 -33.15 4.88
N THR C 179 17.22 -34.23 4.83
CA THR C 179 18.49 -34.31 5.52
C THR C 179 19.45 -33.23 4.99
N TYR C 180 19.54 -33.13 3.67
CA TYR C 180 20.37 -32.12 3.10
C TYR C 180 19.96 -30.70 3.51
N LEU C 181 18.69 -30.40 3.38
CA LEU C 181 18.16 -29.11 3.74
C LEU C 181 18.51 -28.79 5.14
N ASN C 182 18.25 -29.73 6.07
CA ASN C 182 18.44 -29.46 7.49
C ASN C 182 19.91 -29.38 7.88
N ASP C 183 20.77 -30.15 7.22
CA ASP C 183 22.18 -30.20 7.59
C ASP C 183 23.02 -29.16 6.83
N HIS C 184 22.68 -28.91 5.58
CA HIS C 184 23.54 -28.06 4.78
C HIS C 184 22.96 -26.76 4.35
N LEU C 185 21.65 -26.65 4.21
CA LEU C 185 21.07 -25.40 3.68
C LEU C 185 20.42 -24.48 4.70
N GLU C 186 19.87 -25.06 5.76
CA GLU C 186 19.19 -24.33 6.85
C GLU C 186 20.02 -23.16 7.47
N PRO C 187 21.31 -23.37 7.79
CA PRO C 187 22.08 -22.24 8.35
C PRO C 187 22.09 -21.01 7.43
N TRP C 188 22.33 -21.20 6.13
CA TRP C 188 22.21 -20.13 5.16
C TRP C 188 20.78 -19.52 5.12
N ILE C 189 19.76 -20.38 5.20
CA ILE C 189 18.39 -19.92 5.15
C ILE C 189 18.09 -19.00 6.32
N GLN C 190 18.50 -19.38 7.53
CA GLN C 190 18.23 -18.58 8.74
C GLN C 190 19.03 -17.28 8.68
N GLU C 191 20.25 -17.37 8.16
CA GLU C 191 21.09 -16.18 8.05
C GLU C 191 20.51 -15.13 7.08
N ASN C 192 19.72 -15.60 6.11
CA ASN C 192 19.18 -14.71 5.10
C ASN C 192 17.70 -14.46 5.23
N GLY C 193 17.18 -14.51 6.45
CA GLY C 193 15.79 -14.07 6.72
C GLY C 193 14.73 -15.15 6.88
N GLY C 194 15.12 -16.41 6.69
CA GLY C 194 14.17 -17.51 6.75
C GLY C 194 13.33 -17.55 5.50
N TRP C 195 12.33 -18.41 5.49
CA TRP C 195 11.49 -18.61 4.32
C TRP C 195 10.56 -17.47 4.03
N ASP C 196 10.33 -16.61 5.02
CA ASP C 196 9.65 -15.32 4.85
C ASP C 196 10.29 -14.46 3.76
N THR C 197 11.61 -14.39 3.76
CA THR C 197 12.33 -13.64 2.75
C THR C 197 12.17 -14.23 1.34
N PHE C 198 12.15 -15.55 1.23
CA PHE C 198 11.96 -16.18 -0.07
C PHE C 198 10.57 -15.78 -0.61
N VAL C 199 9.55 -15.81 0.24
CA VAL C 199 8.18 -15.44 -0.17
C VAL C 199 8.13 -13.95 -0.58
N ASP C 200 8.69 -13.06 0.24
CA ASP C 200 8.86 -11.62 -0.15
C ASP C 200 9.58 -11.43 -1.50
N LEU C 201 10.73 -12.06 -1.68
CA LEU C 201 11.39 -11.97 -2.98
C LEU C 201 10.57 -12.55 -4.12
N TYR C 202 9.96 -13.71 -3.95
CA TYR C 202 9.24 -14.30 -5.06
C TYR C 202 7.99 -13.48 -5.46
N GLY C 203 7.25 -12.99 -4.47
CA GLY C 203 6.02 -12.20 -4.71
C GLY C 203 6.22 -10.73 -5.11
N MET D 8 -10.17 33.93 17.82
CA MET D 8 -9.89 34.68 19.08
C MET D 8 -10.53 34.00 20.31
N SER D 9 -10.01 34.29 21.50
CA SER D 9 -10.55 33.74 22.74
C SER D 9 -11.97 34.23 23.07
N GLN D 10 -12.23 35.53 22.83
CA GLN D 10 -13.58 36.11 23.02
C GLN D 10 -14.61 35.53 22.06
N SER D 11 -14.23 35.41 20.79
CA SER D 11 -15.06 34.75 19.82
C SER D 11 -15.40 33.30 20.26
N ASN D 12 -14.42 32.55 20.77
CA ASN D 12 -14.67 31.17 21.19
C ASN D 12 -15.63 31.08 22.37
N ARG D 13 -15.52 32.04 23.29
CA ARG D 13 -16.47 32.14 24.39
C ARG D 13 -17.90 32.36 23.88
N GLU D 14 -18.03 33.25 22.88
CA GLU D 14 -19.29 33.50 22.20
C GLU D 14 -19.87 32.23 21.64
N LEU D 15 -19.07 31.45 20.94
CA LEU D 15 -19.55 30.22 20.36
C LEU D 15 -20.08 29.28 21.40
N VAL D 16 -19.37 29.20 22.52
CA VAL D 16 -19.75 28.27 23.61
C VAL D 16 -21.10 28.69 24.22
N VAL D 17 -21.21 29.96 24.56
CA VAL D 17 -22.46 30.46 25.15
C VAL D 17 -23.63 30.27 24.17
N ASP D 18 -23.45 30.60 22.91
CA ASP D 18 -24.53 30.37 21.92
C ASP D 18 -24.91 28.88 21.86
N PHE D 19 -23.92 28.00 21.84
CA PHE D 19 -24.23 26.59 21.66
C PHE D 19 -24.97 26.04 22.83
N LEU D 20 -24.49 26.39 24.00
CA LEU D 20 -25.15 25.92 25.21
C LEU D 20 -26.57 26.43 25.41
N SER D 21 -26.74 27.70 25.15
CA SER D 21 -28.04 28.33 25.23
C SER D 21 -29.04 27.66 24.24
N TYR D 22 -28.62 27.42 22.99
CA TYR D 22 -29.43 26.71 22.02
C TYR D 22 -29.81 25.34 22.52
N LYS D 23 -28.83 24.56 23.05
CA LYS D 23 -29.16 23.21 23.53
C LYS D 23 -30.14 23.26 24.69
N LEU D 24 -29.95 24.20 25.63
CA LEU D 24 -30.89 24.31 26.76
C LEU D 24 -32.29 24.66 26.21
N SER D 25 -32.41 25.60 25.28
CA SER D 25 -33.74 25.98 24.77
C SER D 25 -34.41 24.81 24.05
N GLN D 26 -33.66 23.99 23.31
CA GLN D 26 -34.23 22.77 22.71
C GLN D 26 -34.94 21.86 23.67
N LYS D 27 -34.55 21.89 24.95
CA LYS D 27 -35.12 21.02 25.99
C LYS D 27 -36.06 21.81 26.91
N GLY D 28 -36.42 23.01 26.48
CA GLY D 28 -37.38 23.82 27.21
C GLY D 28 -36.81 24.66 28.36
N TYR D 29 -35.50 24.59 28.60
CA TYR D 29 -34.90 25.43 29.64
C TYR D 29 -34.47 26.79 29.12
N SER D 30 -34.18 27.69 30.06
CA SER D 30 -33.99 29.10 29.73
C SER D 30 -32.54 29.53 29.97
N TRP D 31 -31.96 30.21 28.98
CA TRP D 31 -30.65 30.81 29.14
C TRP D 31 -30.31 31.75 28.03
N PRO D 89 -18.51 34.95 8.73
CA PRO D 89 -18.67 35.63 10.01
C PRO D 89 -19.39 34.83 11.11
N MET D 90 -19.58 35.51 12.24
CA MET D 90 -19.96 34.88 13.46
C MET D 90 -21.31 34.16 13.42
N ALA D 91 -22.30 34.76 12.79
CA ALA D 91 -23.58 34.18 12.71
C ALA D 91 -23.51 32.88 11.92
N ALA D 92 -22.68 32.85 10.90
CA ALA D 92 -22.57 31.67 10.04
C ALA D 92 -21.83 30.52 10.77
N VAL D 93 -20.88 30.88 11.62
CA VAL D 93 -20.24 29.88 12.42
C VAL D 93 -21.19 29.33 13.38
N LYS D 94 -21.98 30.18 14.02
CA LYS D 94 -22.88 29.69 15.06
C LYS D 94 -23.93 28.73 14.43
N GLN D 95 -24.45 29.13 13.27
CA GLN D 95 -25.43 28.32 12.60
C GLN D 95 -24.90 26.93 12.28
N ALA D 96 -23.66 26.88 11.78
CA ALA D 96 -23.08 25.64 11.33
C ALA D 96 -22.86 24.72 12.54
N LEU D 97 -22.44 25.32 13.64
CA LEU D 97 -22.25 24.62 14.89
C LEU D 97 -23.52 24.00 15.47
N ARG D 98 -24.56 24.80 15.56
CA ARG D 98 -25.85 24.26 15.99
C ARG D 98 -26.33 23.13 15.13
N GLU D 99 -26.25 23.30 13.82
CA GLU D 99 -26.67 22.23 12.92
C GLU D 99 -25.79 20.99 13.02
N ALA D 100 -24.48 21.19 12.99
CA ALA D 100 -23.55 20.09 13.16
C ALA D 100 -23.73 19.31 14.48
N GLY D 101 -24.00 20.02 15.61
CA GLY D 101 -24.24 19.37 16.85
C GLY D 101 -25.52 18.54 16.77
N ASP D 102 -26.57 19.10 16.17
CA ASP D 102 -27.80 18.30 16.03
C ASP D 102 -27.58 17.07 15.15
N GLU D 103 -26.91 17.25 14.04
CA GLU D 103 -26.70 16.14 13.13
C GLU D 103 -25.83 15.03 13.83
N PHE D 104 -24.75 15.48 14.52
CA PHE D 104 -23.98 14.56 15.34
C PHE D 104 -24.83 13.72 16.34
N GLU D 105 -25.73 14.39 17.03
CA GLU D 105 -26.55 13.74 18.01
C GLU D 105 -27.51 12.78 17.35
N LEU D 106 -28.01 13.10 16.18
CA LEU D 106 -28.79 12.13 15.43
C LEU D 106 -27.97 10.91 15.00
N ARG D 107 -26.82 11.11 14.39
CA ARG D 107 -26.02 9.98 13.89
C ARG D 107 -25.40 9.07 14.94
N TYR D 108 -25.17 9.59 16.14
CA TYR D 108 -24.44 8.91 17.15
C TYR D 108 -25.30 8.94 18.37
N ARG D 109 -26.59 8.80 18.18
CA ARG D 109 -27.53 8.80 19.31
C ARG D 109 -27.26 7.67 20.33
N ARG D 110 -26.72 6.55 19.87
CA ARG D 110 -26.36 5.45 20.76
C ARG D 110 -25.21 5.85 21.71
N ALA D 111 -24.09 6.29 21.15
CA ALA D 111 -22.95 6.74 21.96
C ALA D 111 -23.37 7.92 22.82
N PHE D 112 -24.22 8.77 22.26
CA PHE D 112 -24.75 9.92 22.99
C PHE D 112 -25.49 9.46 24.24
N SER D 113 -26.48 8.57 24.06
CA SER D 113 -27.31 8.06 25.16
C SER D 113 -26.51 7.21 26.16
N ASP D 114 -25.62 6.36 25.65
CA ASP D 114 -24.74 5.54 26.49
C ASP D 114 -24.02 6.38 27.50
N LEU D 115 -23.47 7.50 27.02
CA LEU D 115 -22.72 8.37 27.89
C LEU D 115 -23.64 9.08 28.83
N THR D 116 -24.79 9.54 28.36
CA THR D 116 -25.64 10.39 29.21
C THR D 116 -26.24 9.72 30.46
N SER D 117 -26.30 8.39 30.46
CA SER D 117 -26.68 7.60 31.65
C SER D 117 -25.48 6.97 32.39
N GLN D 118 -24.28 7.07 31.81
CA GLN D 118 -23.07 6.44 32.35
C GLN D 118 -22.64 7.12 33.63
N LEU D 119 -22.36 8.41 33.49
CA LEU D 119 -21.88 9.27 34.56
C LEU D 119 -23.00 9.71 35.51
N HIS D 120 -22.63 9.80 36.78
CA HIS D 120 -23.49 10.39 37.79
C HIS D 120 -22.87 11.71 38.16
N ILE D 121 -23.56 12.79 37.83
CA ILE D 121 -23.02 14.13 37.96
C ILE D 121 -23.38 14.78 39.29
N THR D 122 -22.35 15.15 40.05
CA THR D 122 -22.47 16.03 41.23
C THR D 122 -21.54 17.22 41.06
N PRO D 123 -21.75 18.28 41.81
CA PRO D 123 -20.83 19.42 41.76
C PRO D 123 -19.39 19.07 42.11
N GLY D 124 -19.21 18.08 42.95
CA GLY D 124 -17.93 17.70 43.42
C GLY D 124 -17.23 16.74 42.51
N THR D 125 -17.91 16.22 41.50
CA THR D 125 -17.25 15.30 40.57
C THR D 125 -17.30 15.76 39.10
N ALA D 126 -18.00 16.85 38.83
CA ALA D 126 -18.32 17.21 37.48
C ALA D 126 -17.04 17.57 36.73
N TYR D 127 -16.11 18.26 37.38
CA TYR D 127 -14.88 18.64 36.66
C TYR D 127 -14.08 17.47 36.29
N GLN D 128 -13.95 16.50 37.19
CA GLN D 128 -13.15 15.31 36.86
C GLN D 128 -13.76 14.56 35.68
N SER D 129 -15.10 14.42 35.72
CA SER D 129 -15.83 13.74 34.66
C SER D 129 -15.63 14.46 33.31
N PHE D 130 -15.79 15.79 33.33
CA PHE D 130 -15.55 16.56 32.13
C PHE D 130 -14.13 16.34 31.55
N GLU D 131 -13.13 16.39 32.40
CA GLU D 131 -11.77 16.18 31.95
C GLU D 131 -11.51 14.77 31.39
N GLN D 132 -12.04 13.76 32.05
CA GLN D 132 -11.84 12.40 31.60
C GLN D 132 -12.43 12.17 30.23
N VAL D 133 -13.65 12.69 30.05
CA VAL D 133 -14.30 12.52 28.76
C VAL D 133 -13.57 13.27 27.67
N VAL D 134 -13.23 14.52 27.94
CA VAL D 134 -12.59 15.36 26.94
C VAL D 134 -11.21 14.81 26.62
N ASN D 135 -10.46 14.34 27.62
CA ASN D 135 -9.20 13.69 27.32
C ASN D 135 -9.31 12.41 26.48
N GLU D 136 -10.33 11.58 26.73
CA GLU D 136 -10.57 10.39 25.90
C GLU D 136 -10.89 10.80 24.46
N LEU D 137 -11.82 11.75 24.30
CA LEU D 137 -12.25 12.27 23.00
C LEU D 137 -11.13 12.73 22.12
N PHE D 138 -10.12 13.41 22.71
CA PHE D 138 -9.03 13.97 21.92
C PHE D 138 -7.71 13.16 22.06
N ARG D 139 -7.79 11.92 22.55
CA ARG D 139 -6.61 11.12 22.75
C ARG D 139 -5.78 10.93 21.50
N ASP D 140 -6.40 10.78 20.35
CA ASP D 140 -5.66 10.58 19.09
C ASP D 140 -5.57 11.84 18.25
N GLY D 141 -5.69 13.00 18.86
CA GLY D 141 -5.57 14.29 18.15
C GLY D 141 -6.92 14.99 17.94
N VAL D 142 -6.85 16.23 17.44
CA VAL D 142 -8.03 17.02 17.04
C VAL D 142 -8.47 16.78 15.55
N ASN D 143 -9.77 16.69 15.34
CA ASN D 143 -10.32 16.97 14.02
C ASN D 143 -11.65 17.73 14.11
N TRP D 144 -12.31 18.04 13.01
CA TRP D 144 -13.56 18.86 13.14
C TRP D 144 -14.70 18.06 13.73
N GLY D 145 -14.81 16.80 13.32
CA GLY D 145 -15.80 15.92 13.95
C GLY D 145 -15.70 15.88 15.48
N ARG D 146 -14.47 15.83 15.99
CA ARG D 146 -14.26 15.73 17.45
C ARG D 146 -14.56 17.00 18.14
N ILE D 147 -14.25 18.11 17.51
CA ILE D 147 -14.69 19.42 18.03
C ILE D 147 -16.24 19.50 18.15
N VAL D 148 -16.95 19.05 17.16
CA VAL D 148 -18.43 19.06 17.22
C VAL D 148 -18.87 18.21 18.35
N ALA D 149 -18.19 17.05 18.52
CA ALA D 149 -18.56 16.12 19.58
C ALA D 149 -18.35 16.77 20.97
N PHE D 150 -17.26 17.51 21.10
CA PHE D 150 -16.93 18.24 22.31
C PHE D 150 -18.03 19.22 22.67
N PHE D 151 -18.46 20.05 21.73
CA PHE D 151 -19.55 20.99 21.98
C PHE D 151 -20.83 20.21 22.39
N SER D 152 -21.17 19.13 21.67
CA SER D 152 -22.35 18.31 22.11
C SER D 152 -22.23 17.72 23.48
N PHE D 153 -21.01 17.32 23.86
CA PHE D 153 -20.83 16.71 25.17
C PHE D 153 -21.08 17.76 26.25
N GLY D 154 -20.51 18.92 26.09
CA GLY D 154 -20.80 20.02 27.00
C GLY D 154 -22.27 20.36 27.07
N GLY D 155 -22.95 20.32 25.94
CA GLY D 155 -24.36 20.55 25.91
C GLY D 155 -25.14 19.55 26.70
N ALA D 156 -24.77 18.29 26.57
CA ALA D 156 -25.45 17.23 27.32
C ALA D 156 -25.21 17.40 28.80
N LEU D 157 -23.98 17.77 29.19
CA LEU D 157 -23.71 17.99 30.61
C LEU D 157 -24.51 19.09 31.16
N CYS D 158 -24.68 20.18 30.41
CA CYS D 158 -25.49 21.25 30.93
C CYS D 158 -26.97 20.83 31.10
N VAL D 159 -27.53 20.12 30.12
CA VAL D 159 -28.92 19.71 30.19
C VAL D 159 -29.11 18.84 31.41
N GLU D 160 -28.22 17.85 31.56
CA GLU D 160 -28.23 16.93 32.71
C GLU D 160 -28.15 17.69 34.02
N SER D 161 -27.31 18.71 34.06
CA SER D 161 -27.16 19.51 35.23
C SER D 161 -28.44 20.15 35.64
N VAL D 162 -29.13 20.79 34.70
CA VAL D 162 -30.38 21.43 35.03
C VAL D 162 -31.46 20.41 35.44
N ASP D 163 -31.61 19.33 34.67
CA ASP D 163 -32.45 18.20 35.03
C ASP D 163 -32.38 17.88 36.50
N LYS D 164 -31.16 17.74 37.01
CA LYS D 164 -30.92 17.28 38.37
C LYS D 164 -30.76 18.42 39.39
N GLU D 165 -31.33 19.57 39.09
CA GLU D 165 -31.35 20.72 39.98
C GLU D 165 -29.95 21.17 40.42
N MET D 166 -28.95 21.06 39.53
CA MET D 166 -27.56 21.55 39.77
C MET D 166 -27.25 22.68 38.82
N GLN D 167 -28.13 23.68 38.82
CA GLN D 167 -28.04 24.82 37.89
C GLN D 167 -26.68 25.53 37.92
N VAL D 168 -26.01 25.55 39.06
CA VAL D 168 -24.76 26.31 39.15
C VAL D 168 -23.64 25.77 38.22
N LEU D 169 -23.73 24.51 37.84
CA LEU D 169 -22.76 23.90 36.95
C LEU D 169 -22.86 24.42 35.51
N VAL D 170 -23.96 25.07 35.15
CA VAL D 170 -24.11 25.51 33.76
C VAL D 170 -23.00 26.49 33.39
N SER D 171 -22.80 27.52 34.19
CA SER D 171 -21.82 28.55 33.79
C SER D 171 -20.39 28.07 34.04
N ARG D 172 -20.26 27.10 34.93
CA ARG D 172 -18.95 26.53 35.12
C ARG D 172 -18.55 25.72 33.92
N ILE D 173 -19.49 24.94 33.40
CA ILE D 173 -19.24 24.05 32.26
C ILE D 173 -18.85 24.87 31.05
N ALA D 174 -19.58 25.98 30.91
CA ALA D 174 -19.29 26.97 29.91
C ALA D 174 -17.87 27.46 29.95
N SER D 175 -17.42 27.87 31.11
CA SER D 175 -16.04 28.37 31.20
C SER D 175 -15.01 27.22 31.06
N TRP D 176 -15.30 26.02 31.52
CA TRP D 176 -14.38 24.90 31.24
C TRP D 176 -14.27 24.63 29.75
N MET D 177 -15.36 24.77 28.99
CA MET D 177 -15.34 24.50 27.59
C MET D 177 -14.57 25.61 26.90
N ALA D 178 -14.77 26.85 27.34
CA ALA D 178 -14.08 27.96 26.71
C ALA D 178 -12.56 27.80 26.90
N THR D 179 -12.16 27.60 28.13
CA THR D 179 -10.74 27.35 28.43
C THR D 179 -10.16 26.18 27.61
N TYR D 180 -10.85 25.05 27.55
CA TYR D 180 -10.30 23.96 26.79
C TYR D 180 -10.13 24.37 25.29
N LEU D 181 -11.16 25.03 24.75
CA LEU D 181 -11.18 25.50 23.37
C LEU D 181 -9.96 26.37 23.14
N ASN D 182 -9.76 27.35 24.00
CA ASN D 182 -8.73 28.33 23.75
C ASN D 182 -7.37 27.74 23.93
N ASP D 183 -7.24 26.76 24.78
CA ASP D 183 -5.96 26.31 25.16
C ASP D 183 -5.52 25.18 24.27
N HIS D 184 -6.41 24.25 23.99
CA HIS D 184 -6.01 23.04 23.40
C HIS D 184 -6.53 22.86 21.98
N LEU D 185 -7.62 23.53 21.58
CA LEU D 185 -8.25 23.27 20.29
C LEU D 185 -8.01 24.41 19.29
N GLU D 186 -8.05 25.65 19.76
CA GLU D 186 -7.68 26.81 18.93
C GLU D 186 -6.38 26.71 18.05
N PRO D 187 -5.27 26.20 18.58
CA PRO D 187 -4.10 26.11 17.73
C PRO D 187 -4.36 25.24 16.52
N TRP D 188 -5.00 24.10 16.71
CA TRP D 188 -5.35 23.26 15.58
C TRP D 188 -6.30 23.96 14.63
N ILE D 189 -7.28 24.61 15.21
CA ILE D 189 -8.21 25.36 14.41
C ILE D 189 -7.53 26.42 13.54
N GLN D 190 -6.66 27.24 14.12
CA GLN D 190 -5.94 28.25 13.33
C GLN D 190 -5.05 27.63 12.27
N GLU D 191 -4.45 26.51 12.56
CA GLU D 191 -3.59 25.87 11.60
C GLU D 191 -4.36 25.33 10.41
N ASN D 192 -5.63 24.98 10.59
CA ASN D 192 -6.44 24.36 9.53
C ASN D 192 -7.47 25.31 8.97
N GLY D 193 -7.19 26.60 9.08
CA GLY D 193 -7.97 27.61 8.29
C GLY D 193 -8.95 28.44 9.08
N GLY D 194 -8.98 28.29 10.38
CA GLY D 194 -10.01 28.94 11.20
C GLY D 194 -11.39 28.31 11.04
N TRP D 195 -12.35 28.89 11.73
CA TRP D 195 -13.75 28.54 11.63
C TRP D 195 -14.35 28.63 10.24
N ASP D 196 -13.77 29.43 9.36
CA ASP D 196 -14.20 29.53 7.96
C ASP D 196 -14.17 28.17 7.30
N THR D 197 -13.07 27.46 7.49
CA THR D 197 -12.94 26.11 6.93
C THR D 197 -14.02 25.16 7.44
N PHE D 198 -14.34 25.23 8.72
CA PHE D 198 -15.47 24.49 9.28
C PHE D 198 -16.82 24.76 8.56
N VAL D 199 -17.13 26.05 8.33
CA VAL D 199 -18.38 26.47 7.73
C VAL D 199 -18.38 25.99 6.27
N ASP D 200 -17.29 26.22 5.56
CA ASP D 200 -17.14 25.68 4.21
C ASP D 200 -17.39 24.19 4.18
N LEU D 201 -16.74 23.42 5.07
CA LEU D 201 -16.87 21.98 5.03
C LEU D 201 -18.27 21.53 5.40
N TYR D 202 -18.88 22.17 6.39
CA TYR D 202 -20.16 21.73 6.79
C TYR D 202 -21.16 21.96 5.67
N GLY D 203 -21.14 23.16 5.09
CA GLY D 203 -22.08 23.56 4.02
C GLY D 203 -21.67 23.10 2.61
N ASN D 204 -20.52 22.44 2.50
CA ASN D 204 -19.87 22.12 1.22
C ASN D 204 -19.91 23.29 0.22
N ASN D 205 -19.12 24.34 0.52
CA ASN D 205 -19.32 25.73 0.05
C ASN D 205 -20.55 26.35 0.71
N GLU E 4 29.09 44.11 -23.42
CA GLU E 4 28.43 42.98 -24.17
C GLU E 4 28.19 41.74 -23.25
N PHE E 5 27.08 41.06 -23.50
CA PHE E 5 26.72 39.85 -22.80
C PHE E 5 26.35 38.86 -23.89
N PRO E 6 27.25 37.92 -24.17
CA PRO E 6 27.04 36.98 -25.27
C PRO E 6 26.01 35.93 -24.90
N GLY E 7 25.13 35.58 -25.84
CA GLY E 7 24.13 34.54 -25.63
C GLY E 7 24.62 33.08 -25.70
N MET E 8 25.78 32.80 -25.09
CA MET E 8 26.30 31.43 -24.94
C MET E 8 25.46 30.56 -23.95
N SER E 9 25.87 29.30 -23.79
CA SER E 9 25.14 28.39 -22.93
C SER E 9 25.20 28.70 -21.43
N GLN E 10 26.29 29.25 -20.93
CA GLN E 10 26.35 29.69 -19.54
C GLN E 10 25.49 30.91 -19.30
N SER E 11 25.52 31.84 -20.23
CA SER E 11 24.77 33.04 -20.09
C SER E 11 23.29 32.70 -19.96
N ASN E 12 22.85 31.72 -20.73
CA ASN E 12 21.47 31.32 -20.64
C ASN E 12 21.14 30.67 -19.33
N ARG E 13 22.02 29.77 -18.85
CA ARG E 13 21.79 29.15 -17.57
C ARG E 13 21.62 30.25 -16.51
N GLU E 14 22.45 31.29 -16.59
CA GLU E 14 22.48 32.37 -15.62
C GLU E 14 21.16 33.08 -15.62
N LEU E 15 20.60 33.28 -16.79
CA LEU E 15 19.32 33.95 -16.83
C LEU E 15 18.22 33.12 -16.25
N VAL E 16 18.28 31.80 -16.51
CA VAL E 16 17.28 30.87 -15.95
C VAL E 16 17.30 30.85 -14.44
N VAL E 17 18.47 30.70 -13.87
CA VAL E 17 18.58 30.56 -12.45
C VAL E 17 18.12 31.86 -11.78
N ASP E 18 18.62 32.98 -12.26
CA ASP E 18 18.25 34.27 -11.74
C ASP E 18 16.75 34.58 -11.85
N PHE E 19 16.18 34.31 -12.98
CA PHE E 19 14.79 34.54 -13.10
C PHE E 19 13.93 33.68 -12.19
N LEU E 20 14.25 32.39 -12.06
CA LEU E 20 13.44 31.49 -11.23
C LEU E 20 13.62 31.82 -9.75
N SER E 21 14.84 32.17 -9.36
CA SER E 21 15.05 32.58 -7.97
C SER E 21 14.20 33.78 -7.63
N TYR E 22 14.15 34.73 -8.52
CA TYR E 22 13.43 35.94 -8.28
C TYR E 22 11.95 35.62 -8.16
N LYS E 23 11.41 34.83 -9.08
CA LYS E 23 9.99 34.48 -8.96
C LYS E 23 9.64 33.68 -7.71
N LEU E 24 10.56 32.81 -7.25
CA LEU E 24 10.29 32.08 -6.06
C LEU E 24 10.30 33.04 -4.88
N SER E 25 11.27 33.96 -4.81
CA SER E 25 11.42 34.84 -3.64
C SER E 25 10.20 35.77 -3.56
N GLN E 26 9.67 36.18 -4.70
CA GLN E 26 8.41 36.91 -4.72
C GLN E 26 7.28 36.23 -3.98
N LYS E 27 7.28 34.90 -3.96
CA LYS E 27 6.18 34.14 -3.29
C LYS E 27 6.68 33.56 -1.96
N GLY E 28 7.76 34.10 -1.44
CA GLY E 28 8.24 33.69 -0.13
C GLY E 28 9.21 32.51 -0.09
N TYR E 29 9.40 31.86 -1.21
CA TYR E 29 10.20 30.65 -1.23
C TYR E 29 11.64 30.98 -1.55
N SER E 30 12.51 30.00 -1.40
CA SER E 30 13.93 30.24 -1.61
C SER E 30 14.57 29.21 -2.54
N TRP E 31 15.44 29.66 -3.43
CA TRP E 31 16.09 28.79 -4.40
C TRP E 31 17.06 27.84 -3.71
N SER E 32 16.59 27.15 -2.66
CA SER E 32 17.27 25.99 -2.13
C SER E 32 16.43 24.73 -2.07
N GLN E 33 15.61 24.64 -3.11
CA GLN E 33 15.20 23.42 -3.70
C GLN E 33 16.30 22.95 -4.70
N PHE E 34 17.50 23.55 -4.66
CA PHE E 34 18.64 22.96 -5.38
C PHE E 34 19.66 22.26 -4.46
N VAL E 87 26.20 48.77 -14.61
CA VAL E 87 27.46 48.82 -15.35
C VAL E 87 28.00 47.41 -15.70
N ILE E 88 27.62 46.38 -14.95
CA ILE E 88 27.94 44.99 -15.34
C ILE E 88 26.88 44.50 -16.28
N PRO E 89 27.21 44.24 -17.54
CA PRO E 89 26.19 43.87 -18.54
C PRO E 89 25.26 42.76 -18.12
N MET E 90 25.81 41.64 -17.62
CA MET E 90 24.98 40.51 -17.16
C MET E 90 23.94 40.94 -16.13
N ALA E 91 24.34 41.82 -15.21
CA ALA E 91 23.39 42.31 -14.24
C ALA E 91 22.28 43.15 -14.90
N ALA E 92 22.63 43.93 -15.94
CA ALA E 92 21.63 44.70 -16.71
C ALA E 92 20.63 43.82 -17.50
N VAL E 93 21.13 42.72 -18.05
CA VAL E 93 20.24 41.74 -18.74
C VAL E 93 19.29 41.10 -17.74
N LYS E 94 19.84 40.70 -16.59
CA LYS E 94 19.02 40.06 -15.56
C LYS E 94 17.89 40.96 -15.07
N GLN E 95 18.22 42.22 -14.85
CA GLN E 95 17.29 43.21 -14.32
C GLN E 95 16.19 43.47 -15.36
N ALA E 96 16.58 43.60 -16.61
CA ALA E 96 15.62 43.78 -17.69
C ALA E 96 14.64 42.63 -17.76
N LEU E 97 15.16 41.41 -17.62
CA LEU E 97 14.34 40.21 -17.74
C LEU E 97 13.37 40.04 -16.59
N ARG E 98 13.85 40.25 -15.37
CA ARG E 98 12.98 40.35 -14.19
C ARG E 98 11.85 41.35 -14.38
N GLU E 99 12.19 42.55 -14.79
CA GLU E 99 11.18 43.57 -14.98
C GLU E 99 10.23 43.22 -16.12
N ALA E 100 10.77 42.71 -17.21
CA ALA E 100 9.88 42.38 -18.33
C ALA E 100 8.90 41.27 -17.94
N GLY E 101 9.35 40.30 -17.13
CA GLY E 101 8.52 39.20 -16.70
C GLY E 101 7.41 39.70 -15.81
N ASP E 102 7.75 40.58 -14.87
CA ASP E 102 6.73 41.27 -14.03
C ASP E 102 5.72 42.08 -14.86
N GLU E 103 6.21 42.78 -15.86
CA GLU E 103 5.32 43.51 -16.71
C GLU E 103 4.37 42.56 -17.49
N PHE E 104 4.94 41.53 -18.12
CA PHE E 104 4.17 40.57 -18.85
C PHE E 104 3.04 39.96 -18.00
N GLU E 105 3.36 39.62 -16.77
CA GLU E 105 2.42 38.94 -15.86
C GLU E 105 1.31 39.88 -15.42
N LEU E 106 1.62 41.16 -15.35
CA LEU E 106 0.63 42.18 -15.12
C LEU E 106 -0.31 42.34 -16.33
N ARG E 107 0.23 42.49 -17.53
CA ARG E 107 -0.62 42.70 -18.72
C ARG E 107 -1.45 41.49 -19.10
N TYR E 108 -0.95 40.30 -18.81
CA TYR E 108 -1.61 39.11 -19.28
C TYR E 108 -1.88 38.26 -18.11
N ARG E 109 -2.35 38.89 -17.05
CA ARG E 109 -2.74 38.18 -15.82
C ARG E 109 -3.90 37.23 -16.03
N ARG E 110 -4.74 37.51 -17.03
CA ARG E 110 -5.83 36.62 -17.35
C ARG E 110 -5.26 35.35 -17.97
N ALA E 111 -4.51 35.47 -19.06
CA ALA E 111 -3.91 34.29 -19.71
C ALA E 111 -3.04 33.52 -18.71
N PHE E 112 -2.26 34.27 -17.93
CA PHE E 112 -1.39 33.71 -16.91
C PHE E 112 -2.20 32.76 -16.01
N SER E 113 -3.24 33.33 -15.39
CA SER E 113 -4.11 32.65 -14.40
C SER E 113 -4.90 31.47 -15.00
N ASP E 114 -5.35 31.63 -16.25
CA ASP E 114 -6.04 30.57 -17.00
C ASP E 114 -5.20 29.32 -17.12
N LEU E 115 -3.93 29.50 -17.49
CA LEU E 115 -3.03 28.37 -17.64
C LEU E 115 -2.72 27.75 -16.27
N THR E 116 -2.43 28.58 -15.28
CA THR E 116 -1.94 28.08 -13.99
C THR E 116 -2.91 27.15 -13.24
N SER E 117 -4.20 27.20 -13.59
CA SER E 117 -5.19 26.23 -13.09
C SER E 117 -5.59 25.19 -14.14
N GLN E 118 -5.12 25.36 -15.37
CA GLN E 118 -5.51 24.52 -16.49
C GLN E 118 -4.98 23.11 -16.33
N LEU E 119 -3.66 22.99 -16.19
CA LEU E 119 -2.99 21.69 -16.14
C LEU E 119 -2.64 21.30 -14.72
N HIS E 120 -2.79 20.01 -14.44
CA HIS E 120 -2.61 19.49 -13.11
C HIS E 120 -1.28 18.81 -13.10
N ILE E 121 -0.38 19.39 -12.31
CA ILE E 121 1.03 19.14 -12.42
C ILE E 121 1.47 18.00 -11.51
N THR E 122 2.01 16.94 -12.12
CA THR E 122 2.62 15.83 -11.39
C THR E 122 4.03 15.57 -11.91
N PRO E 123 4.87 14.95 -11.07
CA PRO E 123 6.20 14.58 -11.58
C PRO E 123 6.18 13.73 -12.85
N GLY E 124 5.16 12.89 -13.00
CA GLY E 124 5.04 12.03 -14.13
C GLY E 124 4.48 12.64 -15.36
N THR E 125 3.93 13.86 -15.26
CA THR E 125 3.32 14.55 -16.45
C THR E 125 4.01 15.90 -16.82
N ALA E 126 4.81 16.40 -15.90
CA ALA E 126 5.38 17.72 -15.99
C ALA E 126 6.16 17.97 -17.27
N TYR E 127 7.01 17.05 -17.66
CA TYR E 127 7.86 17.26 -18.84
C TYR E 127 7.05 17.36 -20.07
N GLN E 128 6.08 16.48 -20.25
CA GLN E 128 5.28 16.49 -21.46
C GLN E 128 4.47 17.79 -21.52
N SER E 129 3.89 18.18 -20.40
CA SER E 129 3.18 19.45 -20.30
C SER E 129 4.11 20.62 -20.62
N PHE E 130 5.33 20.59 -20.04
CA PHE E 130 6.29 21.64 -20.31
C PHE E 130 6.55 21.67 -21.80
N GLU E 131 6.78 20.52 -22.42
CA GLU E 131 7.09 20.50 -23.86
C GLU E 131 5.98 20.94 -24.78
N GLN E 132 4.74 20.65 -24.39
CA GLN E 132 3.59 20.99 -25.23
C GLN E 132 3.43 22.51 -25.28
N VAL E 133 3.42 23.12 -24.09
CA VAL E 133 3.25 24.53 -23.96
C VAL E 133 4.35 25.27 -24.74
N VAL E 134 5.60 24.85 -24.55
CA VAL E 134 6.72 25.53 -25.16
C VAL E 134 6.73 25.36 -26.67
N ASN E 135 6.35 24.20 -27.18
CA ASN E 135 6.15 24.09 -28.63
C ASN E 135 4.97 24.98 -29.15
N GLU E 136 3.88 25.08 -28.41
CA GLU E 136 2.78 25.98 -28.81
C GLU E 136 3.28 27.42 -28.90
N LEU E 137 3.88 27.89 -27.83
CA LEU E 137 4.41 29.23 -27.74
C LEU E 137 5.23 29.66 -28.91
N PHE E 138 6.08 28.77 -29.41
CA PHE E 138 7.02 29.09 -30.46
C PHE E 138 6.64 28.49 -31.82
N ARG E 139 5.43 27.96 -31.96
CA ARG E 139 5.02 27.37 -33.24
C ARG E 139 5.23 28.29 -34.43
N ASP E 140 4.97 29.60 -34.29
CA ASP E 140 5.07 30.57 -35.42
C ASP E 140 6.36 31.38 -35.42
N GLY E 141 7.33 30.95 -34.63
CA GLY E 141 8.63 31.55 -34.67
C GLY E 141 8.99 32.14 -33.32
N VAL E 142 10.20 32.62 -33.22
CA VAL E 142 10.67 33.22 -32.00
C VAL E 142 10.61 34.73 -32.11
N ASN E 143 10.27 35.36 -31.00
CA ASN E 143 10.51 36.78 -30.81
C ASN E 143 10.79 37.07 -29.32
N TRP E 144 11.17 38.28 -28.98
CA TRP E 144 11.53 38.57 -27.61
C TRP E 144 10.39 38.43 -26.66
N GLY E 145 9.22 38.89 -27.06
CA GLY E 145 8.07 38.75 -26.17
C GLY E 145 7.76 37.30 -25.86
N ARG E 146 7.97 36.44 -26.82
CA ARG E 146 7.73 35.02 -26.63
C ARG E 146 8.75 34.41 -25.68
N ILE E 147 9.98 34.81 -25.85
CA ILE E 147 11.00 34.44 -24.88
C ILE E 147 10.66 34.90 -23.44
N VAL E 148 10.22 36.15 -23.24
CA VAL E 148 9.80 36.58 -21.93
C VAL E 148 8.67 35.68 -21.44
N ALA E 149 7.73 35.35 -22.31
CA ALA E 149 6.61 34.47 -21.91
C ALA E 149 7.06 33.08 -21.44
N PHE E 150 8.03 32.54 -22.16
CA PHE E 150 8.70 31.26 -21.81
C PHE E 150 9.26 31.32 -20.37
N PHE E 151 10.02 32.34 -20.04
CA PHE E 151 10.56 32.48 -18.69
C PHE E 151 9.45 32.60 -17.65
N SER E 152 8.41 33.36 -17.94
CA SER E 152 7.29 33.48 -17.00
C SER E 152 6.56 32.17 -16.83
N PHE E 153 6.43 31.41 -17.92
CA PHE E 153 5.81 30.07 -17.82
C PHE E 153 6.60 29.18 -16.88
N GLY E 154 7.89 29.07 -17.13
CA GLY E 154 8.75 28.34 -16.21
C GLY E 154 8.67 28.79 -14.78
N GLY E 155 8.60 30.10 -14.56
CA GLY E 155 8.47 30.60 -13.19
C GLY E 155 7.19 30.12 -12.50
N ALA E 156 6.09 30.12 -13.25
CA ALA E 156 4.79 29.72 -12.72
C ALA E 156 4.76 28.23 -12.42
N LEU E 157 5.26 27.41 -13.34
CA LEU E 157 5.45 25.99 -13.01
C LEU E 157 6.23 25.75 -11.73
N CYS E 158 7.33 26.47 -11.51
CA CYS E 158 8.09 26.27 -10.30
C CYS E 158 7.32 26.68 -9.07
N VAL E 159 6.62 27.79 -9.12
CA VAL E 159 5.80 28.23 -7.98
C VAL E 159 4.69 27.21 -7.68
N GLU E 160 3.97 26.79 -8.72
CA GLU E 160 3.00 25.72 -8.58
C GLU E 160 3.63 24.44 -7.96
N SER E 161 4.80 24.06 -8.41
CA SER E 161 5.45 22.84 -7.89
C SER E 161 5.70 22.94 -6.38
N VAL E 162 6.18 24.09 -5.94
CA VAL E 162 6.49 24.28 -4.52
C VAL E 162 5.19 24.27 -3.70
N ASP E 163 4.22 25.07 -4.13
CA ASP E 163 2.86 25.00 -3.62
C ASP E 163 2.39 23.57 -3.35
N LYS E 164 2.46 22.69 -4.37
CA LYS E 164 1.88 21.34 -4.24
C LYS E 164 2.89 20.32 -3.77
N GLU E 165 3.84 20.75 -2.95
CA GLU E 165 4.80 19.85 -2.35
C GLU E 165 5.58 18.94 -3.34
N MET E 166 5.89 19.47 -4.53
CA MET E 166 6.70 18.76 -5.53
C MET E 166 8.02 19.50 -5.78
N GLN E 167 8.71 19.81 -4.70
CA GLN E 167 9.91 20.60 -4.74
C GLN E 167 10.97 20.12 -5.75
N VAL E 168 11.01 18.82 -6.00
CA VAL E 168 12.00 18.20 -6.86
C VAL E 168 11.91 18.73 -8.28
N LEU E 169 10.72 19.04 -8.72
CA LEU E 169 10.50 19.60 -10.01
C LEU E 169 11.20 20.94 -10.28
N VAL E 170 11.56 21.70 -9.25
CA VAL E 170 12.09 23.02 -9.48
C VAL E 170 13.44 23.00 -10.24
N SER E 171 14.36 22.13 -9.82
CA SER E 171 15.64 22.09 -10.49
C SER E 171 15.52 21.39 -11.86
N ARG E 172 14.53 20.52 -11.99
CA ARG E 172 14.27 19.89 -13.29
C ARG E 172 13.77 20.88 -14.28
N ILE E 173 12.83 21.71 -13.87
CA ILE E 173 12.28 22.70 -14.77
C ILE E 173 13.37 23.67 -15.23
N ALA E 174 14.22 24.07 -14.29
CA ALA E 174 15.36 24.91 -14.60
C ALA E 174 16.19 24.30 -15.71
N SER E 175 16.55 23.01 -15.60
CA SER E 175 17.36 22.37 -16.62
C SER E 175 16.61 22.21 -17.94
N TRP E 176 15.32 21.97 -17.87
CA TRP E 176 14.52 21.90 -19.12
C TRP E 176 14.47 23.24 -19.86
N MET E 177 14.33 24.31 -19.11
CA MET E 177 14.41 25.65 -19.70
C MET E 177 15.80 25.94 -20.29
N ALA E 178 16.86 25.70 -19.53
CA ALA E 178 18.19 25.92 -20.05
C ALA E 178 18.45 25.15 -21.35
N THR E 179 18.07 23.88 -21.38
CA THR E 179 18.29 23.01 -22.54
C THR E 179 17.54 23.58 -23.72
N TYR E 180 16.30 24.02 -23.49
CA TYR E 180 15.51 24.56 -24.59
C TYR E 180 16.13 25.82 -25.11
N LEU E 181 16.52 26.69 -24.20
CA LEU E 181 17.25 27.88 -24.63
C LEU E 181 18.49 27.52 -25.47
N ASN E 182 19.30 26.63 -24.98
CA ASN E 182 20.60 26.40 -25.59
C ASN E 182 20.49 25.59 -26.88
N ASP E 183 19.50 24.73 -27.00
CA ASP E 183 19.29 24.01 -28.28
C ASP E 183 18.41 24.74 -29.28
N HIS E 184 17.35 25.41 -28.85
CA HIS E 184 16.36 25.93 -29.80
C HIS E 184 16.22 27.44 -29.97
N LEU E 185 16.68 28.23 -29.01
CA LEU E 185 16.48 29.67 -29.05
C LEU E 185 17.77 30.41 -29.31
N GLU E 186 18.89 29.84 -28.87
CA GLU E 186 20.19 30.51 -28.93
C GLU E 186 20.50 30.99 -30.36
N PRO E 187 20.27 30.16 -31.35
CA PRO E 187 20.56 30.58 -32.74
C PRO E 187 19.84 31.87 -33.12
N TRP E 188 18.54 31.93 -32.84
CA TRP E 188 17.80 33.15 -33.06
C TRP E 188 18.33 34.30 -32.23
N ILE E 189 18.68 34.03 -30.98
CA ILE E 189 19.19 35.08 -30.12
C ILE E 189 20.52 35.66 -30.67
N GLN E 190 21.43 34.80 -31.12
CA GLN E 190 22.68 35.29 -31.72
C GLN E 190 22.43 36.08 -33.00
N GLU E 191 21.53 35.58 -33.83
CA GLU E 191 21.19 36.23 -35.09
C GLU E 191 20.60 37.63 -34.86
N ASN E 192 19.88 37.83 -33.76
CA ASN E 192 19.19 39.09 -33.53
C ASN E 192 19.84 39.94 -32.47
N GLY E 193 21.17 39.89 -32.42
CA GLY E 193 21.99 40.85 -31.64
C GLY E 193 22.32 40.48 -30.21
N GLY E 194 21.98 39.25 -29.82
CA GLY E 194 22.21 38.77 -28.47
C GLY E 194 21.35 39.49 -27.46
N TRP E 195 21.66 39.26 -26.20
CA TRP E 195 20.84 39.82 -25.14
C TRP E 195 20.90 41.31 -25.03
N ASP E 196 22.00 41.88 -25.53
CA ASP E 196 22.20 43.35 -25.64
C ASP E 196 21.05 44.00 -26.33
N THR E 197 20.62 43.41 -27.44
CA THR E 197 19.45 43.93 -28.13
C THR E 197 18.18 43.91 -27.29
N PHE E 198 17.99 42.86 -26.53
CA PHE E 198 16.84 42.79 -25.65
C PHE E 198 16.86 43.92 -24.66
N VAL E 199 18.01 44.22 -24.09
CA VAL E 199 18.09 45.28 -23.08
C VAL E 199 17.78 46.65 -23.70
N ASP E 200 18.35 46.88 -24.87
CA ASP E 200 18.10 48.09 -25.66
C ASP E 200 16.62 48.23 -25.95
N LEU E 201 15.99 47.20 -26.51
CA LEU E 201 14.53 47.25 -26.74
C LEU E 201 13.72 47.43 -25.46
N TYR E 202 14.00 46.69 -24.41
CA TYR E 202 13.22 46.89 -23.20
C TYR E 202 13.36 48.33 -22.64
N GLY E 203 14.56 48.93 -22.78
CA GLY E 203 14.87 50.23 -22.16
C GLY E 203 14.18 51.43 -22.80
N GLU F 4 41.72 11.53 33.28
CA GLU F 4 41.11 10.35 32.59
C GLU F 4 40.86 9.11 33.50
N PHE F 5 39.77 8.42 33.23
CA PHE F 5 39.38 7.21 33.92
C PHE F 5 39.02 6.21 32.86
N PRO F 6 39.96 5.32 32.55
CA PRO F 6 39.73 4.41 31.44
C PRO F 6 38.70 3.36 31.80
N GLY F 7 37.83 3.01 30.85
CA GLY F 7 36.82 1.96 31.01
C GLY F 7 37.32 0.51 30.88
N MET F 8 38.43 0.21 31.58
CA MET F 8 38.98 -1.15 31.70
C MET F 8 38.13 -2.04 32.63
N SER F 9 38.54 -3.29 32.79
CA SER F 9 37.81 -4.24 33.64
C SER F 9 37.85 -3.96 35.17
N GLN F 10 38.94 -3.37 35.65
CA GLN F 10 38.96 -3.00 37.04
C GLN F 10 38.12 -1.75 37.28
N SER F 11 38.19 -0.81 36.37
CA SER F 11 37.39 0.40 36.51
C SER F 11 35.89 0.09 36.63
N ASN F 12 35.44 -0.84 35.80
CA ASN F 12 34.08 -1.29 35.90
C ASN F 12 33.74 -1.99 37.16
N ARG F 13 34.64 -2.87 37.67
CA ARG F 13 34.41 -3.48 39.00
C ARG F 13 34.25 -2.44 40.08
N GLU F 14 35.07 -1.40 40.03
CA GLU F 14 35.06 -0.34 40.99
C GLU F 14 33.71 0.35 40.97
N LEU F 15 33.20 0.61 39.77
CA LEU F 15 31.91 1.25 39.70
C LEU F 15 30.81 0.39 40.28
N VAL F 16 30.85 -0.90 39.97
CA VAL F 16 29.86 -1.84 40.53
C VAL F 16 29.90 -1.86 42.05
N VAL F 17 31.09 -2.00 42.63
CA VAL F 17 31.16 -2.13 44.06
C VAL F 17 30.68 -0.86 44.73
N ASP F 18 31.21 0.26 44.28
CA ASP F 18 30.84 1.52 44.88
C ASP F 18 29.30 1.81 44.76
N PHE F 19 28.74 1.57 43.59
CA PHE F 19 27.34 1.79 43.42
C PHE F 19 26.49 0.93 44.34
N LEU F 20 26.83 -0.36 44.45
CA LEU F 20 26.03 -1.29 45.28
C LEU F 20 26.19 -0.99 46.75
N SER F 21 27.40 -0.62 47.15
CA SER F 21 27.58 -0.22 48.55
C SER F 21 26.74 0.97 48.87
N TYR F 22 26.71 1.93 47.97
CA TYR F 22 25.99 3.16 48.24
C TYR F 22 24.50 2.84 48.35
N LYS F 23 23.98 2.06 47.43
CA LYS F 23 22.53 1.72 47.55
C LYS F 23 22.20 0.92 48.77
N LEU F 24 23.07 -0.01 49.17
CA LEU F 24 22.83 -0.74 50.40
C LEU F 24 22.82 0.21 51.60
N SER F 25 23.81 1.10 51.67
CA SER F 25 23.95 2.00 52.84
C SER F 25 22.74 2.94 52.95
N GLN F 26 22.21 3.39 51.81
CA GLN F 26 20.97 4.19 51.80
C GLN F 26 19.83 3.51 52.56
N LYS F 27 19.80 2.17 52.55
CA LYS F 27 18.71 1.42 53.17
C LYS F 27 19.14 0.85 54.53
N GLY F 28 20.27 1.33 55.01
CA GLY F 28 20.74 0.95 56.33
C GLY F 28 21.58 -0.31 56.41
N TYR F 29 21.85 -0.96 55.28
CA TYR F 29 22.65 -2.18 55.30
C TYR F 29 24.09 -1.85 54.96
N SER F 30 24.97 -2.82 55.14
CA SER F 30 26.41 -2.58 54.97
C SER F 30 27.11 -3.62 54.07
N TRP F 31 27.92 -3.11 53.16
CA TRP F 31 28.41 -3.90 52.06
C TRP F 31 29.29 -5.01 52.53
N SER F 32 30.22 -4.67 53.42
CA SER F 32 31.26 -5.58 53.85
C SER F 32 30.76 -6.58 54.90
N GLN F 33 29.45 -6.57 55.18
CA GLN F 33 28.81 -7.73 55.82
C GLN F 33 28.72 -8.89 54.83
N PHE F 34 28.94 -8.62 53.54
CA PHE F 34 28.88 -9.63 52.47
C PHE F 34 30.00 -9.36 51.44
N VAL F 87 38.37 15.74 42.27
CA VAL F 87 39.71 15.94 41.71
C VAL F 87 40.31 14.61 41.22
N ILE F 88 40.03 13.53 41.94
CA ILE F 88 40.48 12.24 41.47
C ILE F 88 39.41 11.83 40.48
N PRO F 89 39.77 11.60 39.22
CA PRO F 89 38.81 11.22 38.20
C PRO F 89 37.87 10.06 38.58
N MET F 90 38.43 8.94 39.09
CA MET F 90 37.63 7.83 39.52
C MET F 90 36.58 8.25 40.51
N ALA F 91 36.96 9.06 41.49
CA ALA F 91 35.98 9.53 42.43
C ALA F 91 34.90 10.41 41.75
N ALA F 92 35.25 11.16 40.69
CA ALA F 92 34.21 11.96 40.00
C ALA F 92 33.21 11.08 39.28
N VAL F 93 33.71 10.00 38.68
CA VAL F 93 32.84 9.10 37.96
C VAL F 93 31.90 8.41 38.94
N LYS F 94 32.44 7.98 40.06
CA LYS F 94 31.63 7.35 41.09
C LYS F 94 30.50 8.22 41.55
N GLN F 95 30.83 9.49 41.81
CA GLN F 95 29.84 10.48 42.29
C GLN F 95 28.71 10.75 41.26
N ALA F 96 29.11 10.97 40.01
CA ALA F 96 28.16 11.13 38.92
C ALA F 96 27.19 9.96 38.80
N LEU F 97 27.74 8.73 38.98
CA LEU F 97 26.95 7.52 38.84
C LEU F 97 25.99 7.41 39.94
N ARG F 98 26.43 7.70 41.16
CA ARG F 98 25.55 7.66 42.32
C ARG F 98 24.40 8.61 42.13
N GLU F 99 24.71 9.84 41.78
CA GLU F 99 23.67 10.85 41.56
C GLU F 99 22.73 10.46 40.40
N ALA F 100 23.32 10.03 39.27
CA ALA F 100 22.50 9.59 38.16
C ALA F 100 21.52 8.48 38.57
N GLY F 101 21.94 7.52 39.40
CA GLY F 101 21.08 6.44 39.84
C GLY F 101 19.96 6.96 40.73
N ASP F 102 20.30 7.86 41.67
CA ASP F 102 19.27 8.49 42.49
C ASP F 102 18.27 9.28 41.62
N GLU F 103 18.76 10.06 40.69
CA GLU F 103 17.90 10.79 39.79
C GLU F 103 16.98 9.84 39.02
N PHE F 104 17.56 8.80 38.41
CA PHE F 104 16.80 7.83 37.65
C PHE F 104 15.67 7.26 38.49
N GLU F 105 16.00 6.99 39.75
CA GLU F 105 15.05 6.28 40.61
C GLU F 105 13.90 7.16 41.02
N LEU F 106 14.20 8.45 41.16
CA LEU F 106 13.21 9.50 41.35
C LEU F 106 12.25 9.68 40.13
N ARG F 107 12.79 9.79 38.92
CA ARG F 107 11.97 10.00 37.78
C ARG F 107 11.16 8.77 37.44
N TYR F 108 11.70 7.59 37.69
CA TYR F 108 11.08 6.37 37.21
C TYR F 108 10.74 5.50 38.37
N ARG F 109 10.37 6.14 39.48
CA ARG F 109 9.94 5.43 40.67
C ARG F 109 8.77 4.46 40.45
N ARG F 110 7.90 4.77 39.51
CA ARG F 110 6.79 3.87 39.23
C ARG F 110 7.35 2.60 38.62
N ALA F 111 8.03 2.73 37.48
CA ALA F 111 8.69 1.58 36.82
C ALA F 111 9.55 0.80 37.82
N PHE F 112 10.25 1.56 38.66
CA PHE F 112 11.15 0.98 39.66
C PHE F 112 10.38 0.04 40.59
N SER F 113 9.31 0.58 41.17
CA SER F 113 8.49 -0.16 42.14
C SER F 113 7.70 -1.31 41.50
N ASP F 114 7.21 -1.09 40.28
CA ASP F 114 6.52 -2.15 39.52
C ASP F 114 7.36 -3.39 39.43
N LEU F 115 8.60 -3.22 38.97
CA LEU F 115 9.51 -4.33 38.84
C LEU F 115 9.82 -4.95 40.20
N THR F 116 10.08 -4.12 41.21
CA THR F 116 10.57 -4.64 42.51
C THR F 116 9.58 -5.54 43.26
N SER F 117 8.31 -5.50 42.87
CA SER F 117 7.31 -6.47 43.36
C SER F 117 6.92 -7.51 42.30
N GLN F 118 7.44 -7.35 41.09
CA GLN F 118 7.06 -8.21 39.97
C GLN F 118 7.62 -9.62 40.16
N LEU F 119 8.95 -9.71 40.22
CA LEU F 119 9.64 -11.01 40.25
C LEU F 119 9.94 -11.43 41.68
N HIS F 120 9.71 -12.71 41.95
CA HIS F 120 10.01 -13.30 43.25
C HIS F 120 11.40 -13.81 43.11
N ILE F 121 12.28 -13.29 43.95
CA ILE F 121 13.68 -13.59 43.85
C ILE F 121 14.03 -14.75 44.76
N THR F 122 14.65 -15.77 44.18
CA THR F 122 15.25 -16.89 44.96
C THR F 122 16.65 -17.15 44.43
N PRO F 123 17.51 -17.77 45.24
CA PRO F 123 18.81 -18.12 44.75
C PRO F 123 18.76 -18.98 43.48
N GLY F 124 17.75 -19.84 43.36
CA GLY F 124 17.57 -20.68 42.18
C GLY F 124 17.08 -20.03 40.92
N THR F 125 16.51 -18.84 41.02
CA THR F 125 15.97 -18.19 39.82
C THR F 125 16.65 -16.85 39.55
N ALA F 126 17.51 -16.44 40.46
CA ALA F 126 18.11 -15.08 40.44
C ALA F 126 18.80 -14.79 39.13
N TYR F 127 19.66 -15.73 38.74
CA TYR F 127 20.50 -15.53 37.54
C TYR F 127 19.75 -15.40 36.28
N GLN F 128 18.76 -16.24 36.13
CA GLN F 128 17.90 -16.18 34.97
C GLN F 128 17.13 -14.87 34.91
N SER F 129 16.61 -14.45 36.05
CA SER F 129 15.87 -13.17 36.11
C SER F 129 16.80 -12.07 35.73
N PHE F 130 18.02 -12.09 36.30
CA PHE F 130 18.99 -11.04 36.05
C PHE F 130 19.26 -10.98 34.55
N GLU F 131 19.57 -12.12 33.94
CA GLU F 131 19.85 -12.12 32.47
C GLU F 131 18.69 -11.68 31.58
N GLN F 132 17.47 -12.02 31.96
CA GLN F 132 16.33 -11.69 31.15
C GLN F 132 16.13 -10.19 31.16
N VAL F 133 16.15 -9.63 32.37
CA VAL F 133 15.97 -8.20 32.49
C VAL F 133 17.05 -7.44 31.72
N VAL F 134 18.30 -7.82 31.91
CA VAL F 134 19.38 -7.12 31.29
C VAL F 134 19.35 -7.28 29.81
N ASN F 135 19.01 -8.47 29.32
CA ASN F 135 18.83 -8.62 27.83
C ASN F 135 17.68 -7.76 27.26
N GLU F 136 16.55 -7.66 27.98
CA GLU F 136 15.47 -6.70 27.59
C GLU F 136 15.94 -5.21 27.53
N LEU F 137 16.53 -4.75 28.60
CA LEU F 137 17.06 -3.43 28.69
C LEU F 137 17.97 -2.98 27.59
N PHE F 138 18.79 -3.86 27.06
CA PHE F 138 19.72 -3.53 25.99
C PHE F 138 19.36 -4.06 24.62
N ARG F 139 18.14 -4.56 24.46
CA ARG F 139 17.72 -5.17 23.19
C ARG F 139 17.93 -4.28 21.99
N ASP F 140 17.66 -2.98 22.14
CA ASP F 140 17.76 -2.03 21.04
C ASP F 140 19.07 -1.25 21.05
N GLY F 141 20.06 -1.72 21.77
CA GLY F 141 21.34 -1.02 21.80
C GLY F 141 21.65 -0.42 23.16
N VAL F 142 22.88 0.03 23.27
CA VAL F 142 23.44 0.61 24.50
C VAL F 142 23.44 2.14 24.45
N ASN F 143 23.04 2.76 25.55
CA ASN F 143 23.32 4.19 25.74
C ASN F 143 23.56 4.43 27.24
N TRP F 144 23.87 5.64 27.65
CA TRP F 144 24.21 5.94 29.02
C TRP F 144 23.05 5.78 29.91
N GLY F 145 21.88 6.23 29.48
CA GLY F 145 20.69 6.06 30.33
C GLY F 145 20.40 4.60 30.69
N ARG F 146 20.60 3.73 29.74
CA ARG F 146 20.38 2.32 29.91
C ARG F 146 21.43 1.70 30.83
N ILE F 147 22.66 2.13 30.70
CA ILE F 147 23.67 1.83 31.66
C ILE F 147 23.27 2.25 33.10
N VAL F 148 22.77 3.46 33.30
CA VAL F 148 22.36 3.91 34.62
C VAL F 148 21.27 3.01 35.13
N ALA F 149 20.36 2.63 34.24
CA ALA F 149 19.23 1.78 34.62
C ALA F 149 19.71 0.37 35.07
N PHE F 150 20.67 -0.16 34.34
CA PHE F 150 21.38 -1.42 34.67
C PHE F 150 21.96 -1.40 36.09
N PHE F 151 22.67 -0.34 36.44
CA PHE F 151 23.17 -0.19 37.79
C PHE F 151 22.03 -0.14 38.82
N SER F 152 20.98 0.61 38.56
CA SER F 152 19.87 0.72 39.53
C SER F 152 19.13 -0.58 39.66
N PHE F 153 19.03 -1.33 38.58
CA PHE F 153 18.41 -2.66 38.68
C PHE F 153 19.22 -3.54 39.58
N GLY F 154 20.53 -3.58 39.35
CA GLY F 154 21.41 -4.37 40.22
C GLY F 154 21.22 -3.95 41.68
N GLY F 155 21.12 -2.64 41.91
CA GLY F 155 21.03 -2.12 43.28
C GLY F 155 19.77 -2.60 43.94
N ALA F 156 18.67 -2.56 43.20
CA ALA F 156 17.38 -3.00 43.74
C ALA F 156 17.36 -4.51 44.00
N LEU F 157 17.88 -5.32 43.09
CA LEU F 157 18.07 -6.74 43.37
C LEU F 157 18.83 -6.98 44.64
N CYS F 158 19.93 -6.28 44.86
CA CYS F 158 20.69 -6.49 46.12
C CYS F 158 19.88 -6.15 47.36
N VAL F 159 19.19 -5.01 47.36
CA VAL F 159 18.40 -4.58 48.53
C VAL F 159 17.32 -5.61 48.77
N GLU F 160 16.63 -6.01 47.72
CA GLU F 160 15.60 -7.05 47.85
C GLU F 160 16.20 -8.36 48.44
N SER F 161 17.36 -8.79 47.95
CA SER F 161 18.03 -9.97 48.53
C SER F 161 18.29 -9.88 50.04
N VAL F 162 18.79 -8.75 50.49
CA VAL F 162 19.07 -8.61 51.91
C VAL F 162 17.76 -8.57 52.72
N ASP F 163 16.79 -7.79 52.25
CA ASP F 163 15.41 -7.85 52.78
C ASP F 163 14.89 -9.26 53.04
N LYS F 164 15.04 -10.15 52.07
CA LYS F 164 14.44 -11.48 52.16
C LYS F 164 15.43 -12.50 52.67
N GLU F 165 16.42 -12.05 53.43
CA GLU F 165 17.39 -12.94 54.04
C GLU F 165 18.16 -13.85 53.03
N MET F 166 18.43 -13.33 51.84
CA MET F 166 19.25 -14.03 50.85
C MET F 166 20.54 -13.24 50.64
N GLN F 167 21.23 -12.92 51.73
CA GLN F 167 22.47 -12.17 51.70
C GLN F 167 23.52 -12.67 50.71
N VAL F 168 23.51 -13.97 50.42
CA VAL F 168 24.56 -14.57 49.60
C VAL F 168 24.49 -14.08 48.16
N LEU F 169 23.31 -13.63 47.75
CA LEU F 169 23.12 -13.11 46.39
C LEU F 169 23.82 -11.77 46.11
N VAL F 170 24.05 -10.96 47.14
CA VAL F 170 24.65 -9.68 46.94
C VAL F 170 25.97 -9.73 46.14
N SER F 171 26.90 -10.58 46.55
CA SER F 171 28.22 -10.59 45.92
C SER F 171 28.12 -11.31 44.58
N ARG F 172 27.16 -12.20 44.45
CA ARG F 172 26.89 -12.85 43.16
C ARG F 172 26.36 -11.89 42.14
N ILE F 173 25.44 -11.09 42.58
CA ILE F 173 24.90 -10.06 41.69
C ILE F 173 25.99 -9.09 41.23
N ALA F 174 26.82 -8.69 42.19
CA ALA F 174 27.96 -7.85 41.85
C ALA F 174 28.77 -8.46 40.72
N SER F 175 29.14 -9.73 40.85
CA SER F 175 29.98 -10.34 39.84
C SER F 175 29.26 -10.47 38.51
N TRP F 176 27.96 -10.73 38.56
CA TRP F 176 27.20 -10.83 37.29
C TRP F 176 27.13 -9.47 36.63
N MET F 177 26.96 -8.41 37.40
CA MET F 177 27.07 -7.05 36.82
C MET F 177 28.42 -6.75 36.21
N ALA F 178 29.49 -7.02 36.96
CA ALA F 178 30.81 -6.72 36.43
C ALA F 178 31.07 -7.51 35.12
N THR F 179 30.72 -8.78 35.11
CA THR F 179 30.95 -9.63 33.93
C THR F 179 30.22 -9.06 32.73
N TYR F 180 28.98 -8.65 32.93
CA TYR F 180 28.22 -8.04 31.82
C TYR F 180 28.81 -6.71 31.36
N LEU F 181 29.14 -5.85 32.32
CA LEU F 181 29.92 -4.70 31.92
C LEU F 181 31.13 -5.06 31.07
N ASN F 182 31.97 -5.93 31.58
CA ASN F 182 33.23 -6.23 30.94
C ASN F 182 33.14 -7.01 29.64
N ASP F 183 32.13 -7.82 29.49
CA ASP F 183 32.00 -8.56 28.23
C ASP F 183 31.11 -7.81 27.21
N HIS F 184 30.07 -7.13 27.65
CA HIS F 184 29.05 -6.65 26.68
C HIS F 184 28.94 -5.14 26.51
N LEU F 185 29.24 -4.36 27.54
CA LEU F 185 29.13 -2.93 27.51
C LEU F 185 30.44 -2.22 27.21
N GLU F 186 31.56 -2.80 27.58
CA GLU F 186 32.86 -2.11 27.57
C GLU F 186 33.21 -1.58 26.20
N PRO F 187 33.02 -2.40 25.18
CA PRO F 187 33.30 -1.96 23.82
C PRO F 187 32.54 -0.69 23.43
N TRP F 188 31.23 -0.66 23.66
CA TRP F 188 30.50 0.59 23.44
C TRP F 188 31.07 1.72 24.28
N ILE F 189 31.39 1.45 25.55
CA ILE F 189 31.90 2.52 26.43
C ILE F 189 33.21 3.14 25.96
N GLN F 190 34.17 2.30 25.60
CA GLN F 190 35.40 2.79 24.98
C GLN F 190 35.13 3.59 23.68
N GLU F 191 34.24 3.09 22.84
CA GLU F 191 33.91 3.74 21.56
C GLU F 191 33.29 5.13 21.77
N ASN F 192 32.55 5.31 22.85
CA ASN F 192 31.86 6.58 23.13
C ASN F 192 32.56 7.44 24.13
N GLY F 193 33.88 7.31 24.23
CA GLY F 193 34.68 8.25 25.00
C GLY F 193 35.05 7.88 26.42
N GLY F 194 34.72 6.65 26.82
CA GLY F 194 34.97 6.18 28.19
C GLY F 194 34.09 6.90 29.18
N TRP F 195 34.36 6.67 30.45
CA TRP F 195 33.53 7.23 31.51
C TRP F 195 33.62 8.72 31.66
N ASP F 196 34.70 9.30 31.19
CA ASP F 196 34.87 10.76 31.09
C ASP F 196 33.68 11.40 30.43
N THR F 197 33.28 10.86 29.29
CA THR F 197 32.19 11.40 28.52
C THR F 197 30.93 11.37 29.37
N PHE F 198 30.75 10.31 30.14
CA PHE F 198 29.57 10.18 30.96
C PHE F 198 29.54 11.31 31.97
N VAL F 199 30.65 11.58 32.62
CA VAL F 199 30.69 12.63 33.65
C VAL F 199 30.47 14.01 33.02
N ASP F 200 31.05 14.22 31.84
CA ASP F 200 30.81 15.44 31.07
C ASP F 200 29.32 15.61 30.75
N LEU F 201 28.68 14.59 30.16
CA LEU F 201 27.23 14.68 29.89
C LEU F 201 26.38 14.83 31.14
N TYR F 202 26.71 14.12 32.22
CA TYR F 202 25.90 14.24 33.43
C TYR F 202 26.02 15.63 34.04
N GLY F 203 27.24 16.12 34.20
CA GLY F 203 27.51 17.40 34.86
C GLY F 203 27.66 18.47 33.78
N ASN F 204 28.81 19.18 33.78
CA ASN F 204 29.16 20.16 32.73
C ASN F 204 28.11 21.29 32.54
N MET G 8 5.33 -6.36 -28.14
CA MET G 8 5.07 -6.37 -26.66
C MET G 8 6.28 -6.91 -25.86
N SER G 9 6.25 -8.17 -25.41
CA SER G 9 7.30 -8.75 -24.54
C SER G 9 8.64 -9.03 -25.23
N GLN G 10 8.60 -9.39 -26.51
CA GLN G 10 9.81 -9.67 -27.26
C GLN G 10 10.54 -8.37 -27.55
N SER G 11 9.77 -7.35 -27.91
CA SER G 11 10.27 -6.01 -28.08
C SER G 11 11.01 -5.60 -26.84
N ASN G 12 10.36 -5.72 -25.69
CA ASN G 12 11.00 -5.31 -24.46
C ASN G 12 12.32 -6.05 -24.24
N ARG G 13 12.36 -7.35 -24.55
CA ARG G 13 13.59 -8.13 -24.37
C ARG G 13 14.73 -7.64 -25.28
N GLU G 14 14.40 -7.31 -26.54
CA GLU G 14 15.34 -6.68 -27.48
C GLU G 14 15.91 -5.38 -26.91
N LEU G 15 15.06 -4.48 -26.44
CA LEU G 15 15.49 -3.23 -25.82
C LEU G 15 16.49 -3.44 -24.71
N VAL G 16 16.25 -4.48 -23.91
CA VAL G 16 17.09 -4.80 -22.77
C VAL G 16 18.48 -5.27 -23.24
N VAL G 17 18.48 -6.23 -24.16
CA VAL G 17 19.72 -6.77 -24.70
C VAL G 17 20.53 -5.65 -25.34
N ASP G 18 19.86 -4.84 -26.16
CA ASP G 18 20.54 -3.73 -26.80
C ASP G 18 21.18 -2.74 -25.82
N PHE G 19 20.45 -2.40 -24.77
CA PHE G 19 20.94 -1.41 -23.88
C PHE G 19 22.11 -1.98 -23.14
N LEU G 20 22.02 -3.24 -22.73
CA LEU G 20 23.07 -3.80 -21.90
C LEU G 20 24.33 -4.06 -22.69
N SER G 21 24.18 -4.53 -23.92
CA SER G 21 25.37 -4.65 -24.76
C SER G 21 26.05 -3.31 -24.91
N TYR G 22 25.26 -2.27 -25.22
CA TYR G 22 25.79 -1.00 -25.45
C TYR G 22 26.61 -0.56 -24.24
N LYS G 23 26.05 -0.69 -23.03
CA LYS G 23 26.77 -0.22 -21.83
C LYS G 23 28.02 -1.05 -21.57
N LEU G 24 27.96 -2.35 -21.80
CA LEU G 24 29.20 -3.12 -21.67
C LEU G 24 30.27 -2.68 -22.68
N SER G 25 29.90 -2.46 -23.96
CA SER G 25 30.92 -2.04 -24.97
C SER G 25 31.55 -0.69 -24.58
N GLN G 26 30.76 0.21 -23.99
CA GLN G 26 31.28 1.51 -23.51
C GLN G 26 32.36 1.35 -22.48
N LYS G 27 32.34 0.27 -21.73
CA LYS G 27 33.39 0.05 -20.76
C LYS G 27 34.42 -0.96 -21.23
N GLY G 28 34.42 -1.25 -22.52
CA GLY G 28 35.41 -2.15 -23.08
C GLY G 28 35.08 -3.64 -23.05
N TYR G 29 33.95 -4.03 -22.46
CA TYR G 29 33.60 -5.46 -22.41
C TYR G 29 32.70 -5.87 -23.59
N SER G 30 32.44 -7.16 -23.74
CA SER G 30 31.94 -7.70 -25.02
C SER G 30 30.66 -8.58 -24.89
N TRP G 31 29.76 -8.41 -25.87
CA TRP G 31 28.43 -9.06 -26.00
C TRP G 31 27.42 -8.38 -25.13
N PRO G 89 9.40 2.25 -35.27
CA PRO G 89 10.80 1.98 -35.60
C PRO G 89 11.63 1.56 -34.38
N MET G 90 11.94 0.26 -34.30
CA MET G 90 12.75 -0.28 -33.22
C MET G 90 14.13 0.40 -33.11
N ALA G 91 14.76 0.73 -34.23
CA ALA G 91 16.07 1.33 -34.20
C ALA G 91 16.00 2.70 -33.53
N ALA G 92 14.91 3.38 -33.77
CA ALA G 92 14.75 4.69 -33.24
C ALA G 92 14.54 4.61 -31.71
N VAL G 93 13.82 3.59 -31.26
CA VAL G 93 13.62 3.40 -29.80
C VAL G 93 14.94 3.08 -29.12
N LYS G 94 15.70 2.19 -29.71
CA LYS G 94 17.01 1.81 -29.16
C LYS G 94 17.98 3.00 -29.10
N GLN G 95 17.95 3.81 -30.12
CA GLN G 95 18.81 4.95 -30.16
C GLN G 95 18.47 5.93 -29.05
N ALA G 96 17.17 6.15 -28.88
CA ALA G 96 16.74 7.15 -27.94
C ALA G 96 17.10 6.71 -26.53
N LEU G 97 16.92 5.42 -26.30
CA LEU G 97 17.25 4.82 -25.01
C LEU G 97 18.75 4.84 -24.68
N ARG G 98 19.57 4.49 -25.64
CA ARG G 98 21.01 4.69 -25.46
C ARG G 98 21.42 6.14 -25.13
N GLU G 99 20.94 7.08 -25.90
CA GLU G 99 21.18 8.47 -25.61
C GLU G 99 20.66 8.93 -24.29
N ALA G 100 19.42 8.54 -23.98
CA ALA G 100 18.78 8.99 -22.75
C ALA G 100 19.53 8.44 -21.55
N GLY G 101 19.98 7.18 -21.63
CA GLY G 101 20.71 6.59 -20.54
C GLY G 101 22.03 7.30 -20.37
N ASP G 102 22.69 7.64 -21.47
CA ASP G 102 23.95 8.43 -21.37
C ASP G 102 23.71 9.79 -20.74
N GLU G 103 22.64 10.44 -21.16
CA GLU G 103 22.33 11.73 -20.65
C GLU G 103 22.01 11.70 -19.17
N PHE G 104 21.20 10.71 -18.79
CA PHE G 104 20.85 10.47 -17.38
C PHE G 104 22.06 10.31 -16.50
N GLU G 105 22.98 9.46 -16.94
CA GLU G 105 24.19 9.18 -16.18
C GLU G 105 25.07 10.42 -16.06
N LEU G 106 25.04 11.27 -17.08
CA LEU G 106 25.69 12.56 -16.99
C LEU G 106 25.03 13.51 -15.97
N ARG G 107 23.73 13.68 -16.04
CA ARG G 107 23.08 14.60 -15.14
C ARG G 107 23.04 14.16 -13.70
N TYR G 108 23.03 12.85 -13.46
CA TYR G 108 22.85 12.30 -12.12
C TYR G 108 24.05 11.43 -11.82
N ARG G 109 25.22 11.86 -12.27
CA ARG G 109 26.45 11.08 -12.03
C ARG G 109 26.70 10.85 -10.55
N ARG G 110 26.30 11.79 -9.68
CA ARG G 110 26.49 11.67 -8.22
C ARG G 110 25.65 10.53 -7.65
N ALA G 111 24.34 10.55 -7.90
CA ALA G 111 23.44 9.44 -7.52
C ALA G 111 23.86 8.12 -8.18
N PHE G 112 24.34 8.22 -9.41
CA PHE G 112 24.85 7.05 -10.12
C PHE G 112 26.07 6.41 -9.44
N SER G 113 27.06 7.24 -9.11
CA SER G 113 28.27 6.77 -8.42
C SER G 113 27.96 6.33 -6.97
N ASP G 114 27.13 7.11 -6.27
CA ASP G 114 26.73 6.78 -4.90
C ASP G 114 26.29 5.31 -4.83
N LEU G 115 25.38 4.93 -5.71
CA LEU G 115 24.80 3.60 -5.70
C LEU G 115 25.79 2.53 -6.17
N THR G 116 26.60 2.86 -7.17
CA THR G 116 27.55 1.87 -7.72
C THR G 116 28.65 1.39 -6.71
N SER G 117 28.88 2.14 -5.62
CA SER G 117 29.78 1.70 -4.55
C SER G 117 29.00 1.29 -3.27
N GLN G 118 27.69 1.50 -3.27
CA GLN G 118 26.88 1.29 -2.08
C GLN G 118 26.75 -0.17 -1.79
N LEU G 119 26.16 -0.91 -2.71
CA LEU G 119 25.89 -2.33 -2.50
C LEU G 119 27.04 -3.20 -3.03
N HIS G 120 27.30 -4.27 -2.28
CA HIS G 120 28.33 -5.23 -2.60
C HIS G 120 27.62 -6.38 -3.26
N ILE G 121 27.95 -6.61 -4.52
CA ILE G 121 27.21 -7.56 -5.33
C ILE G 121 27.79 -8.96 -5.33
N THR G 122 27.00 -9.94 -4.91
CA THR G 122 27.34 -11.38 -5.01
C THR G 122 26.18 -12.11 -5.64
N PRO G 123 26.42 -13.22 -6.32
CA PRO G 123 25.32 -14.04 -6.87
C PRO G 123 24.22 -14.37 -5.84
N GLY G 124 24.59 -14.45 -4.56
CA GLY G 124 23.67 -14.76 -3.49
C GLY G 124 22.85 -13.61 -2.97
N THR G 125 23.21 -12.38 -3.31
CA THR G 125 22.47 -11.19 -2.85
C THR G 125 21.97 -10.30 -4.01
N ALA G 126 22.40 -10.62 -5.24
CA ALA G 126 22.10 -9.85 -6.44
C ALA G 126 20.64 -9.58 -6.69
N TYR G 127 19.84 -10.64 -6.62
CA TYR G 127 18.45 -10.54 -6.91
C TYR G 127 17.78 -9.66 -5.91
N GLN G 128 18.06 -9.88 -4.63
CA GLN G 128 17.43 -9.06 -3.60
C GLN G 128 17.77 -7.56 -3.75
N SER G 129 19.03 -7.27 -4.04
CA SER G 129 19.49 -5.91 -4.28
C SER G 129 18.76 -5.29 -5.49
N PHE G 130 18.73 -6.02 -6.59
CA PHE G 130 17.96 -5.61 -7.72
C PHE G 130 16.50 -5.28 -7.34
N GLU G 131 15.83 -6.15 -6.65
CA GLU G 131 14.42 -5.93 -6.36
C GLU G 131 14.19 -4.75 -5.42
N GLN G 132 15.06 -4.59 -4.42
CA GLN G 132 14.97 -3.47 -3.47
C GLN G 132 15.10 -2.10 -4.17
N VAL G 133 16.10 -1.99 -5.03
CA VAL G 133 16.30 -0.75 -5.76
C VAL G 133 15.10 -0.49 -6.68
N VAL G 134 14.70 -1.52 -7.42
CA VAL G 134 13.66 -1.32 -8.40
C VAL G 134 12.37 -0.97 -7.72
N ASN G 135 12.09 -1.58 -6.59
CA ASN G 135 10.88 -1.20 -5.88
C ASN G 135 10.95 0.23 -5.36
N GLU G 136 12.11 0.63 -4.84
CA GLU G 136 12.33 2.01 -4.37
C GLU G 136 12.10 3.01 -5.48
N LEU G 137 12.71 2.72 -6.63
CA LEU G 137 12.64 3.58 -7.80
C LEU G 137 11.22 3.85 -8.20
N PHE G 138 10.39 2.80 -8.17
CA PHE G 138 9.01 2.91 -8.64
C PHE G 138 7.93 2.97 -7.55
N ARG G 139 8.33 3.21 -6.31
CA ARG G 139 7.39 3.27 -5.19
C ARG G 139 6.21 4.25 -5.37
N ASP G 140 6.47 5.47 -5.87
CA ASP G 140 5.46 6.53 -6.05
C ASP G 140 4.90 6.61 -7.46
N GLY G 141 5.14 5.59 -8.27
CA GLY G 141 4.63 5.58 -9.64
C GLY G 141 5.71 5.54 -10.72
N VAL G 142 5.25 5.34 -11.94
CA VAL G 142 6.08 5.26 -13.11
C VAL G 142 6.07 6.61 -13.88
N ASN G 143 7.22 6.99 -14.41
CA ASN G 143 7.31 7.99 -15.47
C ASN G 143 8.48 7.63 -16.39
N TRP G 144 8.67 8.37 -17.47
CA TRP G 144 9.72 7.98 -18.44
C TRP G 144 11.14 8.12 -17.91
N GLY G 145 11.42 9.19 -17.20
CA GLY G 145 12.70 9.32 -16.52
C GLY G 145 13.08 8.16 -15.60
N ARG G 146 12.10 7.64 -14.88
CA ARG G 146 12.33 6.53 -13.96
C ARG G 146 12.61 5.27 -14.75
N ILE G 147 11.90 5.07 -15.85
CA ILE G 147 12.21 3.95 -16.69
C ILE G 147 13.63 4.03 -17.24
N VAL G 148 14.08 5.19 -17.68
CA VAL G 148 15.47 5.34 -18.15
C VAL G 148 16.44 5.03 -17.02
N ALA G 149 16.10 5.44 -15.80
CA ALA G 149 16.91 5.19 -14.64
C ALA G 149 17.00 3.68 -14.33
N PHE G 150 15.91 2.99 -14.64
CA PHE G 150 15.80 1.57 -14.47
C PHE G 150 16.78 0.88 -15.39
N PHE G 151 16.77 1.27 -16.65
CA PHE G 151 17.72 0.68 -17.60
C PHE G 151 19.17 1.00 -17.24
N SER G 152 19.45 2.24 -16.86
CA SER G 152 20.80 2.60 -16.41
C SER G 152 21.22 1.80 -15.20
N PHE G 153 20.30 1.53 -14.29
CA PHE G 153 20.64 0.74 -13.11
C PHE G 153 21.05 -0.67 -13.52
N GLY G 154 20.24 -1.32 -14.34
CA GLY G 154 20.60 -2.60 -14.86
C GLY G 154 21.94 -2.62 -15.57
N GLY G 155 22.24 -1.58 -16.31
CA GLY G 155 23.54 -1.50 -17.01
C GLY G 155 24.73 -1.41 -16.03
N ALA G 156 24.61 -0.55 -15.03
CA ALA G 156 25.61 -0.45 -13.98
C ALA G 156 25.80 -1.77 -13.24
N LEU G 157 24.71 -2.52 -13.02
CA LEU G 157 24.80 -3.84 -12.40
C LEU G 157 25.57 -4.81 -13.23
N CYS G 158 25.35 -4.80 -14.53
CA CYS G 158 26.08 -5.72 -15.37
C CYS G 158 27.55 -5.38 -15.43
N VAL G 159 27.88 -4.10 -15.47
CA VAL G 159 29.26 -3.64 -15.58
C VAL G 159 29.97 -4.08 -14.33
N GLU G 160 29.41 -3.74 -13.16
CA GLU G 160 29.93 -4.18 -11.85
C GLU G 160 30.10 -5.73 -11.75
N SER G 161 29.13 -6.46 -12.30
CA SER G 161 29.20 -7.91 -12.31
C SER G 161 30.45 -8.34 -13.00
N VAL G 162 30.65 -7.88 -14.21
CA VAL G 162 31.79 -8.33 -14.96
C VAL G 162 33.12 -7.89 -14.32
N ASP G 163 33.15 -6.66 -13.83
CA ASP G 163 34.28 -6.13 -13.07
C ASP G 163 34.77 -7.15 -12.05
N LYS G 164 33.84 -7.69 -11.28
CA LYS G 164 34.13 -8.58 -10.17
C LYS G 164 34.02 -10.06 -10.57
N GLU G 165 34.20 -10.34 -11.85
CA GLU G 165 34.36 -11.70 -12.31
C GLU G 165 33.12 -12.58 -12.01
N MET G 166 31.96 -11.93 -11.92
CA MET G 166 30.67 -12.61 -11.76
C MET G 166 29.90 -12.55 -13.06
N GLN G 167 30.48 -13.06 -14.13
CA GLN G 167 29.93 -12.94 -15.47
C GLN G 167 28.53 -13.52 -15.57
N VAL G 168 28.26 -14.55 -14.78
CA VAL G 168 27.00 -15.30 -14.92
C VAL G 168 25.77 -14.44 -14.61
N LEU G 169 25.96 -13.41 -13.79
CA LEU G 169 24.92 -12.47 -13.44
C LEU G 169 24.39 -11.67 -14.62
N VAL G 170 25.15 -11.50 -15.70
CA VAL G 170 24.72 -10.60 -16.73
C VAL G 170 23.43 -11.05 -17.40
N SER G 171 23.36 -12.31 -17.80
CA SER G 171 22.17 -12.76 -18.51
C SER G 171 21.01 -12.98 -17.54
N ARG G 172 21.31 -13.10 -16.26
CA ARG G 172 20.29 -13.14 -15.25
C ARG G 172 19.70 -11.79 -15.04
N ILE G 173 20.55 -10.74 -15.03
CA ILE G 173 20.10 -9.37 -14.81
C ILE G 173 19.19 -8.97 -15.97
N ALA G 174 19.65 -9.33 -17.15
CA ALA G 174 18.91 -9.17 -18.33
C ALA G 174 17.47 -9.70 -18.22
N SER G 175 17.33 -10.96 -17.88
CA SER G 175 15.99 -11.58 -17.74
C SER G 175 15.20 -10.92 -16.58
N TRP G 176 15.83 -10.59 -15.44
CA TRP G 176 15.11 -9.85 -14.39
C TRP G 176 14.54 -8.53 -14.91
N MET G 177 15.30 -7.79 -15.72
CA MET G 177 14.86 -6.56 -16.27
C MET G 177 13.70 -6.78 -17.21
N ALA G 178 13.83 -7.77 -18.11
CA ALA G 178 12.74 -8.05 -19.05
C ALA G 178 11.44 -8.46 -18.34
N THR G 179 11.59 -9.25 -17.30
CA THR G 179 10.43 -9.68 -16.57
C THR G 179 9.76 -8.50 -15.91
N TYR G 180 10.54 -7.60 -15.31
CA TYR G 180 9.97 -6.47 -14.60
C TYR G 180 9.32 -5.55 -15.61
N LEU G 181 9.91 -5.42 -16.77
CA LEU G 181 9.35 -4.63 -17.82
C LEU G 181 8.00 -5.14 -18.21
N ASN G 182 7.96 -6.43 -18.52
CA ASN G 182 6.78 -7.04 -19.08
C ASN G 182 5.62 -7.14 -18.09
N ASP G 183 5.94 -7.35 -16.83
CA ASP G 183 4.94 -7.55 -15.82
C ASP G 183 4.51 -6.22 -15.18
N HIS G 184 5.45 -5.32 -14.89
CA HIS G 184 5.11 -4.14 -14.08
C HIS G 184 5.12 -2.83 -14.79
N LEU G 185 5.80 -2.72 -15.94
CA LEU G 185 5.95 -1.41 -16.62
C LEU G 185 5.13 -1.31 -17.90
N GLU G 186 4.93 -2.44 -18.56
CA GLU G 186 4.29 -2.48 -19.86
C GLU G 186 2.88 -1.90 -19.88
N PRO G 187 2.08 -2.19 -18.85
CA PRO G 187 0.76 -1.54 -18.77
C PRO G 187 0.84 -0.01 -18.79
N TRP G 188 1.69 0.58 -17.95
CA TRP G 188 1.92 2.05 -17.95
C TRP G 188 2.42 2.54 -19.30
N ILE G 189 3.34 1.80 -19.89
CA ILE G 189 3.86 2.17 -21.20
C ILE G 189 2.76 2.23 -22.26
N GLN G 190 1.94 1.20 -22.34
CA GLN G 190 0.85 1.19 -23.33
C GLN G 190 -0.15 2.32 -23.05
N GLU G 191 -0.49 2.54 -21.79
CA GLU G 191 -1.40 3.61 -21.39
C GLU G 191 -0.88 5.04 -21.66
N ASN G 192 0.44 5.20 -21.79
CA ASN G 192 1.02 6.52 -22.11
C ASN G 192 1.56 6.62 -23.51
N GLY G 193 0.99 5.87 -24.45
CA GLY G 193 1.37 5.98 -25.88
C GLY G 193 2.40 5.01 -26.46
N GLY G 194 2.91 4.11 -25.63
CA GLY G 194 3.95 3.20 -26.08
C GLY G 194 5.27 3.90 -26.30
N TRP G 195 6.20 3.17 -26.88
CA TRP G 195 7.58 3.62 -27.01
C TRP G 195 7.75 4.75 -27.98
N ASP G 196 6.80 4.89 -28.90
CA ASP G 196 6.64 6.10 -29.72
C ASP G 196 6.67 7.38 -28.95
N THR G 197 5.92 7.44 -27.87
CA THR G 197 5.82 8.66 -27.08
C THR G 197 7.17 9.02 -26.48
N PHE G 198 7.90 8.00 -26.07
CA PHE G 198 9.20 8.18 -25.46
C PHE G 198 10.18 8.83 -26.45
N VAL G 199 10.16 8.31 -27.68
CA VAL G 199 11.00 8.80 -28.72
C VAL G 199 10.59 10.24 -29.02
N ASP G 200 9.29 10.50 -29.15
CA ASP G 200 8.82 11.87 -29.40
C ASP G 200 9.28 12.83 -28.29
N LEU G 201 9.06 12.48 -27.03
CA LEU G 201 9.50 13.33 -25.96
C LEU G 201 11.02 13.52 -25.96
N TYR G 202 11.79 12.44 -26.13
CA TYR G 202 13.25 12.58 -26.10
C TYR G 202 13.72 13.51 -27.22
N GLY G 203 13.21 13.30 -28.43
CA GLY G 203 13.64 14.08 -29.60
C GLY G 203 12.88 15.39 -29.87
N ASN G 204 11.83 15.66 -29.09
CA ASN G 204 10.96 16.80 -29.29
C ASN G 204 10.64 17.10 -30.76
N MET H 8 -51.55 -15.97 0.37
CA MET H 8 -51.57 -17.47 0.39
C MET H 8 -50.38 -17.99 1.22
N SER H 9 -50.54 -19.20 1.79
CA SER H 9 -49.48 -19.86 2.58
C SER H 9 -48.16 -20.12 1.81
N GLN H 10 -48.26 -20.45 0.53
CA GLN H 10 -47.08 -20.65 -0.31
C GLN H 10 -46.32 -19.35 -0.62
N SER H 11 -47.06 -18.29 -0.96
CA SER H 11 -46.49 -16.94 -0.99
C SER H 11 -45.74 -16.58 0.29
N ASN H 12 -46.35 -16.80 1.45
CA ASN H 12 -45.70 -16.42 2.68
C ASN H 12 -44.40 -17.17 2.91
N ARG H 13 -44.37 -18.43 2.54
CA ARG H 13 -43.20 -19.27 2.65
C ARG H 13 -42.08 -18.78 1.74
N GLU H 14 -42.47 -18.35 0.54
CA GLU H 14 -41.54 -17.73 -0.39
C GLU H 14 -40.94 -16.43 0.21
N LEU H 15 -41.76 -15.63 0.88
CA LEU H 15 -41.26 -14.40 1.42
C LEU H 15 -40.24 -14.66 2.48
N VAL H 16 -40.48 -15.71 3.26
CA VAL H 16 -39.60 -16.03 4.39
C VAL H 16 -38.25 -16.52 3.87
N VAL H 17 -38.29 -17.37 2.85
CA VAL H 17 -37.06 -17.97 2.30
C VAL H 17 -36.27 -16.83 1.64
N ASP H 18 -36.89 -16.03 0.80
CA ASP H 18 -36.20 -14.87 0.21
C ASP H 18 -35.58 -13.89 1.27
N PHE H 19 -36.30 -13.56 2.33
CA PHE H 19 -35.77 -12.62 3.30
C PHE H 19 -34.56 -13.22 4.01
N LEU H 20 -34.68 -14.45 4.46
CA LEU H 20 -33.63 -15.02 5.24
C LEU H 20 -32.39 -15.25 4.43
N SER H 21 -32.56 -15.69 3.19
CA SER H 21 -31.42 -15.93 2.40
C SER H 21 -30.73 -14.60 2.03
N TYR H 22 -31.50 -13.53 1.77
CA TYR H 22 -30.91 -12.26 1.60
C TYR H 22 -30.09 -11.87 2.84
N LYS H 23 -30.65 -12.03 4.04
CA LYS H 23 -29.92 -11.57 5.24
C LYS H 23 -28.67 -12.39 5.44
N LEU H 24 -28.75 -13.69 5.22
CA LEU H 24 -27.54 -14.49 5.29
C LEU H 24 -26.47 -14.03 4.27
N SER H 25 -26.86 -13.72 3.05
CA SER H 25 -25.86 -13.34 2.06
C SER H 25 -25.23 -12.00 2.42
N GLN H 26 -25.99 -11.09 3.01
CA GLN H 26 -25.41 -9.81 3.49
C GLN H 26 -24.28 -9.98 4.47
N LYS H 27 -24.27 -11.08 5.22
CA LYS H 27 -23.17 -11.33 6.20
C LYS H 27 -22.08 -12.24 5.66
N GLY H 28 -22.16 -12.55 4.37
CA GLY H 28 -21.19 -13.43 3.76
C GLY H 28 -21.45 -14.92 3.88
N TYR H 29 -22.58 -15.32 4.46
CA TYR H 29 -22.89 -16.74 4.60
C TYR H 29 -23.41 -17.31 3.32
N SER H 30 -22.66 -18.33 2.95
CA SER H 30 -22.90 -19.20 1.84
C SER H 30 -23.74 -20.37 2.32
N TRP H 31 -24.08 -20.34 3.61
CA TRP H 31 -25.28 -20.99 4.11
C TRP H 31 -26.50 -20.24 3.57
N SER H 32 -26.32 -19.53 2.47
CA SER H 32 -27.37 -19.38 1.46
C SER H 32 -27.37 -20.62 0.53
N GLN H 33 -27.26 -21.84 1.11
CA GLN H 33 -27.29 -23.14 0.38
C GLN H 33 -28.71 -23.68 0.28
N PRO H 89 -47.29 -8.61 -7.92
CA PRO H 89 -45.94 -8.96 -8.37
C PRO H 89 -45.09 -9.38 -7.17
N MET H 90 -44.76 -10.65 -7.14
CA MET H 90 -44.01 -11.22 -6.03
C MET H 90 -42.61 -10.60 -5.87
N ALA H 91 -41.93 -10.34 -6.98
CA ALA H 91 -40.62 -9.70 -6.96
C ALA H 91 -40.64 -8.32 -6.32
N ALA H 92 -41.71 -7.59 -6.54
CA ALA H 92 -41.82 -6.26 -6.00
C ALA H 92 -42.04 -6.36 -4.48
N VAL H 93 -42.75 -7.37 -4.03
CA VAL H 93 -42.99 -7.57 -2.60
C VAL H 93 -41.69 -7.91 -1.92
N LYS H 94 -40.94 -8.82 -2.54
CA LYS H 94 -39.67 -9.27 -1.99
C LYS H 94 -38.71 -8.06 -1.89
N GLN H 95 -38.69 -7.24 -2.93
CA GLN H 95 -37.84 -6.06 -2.94
C GLN H 95 -38.19 -5.07 -1.81
N ALA H 96 -39.47 -4.83 -1.62
CA ALA H 96 -39.89 -3.84 -0.64
C ALA H 96 -39.57 -4.33 0.73
N LEU H 97 -39.68 -5.64 0.87
CA LEU H 97 -39.42 -6.26 2.14
C LEU H 97 -37.96 -6.23 2.51
N ARG H 98 -37.12 -6.53 1.54
CA ARG H 98 -35.67 -6.46 1.80
C ARG H 98 -35.26 -5.05 2.16
N GLU H 99 -35.76 -4.07 1.42
CA GLU H 99 -35.49 -2.68 1.74
C GLU H 99 -36.05 -2.24 3.08
N ALA H 100 -37.28 -2.61 3.37
CA ALA H 100 -37.86 -2.23 4.64
C ALA H 100 -37.13 -2.82 5.80
N GLY H 101 -36.73 -4.09 5.68
CA GLY H 101 -35.95 -4.70 6.73
C GLY H 101 -34.63 -3.95 6.93
N ASP H 102 -33.91 -3.67 5.85
CA ASP H 102 -32.68 -2.87 5.99
C ASP H 102 -32.95 -1.46 6.57
N GLU H 103 -34.03 -0.80 6.16
CA GLU H 103 -34.32 0.50 6.69
C GLU H 103 -34.66 0.47 8.18
N PHE H 104 -35.53 -0.46 8.55
CA PHE H 104 -35.83 -0.74 9.96
C PHE H 104 -34.58 -0.93 10.79
N GLU H 105 -33.63 -1.69 10.27
CA GLU H 105 -32.43 -2.06 11.07
C GLU H 105 -31.55 -0.85 11.20
N LEU H 106 -31.60 0.03 10.23
CA LEU H 106 -30.92 1.32 10.35
C LEU H 106 -31.59 2.26 11.35
N ARG H 107 -32.87 2.47 11.24
CA ARG H 107 -33.53 3.35 12.20
C ARG H 107 -33.59 2.86 13.66
N TYR H 108 -33.68 1.56 13.87
CA TYR H 108 -33.79 1.02 15.20
C TYR H 108 -32.59 0.14 15.48
N ARG H 109 -31.41 0.56 15.05
CA ARG H 109 -30.17 -0.20 15.32
C ARG H 109 -29.90 -0.38 16.83
N ARG H 110 -30.36 0.56 17.66
CA ARG H 110 -30.25 0.43 19.11
C ARG H 110 -31.04 -0.78 19.63
N ALA H 111 -32.35 -0.78 19.41
CA ALA H 111 -33.20 -1.89 19.79
C ALA H 111 -32.77 -3.20 19.12
N PHE H 112 -32.27 -3.09 17.90
CA PHE H 112 -31.77 -4.26 17.17
C PHE H 112 -30.55 -4.87 17.86
N SER H 113 -29.56 -4.01 18.16
CA SER H 113 -28.33 -4.39 18.91
C SER H 113 -28.64 -4.99 20.25
N ASP H 114 -29.43 -4.25 21.02
CA ASP H 114 -29.80 -4.66 22.38
C ASP H 114 -30.23 -6.10 22.45
N LEU H 115 -31.16 -6.48 21.57
CA LEU H 115 -31.70 -7.83 21.50
C LEU H 115 -30.66 -8.84 21.03
N THR H 116 -29.87 -8.48 20.03
CA THR H 116 -28.89 -9.42 19.47
C THR H 116 -27.75 -9.84 20.41
N SER H 117 -27.55 -9.11 21.52
CA SER H 117 -26.63 -9.56 22.58
C SER H 117 -27.38 -10.00 23.82
N GLN H 118 -28.70 -9.85 23.82
CA GLN H 118 -29.51 -10.14 24.99
C GLN H 118 -29.62 -11.65 25.24
N LEU H 119 -30.19 -12.36 24.27
CA LEU H 119 -30.51 -13.78 24.46
C LEU H 119 -29.37 -14.66 23.91
N HIS H 120 -29.18 -15.78 24.60
CA HIS H 120 -28.15 -16.74 24.29
C HIS H 120 -28.86 -17.89 23.63
N ILE H 121 -28.57 -18.08 22.36
CA ILE H 121 -29.31 -19.02 21.56
C ILE H 121 -28.72 -20.42 21.60
N THR H 122 -29.54 -21.36 22.06
CA THR H 122 -29.25 -22.79 21.98
C THR H 122 -30.43 -23.56 21.40
N PRO H 123 -30.18 -24.75 20.85
CA PRO H 123 -31.31 -25.52 20.27
C PRO H 123 -32.41 -25.78 21.27
N GLY H 124 -32.03 -25.77 22.54
CA GLY H 124 -32.91 -26.06 23.63
C GLY H 124 -33.78 -24.91 24.02
N THR H 125 -33.37 -23.69 23.70
CA THR H 125 -34.08 -22.47 24.15
C THR H 125 -34.63 -21.62 22.98
N ALA H 126 -34.28 -21.97 21.77
CA ALA H 126 -34.55 -21.14 20.65
C ALA H 126 -36.04 -20.93 20.43
N TYR H 127 -36.84 -22.00 20.48
CA TYR H 127 -38.25 -21.87 20.18
C TYR H 127 -38.91 -21.01 21.24
N GLN H 128 -38.52 -21.17 22.48
CA GLN H 128 -39.09 -20.31 23.53
C GLN H 128 -38.74 -18.84 23.32
N SER H 129 -37.48 -18.60 23.02
CA SER H 129 -37.03 -17.24 22.77
C SER H 129 -37.86 -16.62 21.62
N PHE H 130 -37.94 -17.35 20.52
CA PHE H 130 -38.71 -16.94 19.40
C PHE H 130 -40.13 -16.61 19.78
N GLU H 131 -40.79 -17.48 20.52
CA GLU H 131 -42.20 -17.25 20.88
C GLU H 131 -42.39 -16.06 21.80
N GLN H 132 -41.49 -15.88 22.76
CA GLN H 132 -41.59 -14.74 23.68
C GLN H 132 -41.51 -13.42 22.94
N VAL H 133 -40.51 -13.31 22.08
CA VAL H 133 -40.29 -12.06 21.37
C VAL H 133 -41.47 -11.78 20.44
N VAL H 134 -41.87 -12.80 19.70
CA VAL H 134 -42.96 -12.61 18.78
C VAL H 134 -44.26 -12.24 19.51
N ASN H 135 -44.51 -12.88 20.64
CA ASN H 135 -45.71 -12.52 21.37
C ASN H 135 -45.63 -11.09 21.90
N GLU H 136 -44.50 -10.68 22.47
CA GLU H 136 -44.31 -9.26 22.87
C GLU H 136 -44.55 -8.27 21.74
N LEU H 137 -43.93 -8.52 20.60
CA LEU H 137 -44.02 -7.70 19.44
C LEU H 137 -45.43 -7.47 18.98
N PHE H 138 -46.26 -8.51 19.02
CA PHE H 138 -47.63 -8.37 18.59
C PHE H 138 -48.67 -8.32 19.74
N ARG H 139 -48.24 -8.11 20.97
CA ARG H 139 -49.20 -8.03 22.08
C ARG H 139 -50.37 -7.05 21.85
N ASP H 140 -50.08 -5.85 21.36
CA ASP H 140 -51.10 -4.79 21.20
C ASP H 140 -51.67 -4.67 19.78
N GLY H 141 -51.51 -5.71 18.97
CA GLY H 141 -52.03 -5.69 17.61
C GLY H 141 -50.92 -5.77 16.58
N VAL H 142 -51.34 -6.01 15.36
CA VAL H 142 -50.50 -6.01 14.21
C VAL H 142 -50.54 -4.63 13.49
N ASN H 143 -49.37 -4.18 13.03
CA ASN H 143 -49.28 -3.22 11.93
C ASN H 143 -48.10 -3.57 11.02
N TRP H 144 -47.98 -2.89 9.88
CA TRP H 144 -46.95 -3.25 8.91
C TRP H 144 -45.56 -3.15 9.46
N GLY H 145 -45.30 -2.11 10.24
CA GLY H 145 -44.02 -1.94 10.93
C GLY H 145 -43.61 -3.16 11.75
N ARG H 146 -44.55 -3.71 12.46
CA ARG H 146 -44.30 -4.83 13.31
C ARG H 146 -44.06 -6.05 12.48
N ILE H 147 -44.76 -6.18 11.38
CA ILE H 147 -44.47 -7.25 10.46
C ILE H 147 -43.00 -7.25 9.95
N VAL H 148 -42.49 -6.11 9.58
CA VAL H 148 -41.11 -5.94 9.12
C VAL H 148 -40.17 -6.27 10.25
N ALA H 149 -40.54 -5.90 11.47
CA ALA H 149 -39.72 -6.15 12.56
C ALA H 149 -39.60 -7.69 12.81
N PHE H 150 -40.70 -8.40 12.58
CA PHE H 150 -40.81 -9.80 12.76
C PHE H 150 -39.89 -10.46 11.79
N PHE H 151 -39.90 -10.04 10.54
CA PHE H 151 -38.92 -10.62 9.57
C PHE H 151 -37.48 -10.31 9.97
N SER H 152 -37.19 -9.07 10.38
CA SER H 152 -35.83 -8.74 10.83
C SER H 152 -35.38 -9.56 12.01
N PHE H 153 -36.28 -9.82 12.93
CA PHE H 153 -35.95 -10.65 14.08
C PHE H 153 -35.56 -12.07 13.61
N GLY H 154 -36.42 -12.68 12.81
CA GLY H 154 -36.08 -13.94 12.24
C GLY H 154 -34.72 -13.92 11.61
N GLY H 155 -34.41 -12.90 10.82
CA GLY H 155 -33.13 -12.86 10.10
C GLY H 155 -31.95 -12.82 11.08
N ALA H 156 -32.12 -12.08 12.17
CA ALA H 156 -31.05 -11.95 13.19
C ALA H 156 -30.84 -13.27 13.90
N LEU H 157 -31.92 -13.98 14.17
CA LEU H 157 -31.80 -15.31 14.72
C LEU H 157 -31.07 -16.24 13.77
N CYS H 158 -31.40 -16.21 12.50
CA CYS H 158 -30.67 -17.07 11.56
C CYS H 158 -29.20 -16.74 11.47
N VAL H 159 -28.86 -15.46 11.41
CA VAL H 159 -27.46 -15.01 11.37
C VAL H 159 -26.71 -15.51 12.62
N GLU H 160 -27.25 -15.18 13.79
CA GLU H 160 -26.71 -15.69 15.02
C GLU H 160 -26.50 -17.23 15.01
N SER H 161 -27.51 -17.98 14.55
CA SER H 161 -27.44 -19.44 14.62
C SER H 161 -26.25 -19.94 13.84
N VAL H 162 -26.09 -19.41 12.64
CA VAL H 162 -24.97 -19.82 11.82
C VAL H 162 -23.63 -19.41 12.50
N ASP H 163 -23.58 -18.18 13.02
CA ASP H 163 -22.43 -17.68 13.75
C ASP H 163 -21.90 -18.68 14.75
N LYS H 164 -22.81 -19.23 15.53
CA LYS H 164 -22.47 -20.10 16.64
C LYS H 164 -22.60 -21.58 16.28
N GLU H 165 -22.43 -21.91 14.99
CA GLU H 165 -22.37 -23.28 14.53
C GLU H 165 -23.67 -24.09 14.82
N MET H 166 -24.83 -23.42 14.83
CA MET H 166 -26.08 -24.08 15.05
C MET H 166 -26.92 -24.05 13.79
N GLN H 167 -26.33 -24.48 12.70
CA GLN H 167 -26.96 -24.35 11.40
C GLN H 167 -28.32 -25.02 11.32
N VAL H 168 -28.52 -26.04 12.16
CA VAL H 168 -29.76 -26.80 12.09
C VAL H 168 -30.98 -25.92 12.40
N LEU H 169 -30.76 -24.83 13.14
CA LEU H 169 -31.82 -23.91 13.47
C LEU H 169 -32.34 -23.09 12.31
N VAL H 170 -31.58 -22.95 11.26
CA VAL H 170 -31.99 -22.06 10.17
C VAL H 170 -33.32 -22.46 9.57
N SER H 171 -33.45 -23.75 9.28
CA SER H 171 -34.65 -24.32 8.63
C SER H 171 -35.83 -24.34 9.59
N ARG H 172 -35.51 -24.57 10.83
CA ARG H 172 -36.48 -24.51 11.86
C ARG H 172 -37.08 -23.12 11.99
N ILE H 173 -36.23 -22.11 12.10
CA ILE H 173 -36.69 -20.73 12.27
C ILE H 173 -37.56 -20.32 11.13
N ALA H 174 -37.16 -20.74 9.94
CA ALA H 174 -37.90 -20.44 8.76
C ALA H 174 -39.33 -21.03 8.89
N SER H 175 -39.45 -22.27 9.31
CA SER H 175 -40.80 -22.90 9.43
C SER H 175 -41.56 -22.29 10.59
N TRP H 176 -40.88 -21.88 11.66
CA TRP H 176 -41.60 -21.18 12.72
C TRP H 176 -42.13 -19.87 12.21
N MET H 177 -41.37 -19.18 11.33
CA MET H 177 -41.80 -17.90 10.83
C MET H 177 -42.96 -18.09 9.90
N ALA H 178 -42.85 -19.08 9.03
CA ALA H 178 -43.92 -19.40 8.09
C ALA H 178 -45.23 -19.78 8.76
N THR H 179 -45.11 -20.55 9.81
CA THR H 179 -46.26 -20.97 10.60
C THR H 179 -46.93 -19.76 11.25
N TYR H 180 -46.14 -18.90 11.85
CA TYR H 180 -46.77 -17.79 12.51
C TYR H 180 -47.47 -16.83 11.52
N LEU H 181 -46.85 -16.65 10.37
CA LEU H 181 -47.35 -15.77 9.31
C LEU H 181 -48.70 -16.35 8.85
N ASN H 182 -48.70 -17.65 8.55
CA ASN H 182 -49.91 -18.26 8.04
C ASN H 182 -50.99 -18.36 9.08
N ASP H 183 -50.66 -18.53 10.35
CA ASP H 183 -51.71 -18.78 11.35
C ASP H 183 -52.18 -17.48 11.98
N HIS H 184 -51.27 -16.57 12.32
CA HIS H 184 -51.60 -15.38 13.12
C HIS H 184 -51.57 -14.06 12.42
N LEU H 185 -50.85 -13.94 11.31
CA LEU H 185 -50.73 -12.65 10.65
C LEU H 185 -51.55 -12.56 9.38
N GLU H 186 -51.66 -13.66 8.65
CA GLU H 186 -52.33 -13.67 7.34
C GLU H 186 -53.75 -13.08 7.36
N PRO H 187 -54.54 -13.33 8.41
CA PRO H 187 -55.87 -12.69 8.43
C PRO H 187 -55.80 -11.16 8.46
N TRP H 188 -54.93 -10.61 9.27
CA TRP H 188 -54.75 -9.16 9.28
C TRP H 188 -54.27 -8.69 7.93
N ILE H 189 -53.36 -9.46 7.35
CA ILE H 189 -52.84 -9.08 6.03
C ILE H 189 -53.95 -8.99 4.99
N GLN H 190 -54.78 -10.03 4.92
CA GLN H 190 -55.88 -10.09 3.97
C GLN H 190 -56.87 -8.96 4.25
N GLU H 191 -57.15 -8.70 5.51
CA GLU H 191 -58.06 -7.63 5.90
C GLU H 191 -57.52 -6.24 5.44
N ASN H 192 -56.21 -6.06 5.40
CA ASN H 192 -55.63 -4.74 5.15
C ASN H 192 -55.10 -4.63 3.77
N GLY H 193 -55.65 -5.40 2.83
CA GLY H 193 -55.31 -5.26 1.41
C GLY H 193 -54.22 -6.18 0.85
N GLY H 194 -53.76 -7.15 1.64
CA GLY H 194 -52.70 -8.01 1.15
C GLY H 194 -51.41 -7.25 0.92
N TRP H 195 -50.43 -7.96 0.38
CA TRP H 195 -49.08 -7.48 0.33
C TRP H 195 -48.93 -6.32 -0.59
N ASP H 196 -49.86 -6.20 -1.56
CA ASP H 196 -49.98 -5.05 -2.46
C ASP H 196 -50.00 -3.77 -1.66
N THR H 197 -50.78 -3.74 -0.58
CA THR H 197 -50.86 -2.53 0.19
C THR H 197 -49.52 -2.20 0.81
N PHE H 198 -48.81 -3.23 1.22
CA PHE H 198 -47.47 -3.01 1.79
C PHE H 198 -46.54 -2.33 0.80
N VAL H 199 -46.57 -2.81 -0.46
CA VAL H 199 -45.68 -2.30 -1.47
C VAL H 199 -46.06 -0.86 -1.79
N ASP H 200 -47.35 -0.58 -1.88
CA ASP H 200 -47.84 0.78 -2.15
C ASP H 200 -47.42 1.72 -1.04
N LEU H 201 -47.53 1.28 0.22
CA LEU H 201 -47.13 2.11 1.31
C LEU H 201 -45.63 2.31 1.30
N TYR H 202 -44.87 1.26 1.08
CA TYR H 202 -43.43 1.41 1.22
C TYR H 202 -42.91 2.34 0.12
N GLY H 203 -43.39 2.15 -1.09
CA GLY H 203 -42.94 2.94 -2.26
C GLY H 203 -43.63 4.31 -2.45
N ASN H 204 -44.74 4.53 -1.74
CA ASN H 204 -45.62 5.69 -1.94
C ASN H 204 -45.93 5.98 -3.41
N GLU I 4 17.20 9.39 -38.92
CA GLU I 4 17.80 10.72 -38.58
C GLU I 4 18.57 10.73 -37.24
N PHE I 5 19.61 11.55 -37.15
CA PHE I 5 20.43 11.75 -35.95
C PHE I 5 20.61 13.25 -35.75
N PRO I 6 19.72 13.88 -34.98
CA PRO I 6 19.72 15.34 -34.86
C PRO I 6 20.98 15.86 -34.18
N GLY I 7 21.50 16.97 -34.67
CA GLY I 7 22.71 17.59 -34.08
C GLY I 7 22.54 18.38 -32.78
N MET I 8 21.70 17.89 -31.85
CA MET I 8 21.51 18.48 -30.52
C MET I 8 22.75 18.35 -29.61
N SER I 9 22.68 18.91 -28.40
CA SER I 9 23.81 18.90 -27.49
C SER I 9 24.19 17.51 -26.97
N GLN I 10 23.22 16.62 -26.84
CA GLN I 10 23.54 15.27 -26.42
C GLN I 10 24.25 14.50 -27.55
N SER I 11 23.75 14.63 -28.76
CA SER I 11 24.36 13.96 -29.90
C SER I 11 25.83 14.37 -30.06
N ASN I 12 26.12 15.62 -29.88
CA ASN I 12 27.48 16.03 -29.97
C ASN I 12 28.36 15.41 -28.87
N ARG I 13 27.83 15.30 -27.66
CA ARG I 13 28.53 14.70 -26.53
C ARG I 13 28.83 13.23 -26.82
N GLU I 14 27.87 12.58 -27.45
CA GLU I 14 28.01 11.20 -27.84
C GLU I 14 29.14 11.03 -28.83
N LEU I 15 29.19 11.88 -29.80
CA LEU I 15 30.28 11.81 -30.79
C LEU I 15 31.66 12.07 -30.19
N VAL I 16 31.75 13.04 -29.28
CA VAL I 16 33.03 13.36 -28.65
C VAL I 16 33.55 12.17 -27.84
N VAL I 17 32.68 11.55 -27.05
CA VAL I 17 33.11 10.47 -26.16
C VAL I 17 33.49 9.22 -26.99
N ASP I 18 32.65 8.87 -27.95
CA ASP I 18 32.98 7.78 -28.84
C ASP I 18 34.28 7.99 -29.61
N PHE I 19 34.46 9.15 -30.18
CA PHE I 19 35.67 9.41 -30.93
C PHE I 19 36.98 9.33 -30.09
N LEU I 20 36.99 10.02 -28.95
CA LEU I 20 38.15 10.00 -28.07
C LEU I 20 38.44 8.60 -27.56
N SER I 21 37.38 7.89 -27.23
CA SER I 21 37.52 6.58 -26.68
C SER I 21 38.15 5.69 -27.75
N TYR I 22 37.68 5.80 -28.97
CA TYR I 22 38.26 5.03 -30.05
C TYR I 22 39.74 5.37 -30.23
N LYS I 23 40.06 6.64 -30.36
CA LYS I 23 41.48 7.01 -30.47
C LYS I 23 42.34 6.47 -29.33
N LEU I 24 41.84 6.49 -28.10
CA LEU I 24 42.62 6.07 -26.98
C LEU I 24 42.87 4.57 -27.12
N SER I 25 41.87 3.84 -27.56
CA SER I 25 41.97 2.37 -27.61
C SER I 25 42.95 1.95 -28.68
N GLN I 26 43.06 2.74 -29.74
CA GLN I 26 44.03 2.51 -30.82
C GLN I 26 45.44 2.58 -30.35
N LYS I 27 45.68 3.42 -29.33
CA LYS I 27 47.02 3.51 -28.73
C LYS I 27 47.13 2.68 -27.43
N GLY I 28 46.15 1.82 -27.19
CA GLY I 28 46.24 0.88 -26.09
C GLY I 28 45.76 1.40 -24.75
N TYR I 29 45.32 2.64 -24.70
CA TYR I 29 44.79 3.15 -23.46
C TYR I 29 43.28 2.93 -23.39
N SER I 30 42.70 3.23 -22.25
CA SER I 30 41.29 2.91 -22.02
C SER I 30 40.53 4.08 -21.38
N TRP I 31 39.35 4.39 -21.93
CA TRP I 31 38.61 5.62 -21.61
C TRP I 31 38.24 5.78 -20.15
N SER I 32 37.70 4.73 -19.56
CA SER I 32 37.55 4.66 -18.11
C SER I 32 38.91 4.25 -17.52
N GLN I 33 39.69 5.24 -17.10
CA GLN I 33 41.06 5.04 -16.56
C GLN I 33 41.20 5.84 -15.29
N VAL I 87 22.17 -0.34 -38.49
CA VAL I 87 20.90 0.31 -38.82
C VAL I 87 20.47 1.37 -37.76
N ILE I 88 21.16 1.45 -36.61
CA ILE I 88 20.97 2.58 -35.65
C ILE I 88 21.75 3.81 -36.17
N PRO I 89 21.03 4.90 -36.52
CA PRO I 89 21.69 6.03 -37.16
C PRO I 89 22.86 6.57 -36.38
N MET I 90 22.71 6.69 -35.06
CA MET I 90 23.76 7.19 -34.23
C MET I 90 24.99 6.36 -34.42
N ALA I 91 24.83 5.02 -34.45
CA ALA I 91 26.00 4.14 -34.64
C ALA I 91 26.64 4.40 -35.98
N ALA I 92 25.82 4.66 -36.99
CA ALA I 92 26.33 4.97 -38.33
C ALA I 92 27.16 6.26 -38.32
N VAL I 93 26.67 7.29 -37.62
CA VAL I 93 27.41 8.56 -37.54
C VAL I 93 28.73 8.37 -36.82
N LYS I 94 28.71 7.62 -35.71
CA LYS I 94 29.97 7.31 -34.99
C LYS I 94 31.01 6.59 -35.86
N GLN I 95 30.57 5.56 -36.59
CA GLN I 95 31.44 4.81 -37.50
C GLN I 95 32.02 5.73 -38.58
N ALA I 96 31.18 6.56 -39.20
CA ALA I 96 31.68 7.48 -40.25
C ALA I 96 32.75 8.43 -39.70
N LEU I 97 32.49 8.92 -38.49
CA LEU I 97 33.41 9.84 -37.83
C LEU I 97 34.75 9.19 -37.46
N ARG I 98 34.73 7.98 -36.94
CA ARG I 98 35.95 7.22 -36.69
C ARG I 98 36.78 6.99 -37.97
N GLU I 99 36.12 6.54 -39.03
CA GLU I 99 36.81 6.31 -40.31
C GLU I 99 37.31 7.64 -40.88
N ALA I 100 36.47 8.68 -40.89
CA ALA I 100 36.94 9.97 -41.42
C ALA I 100 38.18 10.49 -40.70
N GLY I 101 38.28 10.26 -39.40
CA GLY I 101 39.39 10.74 -38.62
C GLY I 101 40.65 9.95 -38.92
N ASP I 102 40.50 8.65 -39.07
CA ASP I 102 41.61 7.80 -39.53
C ASP I 102 42.07 8.19 -40.92
N GLU I 103 41.14 8.49 -41.79
CA GLU I 103 41.54 8.84 -43.14
C GLU I 103 42.26 10.20 -43.14
N PHE I 104 41.73 11.15 -42.38
CA PHE I 104 42.34 12.46 -42.25
C PHE I 104 43.75 12.37 -41.68
N GLU I 105 43.95 11.49 -40.71
CA GLU I 105 45.27 11.32 -40.08
C GLU I 105 46.29 10.71 -41.05
N LEU I 106 45.80 9.87 -41.96
CA LEU I 106 46.59 9.30 -43.04
C LEU I 106 47.00 10.33 -44.11
N ARG I 107 46.04 11.07 -44.66
CA ARG I 107 46.35 12.06 -45.67
C ARG I 107 47.14 13.27 -45.17
N TYR I 108 47.01 13.64 -43.91
CA TYR I 108 47.68 14.85 -43.42
C TYR I 108 48.62 14.53 -42.28
N ARG I 109 49.29 13.39 -42.38
CA ARG I 109 50.15 12.88 -41.31
C ARG I 109 51.31 13.80 -40.98
N ARG I 110 51.75 14.61 -41.93
CA ARG I 110 52.80 15.59 -41.67
C ARG I 110 52.25 16.66 -40.73
N ALA I 111 51.20 17.35 -41.17
CA ALA I 111 50.57 18.41 -40.38
C ALA I 111 50.16 17.88 -39.02
N PHE I 112 49.67 16.64 -39.01
CA PHE I 112 49.36 15.93 -37.78
C PHE I 112 50.62 15.88 -36.91
N SER I 113 51.66 15.18 -37.37
CA SER I 113 52.90 15.00 -36.58
C SER I 113 53.62 16.31 -36.21
N ASP I 114 53.55 17.32 -37.07
CA ASP I 114 54.13 18.62 -36.74
C ASP I 114 53.54 19.12 -35.43
N LEU I 115 52.27 18.79 -35.16
CA LEU I 115 51.57 19.26 -33.95
C LEU I 115 52.17 18.69 -32.66
N THR I 116 52.54 17.41 -32.65
CA THR I 116 52.89 16.70 -31.40
C THR I 116 54.18 17.22 -30.77
N SER I 117 55.04 17.85 -31.58
CA SER I 117 56.23 18.53 -31.07
C SER I 117 56.02 20.04 -30.96
N GLN I 118 54.98 20.57 -31.62
CA GLN I 118 54.76 22.00 -31.72
C GLN I 118 54.53 22.64 -30.36
N LEU I 119 53.55 22.13 -29.63
CA LEU I 119 53.15 22.70 -28.36
C LEU I 119 53.41 21.72 -27.22
N HIS I 120 53.88 22.28 -26.11
CA HIS I 120 54.25 21.53 -24.93
C HIS I 120 53.08 21.65 -24.01
N ILE I 121 52.50 20.50 -23.68
CA ILE I 121 51.22 20.45 -23.01
C ILE I 121 51.40 20.31 -21.53
N THR I 122 50.82 21.26 -20.81
CA THR I 122 50.69 21.17 -19.37
C THR I 122 49.25 21.46 -18.98
N PRO I 123 48.84 21.00 -17.81
CA PRO I 123 47.52 21.38 -17.36
C PRO I 123 47.30 22.90 -17.37
N GLY I 124 48.32 23.71 -17.07
CA GLY I 124 48.19 25.16 -17.00
C GLY I 124 48.24 25.93 -18.30
N THR I 125 48.57 25.26 -19.39
CA THR I 125 48.57 25.91 -20.70
C THR I 125 47.60 25.22 -21.69
N ALA I 126 47.15 24.03 -21.38
CA ALA I 126 46.26 23.25 -22.24
C ALA I 126 45.04 24.02 -22.82
N TYR I 127 44.31 24.73 -21.96
CA TYR I 127 43.08 25.37 -22.41
C TYR I 127 43.35 26.47 -23.37
N GLN I 128 44.36 27.29 -23.10
CA GLN I 128 44.73 28.35 -24.04
C GLN I 128 45.22 27.81 -25.40
N SER I 129 46.05 26.78 -25.35
CA SER I 129 46.48 26.08 -26.55
C SER I 129 45.28 25.56 -27.33
N PHE I 130 44.38 24.84 -26.66
CA PHE I 130 43.25 24.23 -27.33
C PHE I 130 42.45 25.33 -28.01
N GLU I 131 42.24 26.43 -27.31
CA GLU I 131 41.46 27.53 -27.86
C GLU I 131 42.12 28.24 -29.02
N GLN I 132 43.43 28.42 -28.95
CA GLN I 132 44.20 29.07 -30.06
C GLN I 132 44.09 28.25 -31.33
N VAL I 133 44.42 26.97 -31.24
CA VAL I 133 44.35 26.09 -32.38
C VAL I 133 42.96 26.08 -32.98
N VAL I 134 41.93 25.95 -32.15
CA VAL I 134 40.55 25.80 -32.61
C VAL I 134 40.08 27.06 -33.26
N ASN I 135 40.38 28.21 -32.67
CA ASN I 135 40.09 29.48 -33.35
C ASN I 135 40.83 29.61 -34.70
N GLU I 136 42.10 29.21 -34.77
CA GLU I 136 42.82 29.19 -36.08
C GLU I 136 42.12 28.30 -37.12
N LEU I 137 41.80 27.08 -36.73
CA LEU I 137 41.16 26.13 -37.60
C LEU I 137 39.87 26.59 -38.22
N PHE I 138 39.10 27.41 -37.52
CA PHE I 138 37.77 27.89 -38.01
C PHE I 138 37.75 29.36 -38.38
N ARG I 139 38.90 30.01 -38.39
CA ARG I 139 38.93 31.47 -38.62
C ARG I 139 38.20 31.94 -39.86
N ASP I 140 38.29 31.17 -40.96
CA ASP I 140 37.65 31.51 -42.23
C ASP I 140 36.36 30.79 -42.46
N GLY I 141 35.78 30.20 -41.43
CA GLY I 141 34.50 29.53 -41.55
C GLY I 141 34.60 28.05 -41.26
N VAL I 142 33.44 27.39 -41.29
CA VAL I 142 33.28 25.98 -40.96
C VAL I 142 33.04 25.19 -42.24
N ASN I 143 33.58 23.99 -42.30
CA ASN I 143 33.13 22.99 -43.24
C ASN I 143 33.35 21.62 -42.60
N TRP I 144 32.99 20.53 -43.27
CA TRP I 144 32.99 19.22 -42.63
C TRP I 144 34.37 18.71 -42.43
N GLY I 145 35.27 18.96 -43.38
CA GLY I 145 36.69 18.55 -43.20
C GLY I 145 37.32 19.22 -41.97
N ARG I 146 37.03 20.48 -41.76
CA ARG I 146 37.54 21.20 -40.61
C ARG I 146 37.00 20.62 -39.29
N ILE I 147 35.73 20.25 -39.28
CA ILE I 147 35.18 19.57 -38.15
C ILE I 147 35.89 18.23 -37.90
N VAL I 148 36.12 17.43 -38.93
CA VAL I 148 36.84 16.18 -38.69
C VAL I 148 38.21 16.47 -38.07
N ALA I 149 38.88 17.50 -38.60
CA ALA I 149 40.19 17.95 -38.14
C ALA I 149 40.14 18.27 -36.61
N PHE I 150 39.03 18.88 -36.18
CA PHE I 150 38.75 19.30 -34.80
C PHE I 150 38.70 18.10 -33.93
N PHE I 151 37.93 17.10 -34.35
CA PHE I 151 37.91 15.84 -33.64
C PHE I 151 39.29 15.22 -33.57
N SER I 152 40.03 15.21 -34.68
CA SER I 152 41.38 14.60 -34.67
C SER I 152 42.33 15.35 -33.76
N PHE I 153 42.23 16.66 -33.75
CA PHE I 153 43.08 17.44 -32.88
C PHE I 153 42.83 17.04 -31.40
N GLY I 154 41.57 17.02 -31.00
CA GLY I 154 41.23 16.65 -29.65
C GLY I 154 41.72 15.26 -29.32
N GLY I 155 41.60 14.31 -30.26
CA GLY I 155 42.12 12.95 -30.04
C GLY I 155 43.63 12.93 -29.76
N ALA I 156 44.37 13.74 -30.51
CA ALA I 156 45.82 13.83 -30.37
C ALA I 156 46.20 14.47 -29.05
N LEU I 157 45.54 15.56 -28.69
CA LEU I 157 45.71 16.09 -27.33
C LEU I 157 45.49 15.06 -26.21
N CYS I 158 44.44 14.28 -26.27
CA CYS I 158 44.21 13.29 -25.24
C CYS I 158 45.31 12.21 -25.21
N VAL I 159 45.71 11.69 -26.38
CA VAL I 159 46.76 10.65 -26.42
C VAL I 159 48.07 11.22 -25.83
N GLU I 160 48.45 12.42 -26.28
CA GLU I 160 49.57 13.15 -25.72
C GLU I 160 49.43 13.32 -24.21
N SER I 161 48.24 13.64 -23.73
CA SER I 161 48.06 13.86 -22.30
C SER I 161 48.33 12.64 -21.47
N VAL I 162 47.88 11.49 -21.94
CA VAL I 162 48.13 10.24 -21.26
C VAL I 162 49.60 9.83 -21.38
N ASP I 163 50.16 9.99 -22.56
CA ASP I 163 51.61 9.79 -22.77
C ASP I 163 52.47 10.46 -21.70
N LYS I 164 52.16 11.71 -21.41
CA LYS I 164 52.93 12.48 -20.46
C LYS I 164 52.34 12.47 -19.04
N GLU I 165 51.61 11.42 -18.69
CA GLU I 165 51.08 11.24 -17.34
C GLU I 165 50.20 12.43 -16.84
N MET I 166 49.47 13.07 -17.77
CA MET I 166 48.49 14.10 -17.42
C MET I 166 47.07 13.57 -17.70
N GLN I 167 46.72 12.44 -17.10
CA GLN I 167 45.44 11.75 -17.37
C GLN I 167 44.20 12.64 -17.18
N VAL I 168 44.33 13.62 -16.28
CA VAL I 168 43.21 14.41 -15.84
C VAL I 168 42.73 15.25 -17.03
N LEU I 169 43.66 15.62 -17.90
CA LEU I 169 43.29 16.41 -19.08
C LEU I 169 42.29 15.75 -20.03
N VAL I 170 42.20 14.41 -20.02
CA VAL I 170 41.34 13.69 -20.95
C VAL I 170 39.88 14.16 -20.88
N SER I 171 39.29 14.10 -19.69
CA SER I 171 37.88 14.42 -19.54
C SER I 171 37.67 15.93 -19.64
N ARG I 172 38.69 16.72 -19.30
CA ARG I 172 38.61 18.17 -19.58
C ARG I 172 38.62 18.51 -21.08
N ILE I 173 39.49 17.90 -21.87
CA ILE I 173 39.44 18.10 -23.34
C ILE I 173 38.08 17.68 -23.91
N ALA I 174 37.54 16.57 -23.44
CA ALA I 174 36.21 16.11 -23.86
C ALA I 174 35.17 17.17 -23.65
N SER I 175 35.13 17.77 -22.46
CA SER I 175 34.13 18.77 -22.18
C SER I 175 34.42 20.06 -22.96
N TRP I 176 35.69 20.37 -23.23
CA TRP I 176 36.01 21.57 -24.05
C TRP I 176 35.55 21.39 -25.46
N MET I 177 35.67 20.17 -25.98
CA MET I 177 35.23 19.89 -27.35
C MET I 177 33.69 19.97 -27.44
N ALA I 178 33.01 19.36 -26.46
CA ALA I 178 31.57 19.33 -26.45
C ALA I 178 31.02 20.75 -26.37
N THR I 179 31.63 21.58 -25.52
CA THR I 179 31.22 22.98 -25.36
C THR I 179 31.36 23.76 -26.65
N TYR I 180 32.53 23.66 -27.26
CA TYR I 180 32.74 24.27 -28.58
C TYR I 180 31.78 23.78 -29.68
N LEU I 181 31.58 22.48 -29.78
CA LEU I 181 30.55 21.94 -30.68
C LEU I 181 29.19 22.57 -30.43
N ASN I 182 28.75 22.56 -29.20
CA ASN I 182 27.39 23.03 -28.90
C ASN I 182 27.17 24.54 -28.98
N ASP I 183 28.21 25.31 -28.73
CA ASP I 183 28.09 26.75 -28.79
C ASP I 183 28.47 27.30 -30.15
N HIS I 184 29.40 26.68 -30.87
CA HIS I 184 29.95 27.34 -32.06
C HIS I 184 29.76 26.62 -33.34
N LEU I 185 29.63 25.31 -33.33
CA LEU I 185 29.52 24.56 -34.56
C LEU I 185 28.08 24.13 -34.84
N GLU I 186 27.31 23.87 -33.80
CA GLU I 186 25.93 23.33 -33.92
C GLU I 186 25.02 24.11 -34.88
N PRO I 187 25.06 25.46 -34.85
CA PRO I 187 24.28 26.26 -35.84
C PRO I 187 24.62 25.95 -37.30
N TRP I 188 25.91 25.97 -37.63
CA TRP I 188 26.35 25.51 -38.95
C TRP I 188 25.86 24.11 -39.25
N ILE I 189 26.01 23.18 -38.30
CA ILE I 189 25.70 21.79 -38.55
C ILE I 189 24.24 21.64 -38.89
N GLN I 190 23.38 22.31 -38.12
CA GLN I 190 21.93 22.28 -38.36
C GLN I 190 21.60 22.92 -39.70
N GLU I 191 22.28 24.02 -40.01
CA GLU I 191 22.10 24.71 -41.29
C GLU I 191 22.51 23.88 -42.53
N ASN I 192 23.41 22.93 -42.36
CA ASN I 192 23.88 22.11 -43.47
C ASN I 192 23.37 20.66 -43.40
N GLY I 193 22.22 20.44 -42.79
CA GLY I 193 21.56 19.16 -42.90
C GLY I 193 21.81 18.18 -41.77
N GLY I 194 22.55 18.63 -40.76
CA GLY I 194 22.84 17.79 -39.60
C GLY I 194 23.85 16.70 -39.93
N TRP I 195 24.12 15.84 -38.97
CA TRP I 195 25.05 14.74 -39.16
C TRP I 195 24.64 13.70 -40.20
N ASP I 196 23.36 13.68 -40.59
CA ASP I 196 22.89 12.87 -41.72
C ASP I 196 23.62 13.22 -43.02
N THR I 197 23.69 14.51 -43.29
CA THR I 197 24.47 14.96 -44.42
C THR I 197 25.94 14.50 -44.37
N PHE I 198 26.57 14.50 -43.19
CA PHE I 198 27.97 14.15 -43.06
C PHE I 198 28.16 12.72 -43.44
N VAL I 199 27.23 11.86 -43.01
CA VAL I 199 27.31 10.41 -43.28
C VAL I 199 27.11 10.15 -44.76
N ASP I 200 26.20 10.91 -45.35
CA ASP I 200 25.89 10.83 -46.76
C ASP I 200 27.09 11.19 -47.60
N LEU I 201 27.74 12.28 -47.25
CA LEU I 201 28.94 12.71 -47.96
C LEU I 201 30.07 11.76 -47.74
N TYR I 202 30.28 11.28 -46.52
CA TYR I 202 31.43 10.41 -46.29
C TYR I 202 31.30 9.15 -47.10
N GLY I 203 30.10 8.56 -47.17
CA GLY I 203 29.85 7.30 -47.89
C GLY I 203 29.91 7.36 -49.42
N GLU J 4 -39.34 -1.54 -11.77
CA GLU J 4 -38.74 -0.22 -11.38
C GLU J 4 -37.97 -0.27 -10.02
N PHE J 5 -36.91 0.52 -9.94
CA PHE J 5 -36.15 0.73 -8.73
C PHE J 5 -36.00 2.24 -8.62
N PRO J 6 -36.89 2.86 -7.81
CA PRO J 6 -36.88 4.30 -7.64
C PRO J 6 -35.62 4.76 -6.92
N GLY J 7 -35.10 5.93 -7.31
CA GLY J 7 -33.92 6.51 -6.70
C GLY J 7 -34.11 7.22 -5.36
N MET J 8 -35.03 6.77 -4.51
CA MET J 8 -35.16 7.31 -3.13
C MET J 8 -33.89 7.22 -2.23
N SER J 9 -33.99 7.70 -1.01
CA SER J 9 -32.88 7.68 -0.13
C SER J 9 -32.45 6.28 0.33
N GLN J 10 -33.41 5.38 0.51
CA GLN J 10 -33.05 4.06 0.92
C GLN J 10 -32.37 3.30 -0.23
N SER J 11 -32.92 3.47 -1.42
CA SER J 11 -32.29 2.88 -2.59
C SER J 11 -30.79 3.25 -2.69
N ASN J 12 -30.46 4.49 -2.41
CA ASN J 12 -29.11 4.89 -2.54
C ASN J 12 -28.26 4.27 -1.46
N ARG J 13 -28.75 4.27 -0.22
CA ARG J 13 -28.05 3.60 0.86
C ARG J 13 -27.73 2.13 0.51
N GLU J 14 -28.68 1.45 -0.11
CA GLU J 14 -28.54 0.06 -0.47
C GLU J 14 -27.42 -0.07 -1.49
N LEU J 15 -27.42 0.81 -2.47
CA LEU J 15 -26.35 0.76 -3.45
C LEU J 15 -24.98 0.97 -2.83
N VAL J 16 -24.89 1.90 -1.88
CA VAL J 16 -23.64 2.19 -1.22
C VAL J 16 -23.09 1.01 -0.46
N VAL J 17 -23.94 0.40 0.35
CA VAL J 17 -23.49 -0.68 1.19
C VAL J 17 -23.11 -1.87 0.31
N ASP J 18 -23.97 -2.19 -0.64
CA ASP J 18 -23.65 -3.32 -1.53
C ASP J 18 -22.34 -3.14 -2.28
N PHE J 19 -22.10 -1.96 -2.79
CA PHE J 19 -20.93 -1.74 -3.59
C PHE J 19 -19.68 -1.76 -2.71
N LEU J 20 -19.71 -1.11 -1.55
CA LEU J 20 -18.54 -1.13 -0.66
C LEU J 20 -18.24 -2.55 -0.17
N SER J 21 -19.29 -3.35 0.05
CA SER J 21 -19.07 -4.70 0.56
C SER J 21 -18.36 -5.47 -0.45
N TYR J 22 -18.85 -5.34 -1.66
CA TYR J 22 -18.30 -6.09 -2.75
C TYR J 22 -16.84 -5.72 -2.94
N LYS J 23 -16.52 -4.43 -2.96
CA LYS J 23 -15.09 -4.03 -3.09
C LYS J 23 -14.21 -4.54 -1.97
N LEU J 24 -14.73 -4.55 -0.74
CA LEU J 24 -13.97 -5.01 0.40
C LEU J 24 -13.73 -6.54 0.30
N SER J 25 -14.75 -7.30 -0.08
CA SER J 25 -14.62 -8.73 -0.24
C SER J 25 -13.61 -9.09 -1.34
N GLN J 26 -13.61 -8.35 -2.44
CA GLN J 26 -12.61 -8.56 -3.52
C GLN J 26 -11.18 -8.49 -3.00
N LYS J 27 -10.94 -7.70 -1.95
CA LYS J 27 -9.59 -7.55 -1.40
C LYS J 27 -9.42 -8.36 -0.13
N GLY J 28 -10.33 -9.29 0.11
CA GLY J 28 -10.18 -10.19 1.23
C GLY J 28 -10.75 -9.74 2.57
N TYR J 29 -11.27 -8.52 2.63
CA TYR J 29 -11.81 -8.00 3.88
C TYR J 29 -13.32 -8.19 3.94
N SER J 30 -13.92 -7.87 5.05
CA SER J 30 -15.31 -8.19 5.25
C SER J 30 -16.09 -7.02 5.89
N TRP J 31 -17.29 -6.76 5.39
CA TRP J 31 -18.04 -5.54 5.69
C TRP J 31 -18.38 -5.35 7.16
N SER J 32 -18.35 -6.43 7.96
CA SER J 32 -18.44 -6.32 9.42
C SER J 32 -17.29 -5.58 10.09
N GLN J 33 -17.00 -4.39 9.55
CA GLN J 33 -16.52 -3.25 10.32
C GLN J 33 -17.75 -2.34 10.46
N PHE J 34 -18.85 -2.90 10.98
CA PHE J 34 -20.20 -2.35 10.79
C PHE J 34 -20.51 -2.26 9.30
N VAL J 87 -37.14 -11.42 -12.01
CA VAL J 87 -36.00 -11.10 -11.13
C VAL J 87 -36.14 -9.69 -10.49
N ILE J 88 -35.43 -9.48 -9.38
CA ILE J 88 -35.70 -8.35 -8.44
C ILE J 88 -34.90 -7.14 -8.93
N PRO J 89 -35.60 -6.05 -9.29
CA PRO J 89 -34.96 -4.89 -9.91
C PRO J 89 -33.77 -4.35 -9.12
N MET J 90 -33.90 -4.25 -7.80
CA MET J 90 -32.81 -3.80 -6.97
C MET J 90 -31.60 -4.69 -7.16
N ALA J 91 -31.79 -6.00 -7.23
CA ALA J 91 -30.62 -6.89 -7.41
C ALA J 91 -29.92 -6.62 -8.76
N ALA J 92 -30.70 -6.28 -9.78
CA ALA J 92 -30.22 -6.03 -11.12
C ALA J 92 -29.41 -4.76 -11.07
N VAL J 93 -29.87 -3.75 -10.33
CA VAL J 93 -29.13 -2.51 -10.24
C VAL J 93 -27.82 -2.73 -9.54
N LYS J 94 -27.84 -3.53 -8.48
CA LYS J 94 -26.61 -3.79 -7.70
C LYS J 94 -25.56 -4.49 -8.54
N GLN J 95 -25.99 -5.52 -9.24
CA GLN J 95 -25.10 -6.26 -10.18
C GLN J 95 -24.51 -5.36 -11.29
N ALA J 96 -25.36 -4.54 -11.92
CA ALA J 96 -24.89 -3.58 -12.96
C ALA J 96 -23.86 -2.61 -12.39
N LEU J 97 -24.07 -2.14 -11.16
CA LEU J 97 -23.13 -1.22 -10.52
C LEU J 97 -21.82 -1.88 -10.20
N ARG J 98 -21.86 -3.09 -9.69
CA ARG J 98 -20.64 -3.79 -9.38
C ARG J 98 -19.83 -3.99 -10.66
N GLU J 99 -20.50 -4.44 -11.71
CA GLU J 99 -19.85 -4.71 -12.99
C GLU J 99 -19.32 -3.42 -13.60
N ALA J 100 -20.15 -2.36 -13.64
CA ALA J 100 -19.65 -1.09 -14.12
C ALA J 100 -18.46 -0.58 -13.32
N GLY J 101 -18.41 -0.79 -12.02
CA GLY J 101 -17.27 -0.30 -11.23
C GLY J 101 -15.99 -1.10 -11.56
N ASP J 102 -16.14 -2.41 -11.68
CA ASP J 102 -15.02 -3.25 -12.13
C ASP J 102 -14.54 -2.83 -13.53
N GLU J 103 -15.46 -2.51 -14.42
CA GLU J 103 -15.08 -2.19 -15.75
C GLU J 103 -14.35 -0.85 -15.74
N PHE J 104 -14.87 0.11 -14.97
CA PHE J 104 -14.27 1.43 -14.87
C PHE J 104 -12.85 1.35 -14.33
N GLU J 105 -12.64 0.44 -13.41
CA GLU J 105 -11.35 0.32 -12.74
C GLU J 105 -10.32 -0.28 -13.69
N LEU J 106 -10.81 -1.11 -14.60
CA LEU J 106 -9.96 -1.67 -15.63
C LEU J 106 -9.58 -0.64 -16.67
N ARG J 107 -10.55 0.09 -17.19
CA ARG J 107 -10.28 1.08 -18.23
C ARG J 107 -9.54 2.29 -17.75
N TYR J 108 -9.69 2.67 -16.50
CA TYR J 108 -9.02 3.86 -16.00
C TYR J 108 -8.12 3.51 -14.86
N ARG J 109 -7.43 2.38 -14.97
CA ARG J 109 -6.52 1.89 -13.91
C ARG J 109 -5.38 2.88 -13.66
N ARG J 110 -5.02 3.67 -14.68
CA ARG J 110 -4.00 4.70 -14.48
C ARG J 110 -4.51 5.78 -13.52
N ALA J 111 -5.54 6.53 -13.95
CA ALA J 111 -6.17 7.56 -13.11
C ALA J 111 -6.51 7.00 -11.72
N PHE J 112 -6.95 5.75 -11.67
CA PHE J 112 -7.29 5.06 -10.42
C PHE J 112 -6.06 5.07 -9.51
N SER J 113 -4.98 4.46 -10.02
CA SER J 113 -3.70 4.27 -9.27
C SER J 113 -2.98 5.60 -8.95
N ASP J 114 -3.11 6.57 -9.85
CA ASP J 114 -2.57 7.93 -9.65
C ASP J 114 -3.11 8.58 -8.39
N LEU J 115 -4.44 8.54 -8.24
CA LEU J 115 -5.09 9.11 -7.08
C LEU J 115 -4.76 8.31 -5.83
N THR J 116 -4.87 6.99 -5.91
CA THR J 116 -4.73 6.13 -4.73
C THR J 116 -3.39 6.26 -3.98
N SER J 117 -2.37 6.78 -4.66
CA SER J 117 -1.09 7.11 -4.01
C SER J 117 -0.96 8.63 -3.74
N GLN J 118 -1.87 9.42 -4.29
CA GLN J 118 -1.74 10.88 -4.27
C GLN J 118 -1.95 11.44 -2.85
N LEU J 119 -3.09 11.13 -2.24
CA LEU J 119 -3.46 11.70 -0.94
C LEU J 119 -3.06 10.73 0.16
N HIS J 120 -2.64 11.29 1.29
CA HIS J 120 -2.36 10.50 2.46
C HIS J 120 -3.59 10.62 3.32
N ILE J 121 -4.22 9.49 3.59
CA ILE J 121 -5.49 9.41 4.26
C ILE J 121 -5.30 9.24 5.78
N THR J 122 -5.82 10.20 6.54
CA THR J 122 -5.87 10.12 8.00
C THR J 122 -7.28 10.41 8.45
N PRO J 123 -7.67 9.96 9.67
CA PRO J 123 -9.00 10.32 10.16
C PRO J 123 -9.27 11.84 10.21
N GLY J 124 -8.24 12.65 10.45
CA GLY J 124 -8.39 14.09 10.51
C GLY J 124 -8.45 14.83 9.18
N THR J 125 -8.03 14.16 8.10
CA THR J 125 -8.07 14.81 6.77
C THR J 125 -9.08 14.18 5.78
N ALA J 126 -9.64 13.01 6.14
CA ALA J 126 -10.38 12.18 5.19
C ALA J 126 -11.60 12.91 4.60
N TYR J 127 -12.27 13.72 5.43
CA TYR J 127 -13.55 14.29 5.06
C TYR J 127 -13.31 15.35 4.06
N GLN J 128 -12.30 16.19 4.32
CA GLN J 128 -11.92 17.29 3.42
C GLN J 128 -11.42 16.71 2.08
N SER J 129 -10.59 15.69 2.13
CA SER J 129 -10.16 15.04 0.94
C SER J 129 -11.35 14.49 0.11
N PHE J 130 -12.26 13.77 0.77
CA PHE J 130 -13.42 13.20 0.11
C PHE J 130 -14.17 14.31 -0.55
N GLU J 131 -14.44 15.38 0.20
CA GLU J 131 -15.20 16.51 -0.40
C GLU J 131 -14.52 17.17 -1.60
N GLN J 132 -13.24 17.46 -1.46
CA GLN J 132 -12.50 18.05 -2.58
C GLN J 132 -12.59 17.19 -3.85
N VAL J 133 -12.34 15.91 -3.69
CA VAL J 133 -12.39 15.04 -4.84
C VAL J 133 -13.79 15.02 -5.45
N VAL J 134 -14.79 14.80 -4.62
CA VAL J 134 -16.13 14.66 -5.15
C VAL J 134 -16.62 15.97 -5.78
N ASN J 135 -16.29 17.10 -5.20
CA ASN J 135 -16.57 18.39 -5.88
C ASN J 135 -15.85 18.51 -7.21
N GLU J 136 -14.61 18.04 -7.30
CA GLU J 136 -13.87 18.12 -8.57
C GLU J 136 -14.57 17.27 -9.63
N LEU J 137 -14.89 16.04 -9.26
CA LEU J 137 -15.47 15.07 -10.14
C LEU J 137 -16.73 15.60 -10.75
N PHE J 138 -17.52 16.38 -10.01
CA PHE J 138 -18.83 16.82 -10.54
C PHE J 138 -18.90 18.29 -10.90
N ARG J 139 -17.78 18.98 -10.94
CA ARG J 139 -17.79 20.45 -11.10
C ARG J 139 -18.53 20.91 -12.34
N ASP J 140 -18.35 20.19 -13.46
CA ASP J 140 -18.98 20.51 -14.76
C ASP J 140 -20.27 19.71 -15.02
N GLY J 141 -20.92 19.19 -13.96
CA GLY J 141 -22.20 18.47 -14.08
C GLY J 141 -22.08 16.97 -13.86
N VAL J 142 -23.22 16.33 -13.82
CA VAL J 142 -23.31 14.91 -13.52
C VAL J 142 -23.55 14.15 -14.81
N ASN J 143 -22.95 12.97 -14.91
CA ASN J 143 -23.41 11.94 -15.83
C ASN J 143 -23.22 10.55 -15.18
N TRP J 144 -23.65 9.48 -15.85
CA TRP J 144 -23.62 8.15 -15.25
C TRP J 144 -22.26 7.65 -15.02
N GLY J 145 -21.38 7.89 -15.98
CA GLY J 145 -19.96 7.55 -15.79
C GLY J 145 -19.33 8.20 -14.56
N ARG J 146 -19.68 9.46 -14.30
CA ARG J 146 -19.15 10.14 -13.13
C ARG J 146 -19.69 9.55 -11.84
N ILE J 147 -20.97 9.17 -11.86
CA ILE J 147 -21.56 8.43 -10.75
C ILE J 147 -20.82 7.10 -10.47
N VAL J 148 -20.56 6.28 -11.47
CA VAL J 148 -19.77 5.08 -11.29
C VAL J 148 -18.40 5.36 -10.70
N ALA J 149 -17.76 6.45 -11.14
CA ALA J 149 -16.44 6.87 -10.71
C ALA J 149 -16.49 7.21 -9.20
N PHE J 150 -17.58 7.84 -8.78
CA PHE J 150 -17.84 8.24 -7.36
C PHE J 150 -17.89 7.02 -6.49
N PHE J 151 -18.67 6.01 -6.90
CA PHE J 151 -18.73 4.76 -6.18
C PHE J 151 -17.35 4.16 -6.11
N SER J 152 -16.63 4.12 -7.23
CA SER J 152 -15.33 3.44 -7.23
C SER J 152 -14.31 4.21 -6.42
N PHE J 153 -14.43 5.53 -6.35
CA PHE J 153 -13.57 6.32 -5.44
C PHE J 153 -13.83 5.95 -3.99
N GLY J 154 -15.10 5.95 -3.63
CA GLY J 154 -15.47 5.50 -2.29
C GLY J 154 -14.94 4.12 -1.98
N GLY J 155 -15.06 3.20 -2.94
CA GLY J 155 -14.59 1.80 -2.71
C GLY J 155 -13.09 1.73 -2.47
N ALA J 156 -12.35 2.54 -3.21
CA ALA J 156 -10.89 2.63 -3.04
C ALA J 156 -10.47 3.32 -1.74
N LEU J 157 -11.16 4.39 -1.31
CA LEU J 157 -10.93 4.93 0.08
C LEU J 157 -11.14 3.90 1.16
N CYS J 158 -12.21 3.14 1.08
CA CYS J 158 -12.47 2.16 2.11
C CYS J 158 -11.34 1.14 2.13
N VAL J 159 -10.89 0.62 0.98
CA VAL J 159 -9.88 -0.42 0.96
C VAL J 159 -8.60 0.14 1.51
N GLU J 160 -8.23 1.35 1.07
CA GLU J 160 -7.08 2.05 1.60
C GLU J 160 -7.19 2.21 3.11
N SER J 161 -8.37 2.57 3.61
CA SER J 161 -8.55 2.79 5.06
C SER J 161 -8.25 1.55 5.86
N VAL J 162 -8.79 0.41 5.41
CA VAL J 162 -8.54 -0.86 6.09
C VAL J 162 -7.05 -1.27 6.01
N ASP J 163 -6.47 -1.19 4.83
CA ASP J 163 -5.01 -1.35 4.65
C ASP J 163 -4.14 -0.69 5.75
N LYS J 164 -4.40 0.57 6.02
CA LYS J 164 -3.60 1.36 6.94
C LYS J 164 -4.20 1.37 8.35
N GLU J 165 -5.01 0.38 8.69
CA GLU J 165 -5.51 0.25 10.07
C GLU J 165 -6.42 1.39 10.58
N MET J 166 -7.21 1.98 9.68
CA MET J 166 -8.17 3.02 10.02
C MET J 166 -9.57 2.48 9.71
N GLN J 167 -9.90 1.33 10.23
CA GLN J 167 -11.18 0.64 9.96
C GLN J 167 -12.43 1.44 10.24
N VAL J 168 -12.31 2.39 11.16
CA VAL J 168 -13.42 3.22 11.57
C VAL J 168 -13.92 4.07 10.39
N LEU J 169 -13.03 4.41 9.47
CA LEU J 169 -13.35 5.25 8.34
C LEU J 169 -14.33 4.59 7.37
N VAL J 170 -14.42 3.26 7.40
CA VAL J 170 -15.26 2.57 6.45
C VAL J 170 -16.71 3.05 6.55
N SER J 171 -17.31 2.98 7.73
CA SER J 171 -18.73 3.27 7.82
C SER J 171 -18.95 4.78 7.73
N ARG J 172 -17.95 5.58 8.08
CA ARG J 172 -18.04 7.02 7.82
C ARG J 172 -18.04 7.36 6.35
N ILE J 173 -17.20 6.71 5.57
CA ILE J 173 -17.20 6.91 4.08
C ILE J 173 -18.55 6.53 3.46
N ALA J 174 -19.09 5.41 3.92
CA ALA J 174 -20.37 4.95 3.48
C ALA J 174 -21.42 6.01 3.71
N SER J 175 -21.43 6.60 4.90
CA SER J 175 -22.46 7.61 5.19
C SER J 175 -22.23 8.87 4.38
N TRP J 176 -20.96 9.23 4.15
CA TRP J 176 -20.69 10.42 3.36
C TRP J 176 -21.13 10.23 1.93
N MET J 177 -20.96 9.03 1.44
CA MET J 177 -21.42 8.72 0.07
C MET J 177 -22.94 8.78 -0.06
N ALA J 178 -23.64 8.18 0.88
CA ALA J 178 -25.11 8.20 0.87
C ALA J 178 -25.62 9.62 0.96
N THR J 179 -25.03 10.39 1.87
CA THR J 179 -25.45 11.80 2.07
C THR J 179 -25.28 12.58 0.77
N TYR J 180 -24.14 12.40 0.14
CA TYR J 180 -23.90 13.12 -1.14
C TYR J 180 -24.88 12.67 -2.26
N LEU J 181 -25.07 11.37 -2.38
CA LEU J 181 -26.10 10.89 -3.30
C LEU J 181 -27.44 11.53 -3.01
N ASN J 182 -27.88 11.49 -1.74
CA ASN J 182 -29.25 11.90 -1.41
C ASN J 182 -29.46 13.39 -1.48
N ASP J 183 -28.41 14.14 -1.20
CA ASP J 183 -28.53 15.60 -1.27
C ASP J 183 -28.17 16.23 -2.62
N HIS J 184 -27.23 15.67 -3.37
CA HIS J 184 -26.75 16.36 -4.56
C HIS J 184 -26.97 15.65 -5.87
N LEU J 185 -27.01 14.31 -5.88
CA LEU J 185 -27.09 13.56 -7.11
C LEU J 185 -28.53 13.13 -7.41
N GLU J 186 -29.35 12.98 -6.38
CA GLU J 186 -30.66 12.39 -6.52
C GLU J 186 -31.58 13.12 -7.47
N PRO J 187 -31.67 14.44 -7.34
CA PRO J 187 -32.41 15.24 -8.36
C PRO J 187 -32.00 14.93 -9.81
N TRP J 188 -30.71 14.93 -10.13
CA TRP J 188 -30.28 14.54 -11.47
C TRP J 188 -30.73 13.12 -11.81
N ILE J 189 -30.62 12.18 -10.84
CA ILE J 189 -30.93 10.77 -11.12
C ILE J 189 -32.41 10.59 -11.44
N GLN J 190 -33.27 11.20 -10.63
CA GLN J 190 -34.69 11.25 -10.95
C GLN J 190 -34.97 11.85 -12.32
N GLU J 191 -34.31 12.94 -12.66
CA GLU J 191 -34.58 13.65 -13.88
C GLU J 191 -34.16 12.82 -15.11
N ASN J 192 -33.19 11.93 -14.94
CA ASN J 192 -32.70 11.13 -16.04
C ASN J 192 -33.21 9.70 -16.00
N GLY J 193 -34.35 9.47 -15.36
CA GLY J 193 -35.01 8.17 -15.48
C GLY J 193 -34.73 7.16 -14.39
N GLY J 194 -34.02 7.58 -13.34
CA GLY J 194 -33.76 6.75 -12.17
C GLY J 194 -32.78 5.67 -12.48
N TRP J 195 -32.57 4.80 -11.53
CA TRP J 195 -31.62 3.75 -11.73
C TRP J 195 -31.98 2.76 -12.81
N ASP J 196 -33.23 2.71 -13.21
CA ASP J 196 -33.66 1.88 -14.37
C ASP J 196 -32.92 2.26 -15.66
N THR J 197 -32.78 3.55 -15.88
CA THR J 197 -32.04 4.04 -17.01
C THR J 197 -30.63 3.54 -16.99
N PHE J 198 -30.00 3.58 -15.82
CA PHE J 198 -28.61 3.15 -15.70
C PHE J 198 -28.46 1.70 -16.12
N VAL J 199 -29.35 0.86 -15.63
CA VAL J 199 -29.27 -0.56 -15.93
C VAL J 199 -29.51 -0.83 -17.42
N ASP J 200 -30.41 -0.05 -18.02
CA ASP J 200 -30.70 -0.12 -19.45
C ASP J 200 -29.49 0.24 -20.29
N LEU J 201 -28.84 1.36 -19.96
CA LEU J 201 -27.62 1.75 -20.65
C LEU J 201 -26.50 0.80 -20.36
N TYR J 202 -26.29 0.35 -19.13
CA TYR J 202 -25.16 -0.58 -18.94
C TYR J 202 -25.31 -1.91 -19.74
N GLY J 203 -26.51 -2.48 -19.75
CA GLY J 203 -26.76 -3.77 -20.38
C GLY J 203 -27.21 -3.66 -21.83
N ASN J 204 -27.27 -2.45 -22.39
CA ASN J 204 -27.43 -2.22 -23.83
C ASN J 204 -28.52 -3.08 -24.51
N SER K 9 -10.74 -9.38 -31.01
CA SER K 9 -11.10 -8.12 -30.29
C SER K 9 -10.03 -7.06 -30.41
N GLN K 10 -8.78 -7.48 -30.51
CA GLN K 10 -7.70 -6.55 -30.80
C GLN K 10 -7.73 -6.05 -32.26
N SER K 11 -8.03 -6.95 -33.19
CA SER K 11 -8.18 -6.60 -34.58
C SER K 11 -9.30 -5.51 -34.70
N ASN K 12 -10.48 -5.77 -34.12
CA ASN K 12 -11.56 -4.78 -34.17
C ASN K 12 -11.16 -3.40 -33.63
N ARG K 13 -10.43 -3.39 -32.52
CA ARG K 13 -9.86 -2.13 -32.00
C ARG K 13 -8.92 -1.42 -33.00
N GLU K 14 -8.09 -2.20 -33.68
CA GLU K 14 -7.24 -1.67 -34.73
C GLU K 14 -8.09 -1.00 -35.81
N LEU K 15 -9.11 -1.69 -36.30
CA LEU K 15 -9.96 -1.12 -37.34
C LEU K 15 -10.54 0.19 -36.92
N VAL K 16 -10.95 0.30 -35.65
CA VAL K 16 -11.65 1.50 -35.18
C VAL K 16 -10.68 2.63 -35.20
N VAL K 17 -9.50 2.40 -34.66
CA VAL K 17 -8.51 3.48 -34.57
C VAL K 17 -8.07 3.95 -35.97
N ASP K 18 -7.74 3.00 -36.84
CA ASP K 18 -7.45 3.37 -38.27
C ASP K 18 -8.59 4.19 -38.92
N PHE K 19 -9.82 3.73 -38.77
CA PHE K 19 -10.89 4.48 -39.42
C PHE K 19 -11.05 5.90 -38.88
N LEU K 20 -11.02 6.03 -37.55
CA LEU K 20 -11.23 7.33 -36.96
C LEU K 20 -10.07 8.25 -37.27
N SER K 21 -8.85 7.72 -37.22
CA SER K 21 -7.65 8.55 -37.55
C SER K 21 -7.80 9.12 -38.93
N TYR K 22 -8.14 8.22 -39.86
CA TYR K 22 -8.41 8.62 -41.24
C TYR K 22 -9.43 9.75 -41.31
N LYS K 23 -10.57 9.60 -40.63
CA LYS K 23 -11.62 10.64 -40.75
C LYS K 23 -11.18 11.92 -40.12
N LEU K 24 -10.46 11.85 -39.00
CA LEU K 24 -9.95 13.06 -38.36
C LEU K 24 -8.96 13.78 -39.30
N SER K 25 -8.02 13.02 -39.88
CA SER K 25 -7.04 13.62 -40.81
C SER K 25 -7.67 14.32 -42.03
N GLN K 26 -8.73 13.73 -42.59
CA GLN K 26 -9.49 14.39 -43.64
C GLN K 26 -10.00 15.80 -43.27
N LYS K 27 -10.25 16.05 -42.00
CA LYS K 27 -10.80 17.36 -41.60
C LYS K 27 -9.70 18.24 -41.00
N GLY K 28 -8.47 17.76 -41.07
CA GLY K 28 -7.34 18.57 -40.65
C GLY K 28 -6.85 18.29 -39.25
N TYR K 29 -7.54 17.40 -38.52
CA TYR K 29 -7.18 17.11 -37.14
C TYR K 29 -6.28 15.89 -37.04
N SER K 30 -5.67 15.67 -35.89
CA SER K 30 -4.66 14.59 -35.73
C SER K 30 -4.90 13.65 -34.53
N TRP K 31 -4.88 12.36 -34.79
CA TRP K 31 -5.37 11.34 -33.85
C TRP K 31 -4.66 11.29 -32.51
N SER K 32 -3.34 11.42 -32.50
CA SER K 32 -2.60 11.50 -31.25
C SER K 32 -2.49 12.95 -30.73
N GLN K 33 -3.40 13.84 -31.15
CA GLN K 33 -3.84 14.94 -30.31
C GLN K 33 -4.92 14.46 -29.33
N PHE K 34 -5.37 13.21 -29.51
CA PHE K 34 -6.74 12.74 -29.16
C PHE K 34 -7.71 13.89 -29.06
N PRO K 89 -3.73 -9.06 -45.07
CA PRO K 89 -5.19 -9.01 -45.00
C PRO K 89 -5.75 -7.85 -44.15
N MET K 90 -5.10 -7.53 -43.02
CA MET K 90 -5.52 -6.40 -42.20
C MET K 90 -5.46 -5.09 -43.01
N ALA K 91 -4.40 -4.92 -43.80
CA ALA K 91 -4.26 -3.68 -44.55
C ALA K 91 -5.42 -3.56 -45.50
N ALA K 92 -5.81 -4.67 -46.10
CA ALA K 92 -6.88 -4.67 -47.09
C ALA K 92 -8.22 -4.38 -46.42
N VAL K 93 -8.42 -4.92 -45.22
CA VAL K 93 -9.67 -4.60 -44.48
C VAL K 93 -9.71 -3.09 -44.21
N LYS K 94 -8.60 -2.52 -43.75
CA LYS K 94 -8.57 -1.11 -43.39
C LYS K 94 -8.88 -0.21 -44.53
N GLN K 95 -8.22 -0.52 -45.65
CA GLN K 95 -8.42 0.20 -46.88
C GLN K 95 -9.83 0.10 -47.37
N ALA K 96 -10.41 -1.11 -47.38
CA ALA K 96 -11.76 -1.26 -47.89
C ALA K 96 -12.69 -0.41 -47.04
N LEU K 97 -12.39 -0.37 -45.73
CA LEU K 97 -13.27 0.27 -44.79
C LEU K 97 -13.20 1.78 -44.97
N ARG K 98 -11.99 2.32 -45.05
CA ARG K 98 -11.88 3.74 -45.36
C ARG K 98 -12.63 4.15 -46.63
N GLU K 99 -12.47 3.37 -47.70
CA GLU K 99 -13.10 3.72 -48.97
C GLU K 99 -14.61 3.55 -48.90
N ALA K 100 -15.07 2.43 -48.36
CA ALA K 100 -16.49 2.25 -48.12
C ALA K 100 -17.11 3.41 -47.35
N GLY K 101 -16.37 3.96 -46.39
CA GLY K 101 -16.90 5.03 -45.57
C GLY K 101 -17.02 6.30 -46.33
N ASP K 102 -15.98 6.62 -47.10
CA ASP K 102 -16.06 7.76 -48.06
C ASP K 102 -17.23 7.64 -49.05
N GLU K 103 -17.40 6.48 -49.62
CA GLU K 103 -18.47 6.28 -50.56
C GLU K 103 -19.82 6.42 -49.84
N PHE K 104 -19.98 5.76 -48.67
CA PHE K 104 -21.16 5.95 -47.87
C PHE K 104 -21.48 7.44 -47.63
N GLU K 105 -20.46 8.17 -47.22
CA GLU K 105 -20.63 9.59 -46.91
C GLU K 105 -20.99 10.45 -48.07
N LEU K 106 -20.50 10.10 -49.24
CA LEU K 106 -20.91 10.74 -50.45
C LEU K 106 -22.36 10.42 -50.82
N ARG K 107 -22.76 9.16 -50.88
CA ARG K 107 -24.14 8.83 -51.29
C ARG K 107 -25.21 9.31 -50.31
N TYR K 108 -24.89 9.36 -49.02
CA TYR K 108 -25.90 9.66 -47.99
C TYR K 108 -25.51 10.94 -47.26
N ARG K 109 -24.84 11.82 -48.01
CA ARG K 109 -24.39 13.11 -47.48
C ARG K 109 -25.50 13.93 -46.80
N ARG K 110 -26.72 13.81 -47.32
CA ARG K 110 -27.87 14.50 -46.79
C ARG K 110 -28.16 13.95 -45.40
N ALA K 111 -28.45 12.65 -45.34
CA ALA K 111 -28.71 11.96 -44.07
C ALA K 111 -27.55 12.20 -43.11
N PHE K 112 -26.35 12.13 -43.65
CA PHE K 112 -25.13 12.40 -42.88
C PHE K 112 -25.20 13.77 -42.22
N SER K 113 -25.44 14.79 -43.03
CA SER K 113 -25.46 16.18 -42.58
C SER K 113 -26.70 16.51 -41.70
N ASP K 114 -27.84 15.91 -42.05
CA ASP K 114 -29.07 16.00 -41.22
C ASP K 114 -28.75 15.64 -39.77
N LEU K 115 -28.23 14.43 -39.57
CA LEU K 115 -27.99 13.89 -38.23
C LEU K 115 -26.94 14.69 -37.45
N THR K 116 -25.88 15.11 -38.13
CA THR K 116 -24.75 15.78 -37.47
C THR K 116 -25.16 17.10 -36.78
N SER K 117 -26.20 17.76 -37.28
CA SER K 117 -26.72 18.96 -36.62
C SER K 117 -27.90 18.66 -35.71
N GLN K 118 -28.40 17.42 -35.77
CA GLN K 118 -29.65 17.06 -35.11
C GLN K 118 -29.47 16.98 -33.62
N LEU K 119 -28.57 16.11 -33.18
CA LEU K 119 -28.34 15.91 -31.77
C LEU K 119 -27.29 16.91 -31.33
N HIS K 120 -27.43 17.37 -30.09
CA HIS K 120 -26.52 18.33 -29.52
C HIS K 120 -25.68 17.56 -28.58
N ILE K 121 -24.40 17.49 -28.89
CA ILE K 121 -23.50 16.62 -28.21
C ILE K 121 -22.86 17.31 -27.02
N THR K 122 -23.04 16.71 -25.85
CA THR K 122 -22.30 17.10 -24.63
C THR K 122 -21.72 15.83 -24.05
N PRO K 123 -20.65 15.99 -23.24
CA PRO K 123 -20.10 14.82 -22.54
C PRO K 123 -21.12 14.07 -21.70
N GLY K 124 -22.14 14.74 -21.18
CA GLY K 124 -23.18 14.12 -20.39
C GLY K 124 -24.27 13.42 -21.17
N THR K 125 -24.34 13.63 -22.46
CA THR K 125 -25.43 13.02 -23.26
C THR K 125 -24.90 12.10 -24.35
N ALA K 126 -23.61 12.23 -24.63
CA ALA K 126 -22.97 11.56 -25.73
C ALA K 126 -23.29 10.02 -25.75
N TYR K 127 -23.10 9.34 -24.62
CA TYR K 127 -23.22 7.88 -24.58
C TYR K 127 -24.64 7.42 -24.88
N GLN K 128 -25.60 8.16 -24.40
CA GLN K 128 -26.97 7.79 -24.64
C GLN K 128 -27.33 8.02 -26.09
N SER K 129 -26.95 9.17 -26.61
CA SER K 129 -27.11 9.42 -28.02
C SER K 129 -26.46 8.30 -28.87
N PHE K 130 -25.18 8.01 -28.61
CA PHE K 130 -24.46 6.97 -29.35
C PHE K 130 -25.24 5.64 -29.30
N GLU K 131 -25.64 5.23 -28.11
CA GLU K 131 -26.42 4.01 -27.94
C GLU K 131 -27.79 3.99 -28.63
N GLN K 132 -28.50 5.12 -28.59
CA GLN K 132 -29.82 5.20 -29.26
C GLN K 132 -29.62 5.05 -30.79
N VAL K 133 -28.69 5.81 -31.35
CA VAL K 133 -28.49 5.75 -32.79
C VAL K 133 -28.04 4.34 -33.22
N VAL K 134 -27.09 3.78 -32.51
CA VAL K 134 -26.59 2.46 -32.87
C VAL K 134 -27.68 1.40 -32.73
N ASN K 135 -28.51 1.49 -31.70
CA ASN K 135 -29.64 0.56 -31.57
C ASN K 135 -30.62 0.74 -32.72
N GLU K 136 -30.91 1.99 -33.09
CA GLU K 136 -31.80 2.24 -34.21
C GLU K 136 -31.25 1.62 -35.52
N LEU K 137 -29.96 1.84 -35.75
CA LEU K 137 -29.30 1.40 -36.96
C LEU K 137 -29.40 -0.10 -37.16
N PHE K 138 -29.29 -0.84 -36.07
CA PHE K 138 -29.25 -2.31 -36.16
C PHE K 138 -30.55 -2.99 -35.64
N ARG K 139 -31.58 -2.22 -35.38
CA ARG K 139 -32.85 -2.76 -34.90
C ARG K 139 -33.36 -3.92 -35.75
N ASP K 140 -33.30 -3.79 -37.08
CA ASP K 140 -33.84 -4.79 -38.01
C ASP K 140 -32.84 -5.84 -38.48
N GLY K 141 -31.69 -5.91 -37.82
CA GLY K 141 -30.66 -6.87 -38.20
C GLY K 141 -29.39 -6.21 -38.69
N VAL K 142 -28.36 -7.03 -38.77
CA VAL K 142 -27.08 -6.57 -39.24
C VAL K 142 -26.95 -6.87 -40.74
N ASN K 143 -26.37 -5.92 -41.46
CA ASN K 143 -25.73 -6.21 -42.74
C ASN K 143 -24.48 -5.34 -42.91
N TRP K 144 -23.72 -5.56 -43.98
CA TRP K 144 -22.43 -4.90 -44.14
C TRP K 144 -22.59 -3.42 -44.38
N GLY K 145 -23.59 -3.03 -45.15
CA GLY K 145 -23.89 -1.61 -45.29
C GLY K 145 -24.06 -0.88 -43.96
N ARG K 146 -24.73 -1.54 -43.03
CA ARG K 146 -25.05 -0.91 -41.75
C ARG K 146 -23.81 -0.86 -40.91
N ILE K 147 -22.98 -1.88 -41.01
CA ILE K 147 -21.69 -1.83 -40.36
C ILE K 147 -20.87 -0.61 -40.83
N VAL K 148 -20.83 -0.37 -42.12
CA VAL K 148 -20.07 0.79 -42.64
C VAL K 148 -20.71 2.09 -42.13
N ALA K 149 -22.04 2.12 -42.07
CA ALA K 149 -22.77 3.26 -41.53
C ALA K 149 -22.38 3.54 -40.08
N PHE K 150 -22.24 2.47 -39.32
CA PHE K 150 -21.80 2.50 -37.92
C PHE K 150 -20.43 3.16 -37.77
N PHE K 151 -19.44 2.73 -38.59
CA PHE K 151 -18.09 3.34 -38.57
C PHE K 151 -18.19 4.81 -38.93
N SER K 152 -18.96 5.13 -39.96
CA SER K 152 -19.14 6.50 -40.35
C SER K 152 -19.76 7.35 -39.25
N PHE K 153 -20.73 6.77 -38.56
CA PHE K 153 -21.46 7.54 -37.52
C PHE K 153 -20.43 7.91 -36.46
N GLY K 154 -19.73 6.92 -35.97
CA GLY K 154 -18.64 7.17 -35.05
C GLY K 154 -17.74 8.29 -35.51
N GLY K 155 -17.29 8.27 -36.77
CA GLY K 155 -16.31 9.23 -37.26
C GLY K 155 -16.91 10.61 -37.24
N ALA K 156 -18.16 10.72 -37.62
CA ALA K 156 -18.86 12.01 -37.60
C ALA K 156 -19.02 12.61 -36.18
N LEU K 157 -19.39 11.76 -35.22
CA LEU K 157 -19.34 12.13 -33.80
C LEU K 157 -17.96 12.64 -33.34
N CYS K 158 -16.88 11.97 -33.74
CA CYS K 158 -15.57 12.40 -33.31
C CYS K 158 -15.23 13.78 -33.84
N VAL K 159 -15.51 14.00 -35.12
CA VAL K 159 -15.26 15.28 -35.76
C VAL K 159 -16.10 16.37 -35.12
N GLU K 160 -17.38 16.10 -34.92
CA GLU K 160 -18.25 17.01 -34.18
C GLU K 160 -17.69 17.36 -32.79
N SER K 161 -17.16 16.36 -32.10
CA SER K 161 -16.60 16.55 -30.79
C SER K 161 -15.48 17.58 -30.83
N VAL K 162 -14.55 17.40 -31.77
CA VAL K 162 -13.35 18.24 -31.82
C VAL K 162 -13.73 19.66 -32.25
N ASP K 163 -14.73 19.74 -33.11
CA ASP K 163 -15.33 21.01 -33.51
C ASP K 163 -15.85 21.86 -32.37
N LYS K 164 -16.47 21.21 -31.40
CA LYS K 164 -17.08 21.92 -30.29
C LYS K 164 -16.25 21.89 -29.03
N GLU K 165 -14.95 21.67 -29.15
CA GLU K 165 -14.07 21.72 -28.00
C GLU K 165 -14.43 20.69 -26.92
N MET K 166 -14.80 19.48 -27.35
CA MET K 166 -15.00 18.36 -26.42
C MET K 166 -14.05 17.22 -26.78
N GLN K 167 -12.75 17.49 -26.80
CA GLN K 167 -11.73 16.56 -27.31
C GLN K 167 -11.73 15.20 -26.62
N VAL K 168 -12.15 15.20 -25.37
CA VAL K 168 -12.05 14.02 -24.54
C VAL K 168 -12.99 12.90 -25.06
N LEU K 169 -14.07 13.30 -25.71
CA LEU K 169 -14.98 12.33 -26.28
C LEU K 169 -14.43 11.45 -27.39
N VAL K 170 -13.30 11.83 -27.99
CA VAL K 170 -12.78 11.15 -29.18
C VAL K 170 -12.37 9.74 -28.77
N SER K 171 -11.55 9.64 -27.75
CA SER K 171 -11.07 8.31 -27.37
C SER K 171 -12.19 7.49 -26.71
N ARG K 172 -13.20 8.17 -26.19
CA ARG K 172 -14.30 7.48 -25.57
C ARG K 172 -15.15 6.84 -26.66
N ILE K 173 -15.44 7.62 -27.68
CA ILE K 173 -16.20 7.13 -28.80
C ILE K 173 -15.52 5.92 -29.42
N ALA K 174 -14.20 6.03 -29.57
CA ALA K 174 -13.44 4.92 -30.11
C ALA K 174 -13.72 3.69 -29.31
N SER K 175 -13.71 3.81 -27.97
CA SER K 175 -13.86 2.62 -27.14
C SER K 175 -15.30 2.12 -27.12
N TRP K 176 -16.27 3.03 -27.19
CA TRP K 176 -17.65 2.57 -27.33
C TRP K 176 -17.84 1.80 -28.67
N MET K 177 -17.17 2.24 -29.74
CA MET K 177 -17.30 1.54 -31.03
C MET K 177 -16.64 0.19 -30.97
N ALA K 178 -15.45 0.10 -30.37
CA ALA K 178 -14.78 -1.24 -30.25
C ALA K 178 -15.61 -2.23 -29.42
N THR K 179 -16.12 -1.74 -28.29
CA THR K 179 -16.99 -2.51 -27.46
C THR K 179 -18.22 -3.02 -28.23
N TYR K 180 -18.92 -2.12 -28.89
CA TYR K 180 -20.07 -2.55 -29.61
C TYR K 180 -19.73 -3.61 -30.69
N LEU K 181 -18.63 -3.35 -31.39
CA LEU K 181 -18.14 -4.26 -32.43
C LEU K 181 -17.93 -5.64 -31.86
N ASN K 182 -17.16 -5.71 -30.76
CA ASN K 182 -16.77 -6.97 -30.16
C ASN K 182 -17.89 -7.69 -29.49
N ASP K 183 -18.83 -6.97 -28.88
CA ASP K 183 -19.90 -7.60 -28.12
C ASP K 183 -21.12 -7.94 -29.01
N HIS K 184 -21.47 -7.06 -29.93
CA HIS K 184 -22.74 -7.19 -30.61
C HIS K 184 -22.67 -7.47 -32.09
N LEU K 185 -21.57 -7.16 -32.76
CA LEU K 185 -21.47 -7.31 -34.23
C LEU K 185 -20.61 -8.48 -34.63
N GLU K 186 -19.57 -8.73 -33.86
CA GLU K 186 -18.63 -9.84 -34.13
C GLU K 186 -19.29 -11.22 -34.40
N PRO K 187 -20.32 -11.60 -33.62
CA PRO K 187 -20.99 -12.89 -33.86
C PRO K 187 -21.58 -12.98 -35.25
N TRP K 188 -22.34 -11.94 -35.65
CA TRP K 188 -22.82 -11.85 -37.01
C TRP K 188 -21.67 -11.89 -38.04
N ILE K 189 -20.58 -11.16 -37.77
CA ILE K 189 -19.45 -11.09 -38.72
C ILE K 189 -18.81 -12.47 -38.92
N GLN K 190 -18.58 -13.20 -37.83
CA GLN K 190 -18.03 -14.57 -37.92
C GLN K 190 -18.98 -15.55 -38.60
N GLU K 191 -20.28 -15.40 -38.37
CA GLU K 191 -21.27 -16.22 -39.05
C GLU K 191 -21.30 -15.97 -40.56
N ASN K 192 -20.97 -14.76 -41.01
CA ASN K 192 -21.13 -14.37 -42.41
C ASN K 192 -19.80 -14.31 -43.16
N GLY K 193 -18.82 -15.11 -42.75
CA GLY K 193 -17.53 -15.24 -43.45
C GLY K 193 -16.37 -14.42 -42.94
N GLY K 194 -16.57 -13.64 -41.88
CA GLY K 194 -15.52 -12.74 -41.39
C GLY K 194 -15.33 -11.53 -42.28
N TRP K 195 -14.26 -10.79 -42.00
CA TRP K 195 -13.95 -9.59 -42.72
C TRP K 195 -13.51 -9.83 -44.15
N ASP K 196 -13.02 -11.04 -44.43
CA ASP K 196 -12.70 -11.52 -45.79
C ASP K 196 -13.89 -11.34 -46.69
N THR K 197 -15.08 -11.65 -46.18
CA THR K 197 -16.27 -11.54 -46.99
C THR K 197 -16.62 -10.10 -47.28
N PHE K 198 -16.40 -9.23 -46.30
CA PHE K 198 -16.56 -7.79 -46.55
C PHE K 198 -15.60 -7.29 -47.68
N VAL K 199 -14.34 -7.69 -47.65
CA VAL K 199 -13.40 -7.21 -48.64
C VAL K 199 -13.75 -7.78 -50.03
N ASP K 200 -14.18 -9.02 -50.05
CA ASP K 200 -14.59 -9.63 -51.30
C ASP K 200 -15.76 -8.90 -51.89
N LEU K 201 -16.72 -8.56 -51.04
CA LEU K 201 -17.85 -7.84 -51.52
C LEU K 201 -17.46 -6.45 -51.94
N TYR K 202 -16.63 -5.75 -51.18
CA TYR K 202 -16.33 -4.36 -51.58
C TYR K 202 -15.60 -4.32 -52.92
N GLY K 203 -14.64 -5.22 -53.08
CA GLY K 203 -13.77 -5.25 -54.27
C GLY K 203 -14.33 -6.09 -55.42
N ASN K 204 -15.50 -6.72 -55.20
CA ASN K 204 -16.15 -7.65 -56.15
C ASN K 204 -15.25 -8.79 -56.64
N ASN K 205 -14.84 -9.67 -55.72
CA ASN K 205 -13.64 -10.53 -55.88
C ASN K 205 -12.35 -9.71 -55.95
N MET L 8 2.17 -40.44 27.34
CA MET L 8 2.69 -40.30 28.73
C MET L 8 2.40 -38.89 29.29
N SER L 9 2.35 -38.76 30.62
CA SER L 9 2.08 -37.46 31.28
C SER L 9 3.15 -36.37 31.11
N GLN L 10 4.41 -36.79 30.99
CA GLN L 10 5.50 -35.84 30.69
C GLN L 10 5.46 -35.34 29.26
N SER L 11 5.19 -36.24 28.31
CA SER L 11 4.98 -35.85 26.92
C SER L 11 3.92 -34.75 26.82
N ASN L 12 2.77 -34.99 27.45
CA ASN L 12 1.65 -34.05 27.39
C ASN L 12 2.03 -32.68 27.98
N ARG L 13 2.88 -32.69 28.98
CA ARG L 13 3.34 -31.44 29.56
C ARG L 13 4.23 -30.73 28.54
N GLU L 14 5.08 -31.52 27.87
CA GLU L 14 5.94 -30.99 26.80
C GLU L 14 5.13 -30.34 25.71
N LEU L 15 4.10 -31.02 25.21
CA LEU L 15 3.24 -30.44 24.17
C LEU L 15 2.66 -29.14 24.59
N VAL L 16 2.17 -29.07 25.83
CA VAL L 16 1.47 -27.86 26.30
C VAL L 16 2.44 -26.68 26.32
N VAL L 17 3.60 -26.88 26.94
CA VAL L 17 4.63 -25.82 27.04
C VAL L 17 5.08 -25.37 25.62
N ASP L 18 5.33 -26.30 24.73
CA ASP L 18 5.69 -25.92 23.37
C ASP L 18 4.60 -25.08 22.72
N PHE L 19 3.35 -25.53 22.82
CA PHE L 19 2.30 -24.81 22.13
C PHE L 19 2.16 -23.40 22.67
N LEU L 20 2.16 -23.26 24.00
CA LEU L 20 1.92 -21.94 24.60
C LEU L 20 3.09 -21.04 24.30
N SER L 21 4.31 -21.61 24.28
CA SER L 21 5.51 -20.79 24.01
C SER L 21 5.38 -20.23 22.62
N TYR L 22 5.12 -21.13 21.69
CA TYR L 22 4.85 -20.73 20.34
C TYR L 22 3.77 -19.63 20.26
N LYS L 23 2.64 -19.76 20.97
CA LYS L 23 1.58 -18.73 20.84
C LYS L 23 1.98 -17.40 21.44
N LEU L 24 2.76 -17.45 22.53
CA LEU L 24 3.22 -16.23 23.17
C LEU L 24 4.19 -15.52 22.24
N SER L 25 5.16 -16.27 21.70
CA SER L 25 6.16 -15.68 20.79
C SER L 25 5.50 -15.01 19.58
N GLN L 26 4.45 -15.62 19.03
CA GLN L 26 3.71 -14.97 17.95
C GLN L 26 3.21 -13.57 18.31
N LYS L 27 2.90 -13.34 19.58
CA LYS L 27 2.38 -12.03 19.96
C LYS L 27 3.46 -11.16 20.55
N GLY L 28 4.71 -11.58 20.45
CA GLY L 28 5.84 -10.77 20.86
C GLY L 28 6.33 -11.00 22.28
N TYR L 29 5.61 -11.82 23.05
CA TYR L 29 5.97 -12.08 24.43
C TYR L 29 6.93 -13.28 24.48
N SER L 30 7.40 -13.60 25.68
CA SER L 30 8.35 -14.70 25.88
C SER L 30 7.91 -15.66 26.99
N TRP L 31 8.14 -16.95 26.79
CA TRP L 31 7.71 -17.97 27.76
C TRP L 31 8.38 -17.90 29.13
N SER L 32 9.40 -17.08 29.29
CA SER L 32 9.84 -16.69 30.65
C SER L 32 8.73 -16.00 31.51
N GLN L 33 7.72 -16.79 31.92
CA GLN L 33 6.71 -16.43 32.93
C GLN L 33 6.20 -17.68 33.65
N PRO L 89 7.54 -39.47 16.91
CA PRO L 89 8.42 -38.32 16.87
C PRO L 89 7.74 -37.11 17.48
N MET L 90 8.23 -36.76 18.66
CA MET L 90 7.72 -35.61 19.39
C MET L 90 7.75 -34.33 18.52
N ALA L 91 8.82 -34.12 17.75
CA ALA L 91 8.94 -32.90 16.99
C ALA L 91 7.78 -32.78 16.00
N ALA L 92 7.42 -33.91 15.41
CA ALA L 92 6.36 -33.96 14.42
C ALA L 92 5.00 -33.73 15.05
N VAL L 93 4.83 -34.21 16.28
CA VAL L 93 3.58 -33.90 17.03
C VAL L 93 3.49 -32.41 17.35
N LYS L 94 4.60 -31.81 17.80
CA LYS L 94 4.63 -30.37 18.13
C LYS L 94 4.33 -29.52 16.94
N GLN L 95 4.93 -29.90 15.81
CA GLN L 95 4.77 -29.12 14.61
C GLN L 95 3.34 -29.15 14.14
N ALA L 96 2.76 -30.35 14.11
CA ALA L 96 1.38 -30.51 13.63
C ALA L 96 0.48 -29.62 14.44
N LEU L 97 0.75 -29.61 15.75
CA LEU L 97 -0.13 -29.00 16.71
C LEU L 97 -0.09 -27.49 16.53
N ARG L 98 1.12 -26.93 16.38
CA ARG L 98 1.25 -25.53 16.11
C ARG L 98 0.51 -25.14 14.85
N GLU L 99 0.69 -25.92 13.79
CA GLU L 99 0.09 -25.56 12.52
C GLU L 99 -1.42 -25.69 12.60
N ALA L 100 -1.91 -26.81 13.13
CA ALA L 100 -3.35 -26.98 13.35
C ALA L 100 -3.92 -25.84 14.16
N GLY L 101 -3.22 -25.38 15.18
CA GLY L 101 -3.73 -24.30 16.01
C GLY L 101 -3.88 -23.03 15.21
N ASP L 102 -2.88 -22.73 14.40
CA ASP L 102 -2.92 -21.54 13.52
C ASP L 102 -4.06 -21.63 12.51
N GLU L 103 -4.22 -22.81 11.95
CA GLU L 103 -5.27 -22.99 10.97
C GLU L 103 -6.66 -22.85 11.63
N PHE L 104 -6.83 -23.44 12.80
CA PHE L 104 -8.05 -23.30 13.57
C PHE L 104 -8.37 -21.84 13.89
N GLU L 105 -7.35 -21.11 14.31
CA GLU L 105 -7.57 -19.74 14.70
C GLU L 105 -7.98 -18.93 13.50
N LEU L 106 -7.41 -19.26 12.35
CA LEU L 106 -7.78 -18.60 11.13
C LEU L 106 -9.25 -18.83 10.78
N ARG L 107 -9.68 -20.10 10.78
CA ARG L 107 -11.01 -20.47 10.29
C ARG L 107 -12.10 -19.96 11.22
N TYR L 108 -11.78 -19.94 12.51
CA TYR L 108 -12.78 -19.72 13.53
C TYR L 108 -12.41 -18.46 14.28
N ARG L 109 -11.87 -17.50 13.53
CA ARG L 109 -11.49 -16.20 14.11
C ARG L 109 -12.67 -15.43 14.70
N ARG L 110 -13.87 -15.65 14.16
CA ARG L 110 -15.12 -15.09 14.72
C ARG L 110 -15.40 -15.65 16.12
N ALA L 111 -15.54 -16.97 16.22
CA ALA L 111 -15.76 -17.65 17.51
C ALA L 111 -14.59 -17.36 18.45
N PHE L 112 -13.37 -17.32 17.90
CA PHE L 112 -12.16 -17.03 18.67
C PHE L 112 -12.29 -15.66 19.33
N SER L 113 -12.59 -14.66 18.52
CA SER L 113 -12.69 -13.25 18.96
C SER L 113 -13.91 -13.02 19.88
N ASP L 114 -15.03 -13.66 19.56
CA ASP L 114 -16.21 -13.58 20.42
C ASP L 114 -15.87 -13.92 21.87
N LEU L 115 -15.21 -15.07 22.07
CA LEU L 115 -14.93 -15.61 23.42
C LEU L 115 -13.87 -14.83 24.19
N THR L 116 -12.84 -14.37 23.46
CA THR L 116 -11.74 -13.64 24.08
C THR L 116 -12.15 -12.31 24.72
N SER L 117 -13.27 -11.74 24.28
CA SER L 117 -13.83 -10.56 24.93
C SER L 117 -14.99 -10.93 25.86
N GLN L 118 -15.46 -12.18 25.80
CA GLN L 118 -16.69 -12.59 26.48
C GLN L 118 -16.51 -12.60 27.99
N LEU L 119 -15.56 -13.39 28.46
CA LEU L 119 -15.34 -13.57 29.88
C LEU L 119 -14.26 -12.63 30.38
N HIS L 120 -14.45 -12.10 31.59
CA HIS L 120 -13.54 -11.12 32.16
C HIS L 120 -12.66 -11.86 33.09
N ILE L 121 -11.40 -11.93 32.73
CA ILE L 121 -10.46 -12.82 33.36
C ILE L 121 -9.79 -12.14 34.54
N THR L 122 -9.98 -12.73 35.73
CA THR L 122 -9.26 -12.35 36.94
C THR L 122 -8.65 -13.61 37.53
N PRO L 123 -7.57 -13.45 38.32
CA PRO L 123 -6.98 -14.60 39.01
C PRO L 123 -7.96 -15.41 39.87
N GLY L 124 -9.04 -14.76 40.31
CA GLY L 124 -10.05 -15.39 41.15
C GLY L 124 -11.18 -16.05 40.41
N THR L 125 -11.30 -15.79 39.12
CA THR L 125 -12.37 -16.44 38.32
C THR L 125 -11.78 -17.31 37.22
N ALA L 126 -10.49 -17.21 36.98
CA ALA L 126 -9.86 -17.89 35.86
C ALA L 126 -10.15 -19.42 35.83
N TYR L 127 -9.97 -20.09 36.98
CA TYR L 127 -10.05 -21.53 37.00
C TYR L 127 -11.46 -22.00 36.70
N GLN L 128 -12.44 -21.34 37.29
CA GLN L 128 -13.81 -21.69 37.04
C GLN L 128 -14.16 -21.47 35.56
N SER L 129 -13.74 -20.33 35.01
CA SER L 129 -13.93 -20.03 33.61
C SER L 129 -13.29 -21.15 32.75
N PHE L 130 -12.02 -21.47 33.01
CA PHE L 130 -11.32 -22.47 32.21
C PHE L 130 -12.08 -23.79 32.26
N GLU L 131 -12.53 -24.19 33.42
CA GLU L 131 -13.23 -25.46 33.56
C GLU L 131 -14.58 -25.50 32.87
N GLN L 132 -15.29 -24.38 32.89
CA GLN L 132 -16.63 -24.28 32.27
C GLN L 132 -16.46 -24.40 30.77
N VAL L 133 -15.54 -23.62 30.19
CA VAL L 133 -15.35 -23.67 28.76
C VAL L 133 -14.91 -25.06 28.31
N VAL L 134 -13.97 -25.64 29.03
CA VAL L 134 -13.43 -26.92 28.64
C VAL L 134 -14.50 -27.98 28.75
N ASN L 135 -15.28 -27.96 29.82
CA ASN L 135 -16.41 -28.91 29.93
C ASN L 135 -17.41 -28.72 28.78
N GLU L 136 -17.71 -27.47 28.40
CA GLU L 136 -18.64 -27.19 27.28
C GLU L 136 -18.10 -27.76 25.94
N LEU L 137 -16.85 -27.43 25.68
CA LEU L 137 -16.13 -27.94 24.53
C LEU L 137 -16.21 -29.47 24.37
N PHE L 138 -16.09 -30.21 25.48
CA PHE L 138 -16.05 -31.68 25.40
C PHE L 138 -17.33 -32.35 25.89
N ARG L 139 -18.41 -31.58 26.06
CA ARG L 139 -19.67 -32.17 26.52
C ARG L 139 -20.14 -33.37 25.68
N ASP L 140 -20.21 -33.21 24.38
CA ASP L 140 -20.66 -34.28 23.49
C ASP L 140 -19.56 -35.28 23.04
N GLY L 141 -18.39 -35.24 23.65
CA GLY L 141 -17.33 -36.21 23.30
C GLY L 141 -16.07 -35.54 22.82
N VAL L 142 -15.04 -36.35 22.71
CA VAL L 142 -13.76 -35.91 22.26
C VAL L 142 -13.62 -36.21 20.76
N ASN L 143 -13.02 -35.29 20.03
CA ASN L 143 -12.45 -35.58 18.73
C ASN L 143 -11.20 -34.73 18.57
N TRP L 144 -10.44 -34.94 17.50
CA TRP L 144 -9.18 -34.26 17.37
C TRP L 144 -9.38 -32.78 17.24
N GLY L 145 -10.38 -32.38 16.46
CA GLY L 145 -10.57 -30.95 16.24
C GLY L 145 -10.77 -30.27 17.57
N ARG L 146 -11.52 -30.93 18.44
CA ARG L 146 -11.83 -30.33 19.72
C ARG L 146 -10.55 -30.21 20.56
N ILE L 147 -9.67 -31.19 20.46
CA ILE L 147 -8.41 -31.16 21.16
C ILE L 147 -7.61 -29.95 20.69
N VAL L 148 -7.64 -29.68 19.40
CA VAL L 148 -6.92 -28.52 18.89
C VAL L 148 -7.55 -27.22 19.39
N ALA L 149 -8.89 -27.19 19.43
CA ALA L 149 -9.61 -26.03 19.99
C ALA L 149 -9.24 -25.78 21.47
N PHE L 150 -8.97 -26.86 22.22
CA PHE L 150 -8.58 -26.83 23.61
C PHE L 150 -7.22 -26.12 23.74
N PHE L 151 -6.23 -26.55 22.96
CA PHE L 151 -4.91 -25.92 22.96
C PHE L 151 -5.03 -24.44 22.59
N SER L 152 -5.75 -24.14 21.52
CA SER L 152 -6.00 -22.74 21.15
C SER L 152 -6.67 -21.88 22.24
N PHE L 153 -7.62 -22.47 22.94
CA PHE L 153 -8.27 -21.77 24.01
C PHE L 153 -7.24 -21.41 25.09
N GLY L 154 -6.49 -22.39 25.54
CA GLY L 154 -5.40 -22.18 26.48
C GLY L 154 -4.45 -21.10 25.99
N GLY L 155 -4.06 -21.17 24.72
CA GLY L 155 -3.21 -20.15 24.16
C GLY L 155 -3.81 -18.76 24.27
N ALA L 156 -5.07 -18.62 23.90
CA ALA L 156 -5.76 -17.33 23.97
C ALA L 156 -5.87 -16.76 25.40
N LEU L 157 -6.17 -17.63 26.37
CA LEU L 157 -6.18 -17.21 27.78
C LEU L 157 -4.82 -16.68 28.21
N CYS L 158 -3.74 -17.34 27.84
CA CYS L 158 -2.43 -16.88 28.20
C CYS L 158 -2.15 -15.49 27.62
N VAL L 159 -2.47 -15.30 26.35
CA VAL L 159 -2.22 -14.00 25.71
C VAL L 159 -3.00 -12.91 26.39
N GLU L 160 -4.29 -13.16 26.58
CA GLU L 160 -5.15 -12.26 27.36
C GLU L 160 -4.54 -11.95 28.72
N SER L 161 -4.09 -12.98 29.42
CA SER L 161 -3.54 -12.78 30.74
C SER L 161 -2.40 -11.78 30.74
N VAL L 162 -1.43 -11.99 29.84
CA VAL L 162 -0.27 -11.12 29.77
C VAL L 162 -0.70 -9.70 29.40
N ASP L 163 -1.62 -9.63 28.46
CA ASP L 163 -2.24 -8.36 28.07
C ASP L 163 -2.72 -7.54 29.25
N LYS L 164 -3.40 -8.20 30.19
CA LYS L 164 -4.00 -7.48 31.31
C LYS L 164 -3.15 -7.55 32.58
N GLU L 165 -1.85 -7.72 32.42
CA GLU L 165 -0.94 -7.67 33.55
C GLU L 165 -1.17 -8.75 34.62
N MET L 166 -1.74 -9.89 34.22
CA MET L 166 -1.93 -11.02 35.13
C MET L 166 -1.01 -12.16 34.78
N GLN L 167 0.29 -11.85 34.75
CA GLN L 167 1.31 -12.77 34.25
C GLN L 167 1.32 -14.11 34.96
N VAL L 168 0.91 -14.12 36.23
CA VAL L 168 1.00 -15.34 37.05
C VAL L 168 0.10 -16.48 36.53
N LEU L 169 -0.99 -16.11 35.86
CA LEU L 169 -1.90 -17.07 35.23
C LEU L 169 -1.31 -17.92 34.11
N VAL L 170 -0.22 -17.48 33.50
CA VAL L 170 0.31 -18.19 32.34
C VAL L 170 0.76 -19.59 32.72
N SER L 171 1.59 -19.72 33.74
CA SER L 171 2.08 -21.03 34.08
C SER L 171 0.97 -21.83 34.74
N ARG L 172 -0.01 -21.15 35.34
CA ARG L 172 -1.09 -21.87 35.98
C ARG L 172 -1.96 -22.54 34.89
N ILE L 173 -2.27 -21.78 33.84
CA ILE L 173 -3.04 -22.31 32.71
C ILE L 173 -2.32 -23.50 32.07
N ALA L 174 -1.02 -23.40 31.94
CA ALA L 174 -0.25 -24.52 31.47
C ALA L 174 -0.50 -25.77 32.30
N SER L 175 -0.53 -25.62 33.63
CA SER L 175 -0.65 -26.82 34.45
C SER L 175 -2.11 -27.33 34.40
N TRP L 176 -3.08 -26.43 34.29
CA TRP L 176 -4.47 -26.87 34.17
C TRP L 176 -4.66 -27.60 32.85
N MET L 177 -4.08 -27.09 31.77
CA MET L 177 -4.10 -27.82 30.50
C MET L 177 -3.48 -29.20 30.61
N ALA L 178 -2.30 -29.30 31.21
CA ALA L 178 -1.60 -30.58 31.31
C ALA L 178 -2.39 -31.58 32.11
N THR L 179 -2.88 -31.11 33.27
CA THR L 179 -3.79 -31.91 34.10
C THR L 179 -5.01 -32.41 33.32
N TYR L 180 -5.69 -31.52 32.60
CA TYR L 180 -6.87 -31.94 31.86
C TYR L 180 -6.52 -32.98 30.78
N LEU L 181 -5.46 -32.70 30.05
CA LEU L 181 -4.95 -33.65 29.07
C LEU L 181 -4.78 -35.00 29.70
N ASN L 182 -3.99 -35.05 30.77
CA ASN L 182 -3.60 -36.31 31.36
C ASN L 182 -4.77 -37.04 32.00
N ASP L 183 -5.64 -36.31 32.68
CA ASP L 183 -6.75 -36.97 33.38
C ASP L 183 -7.94 -37.33 32.46
N HIS L 184 -8.33 -36.45 31.54
CA HIS L 184 -9.60 -36.63 30.79
C HIS L 184 -9.44 -36.89 29.34
N LEU L 185 -8.33 -36.50 28.74
CA LEU L 185 -8.19 -36.64 27.28
C LEU L 185 -7.36 -37.84 26.85
N GLU L 186 -6.37 -38.17 27.68
CA GLU L 186 -5.39 -39.22 27.39
C GLU L 186 -6.01 -40.58 27.11
N PRO L 187 -7.05 -40.97 27.89
CA PRO L 187 -7.73 -42.24 27.58
C PRO L 187 -8.27 -42.31 26.17
N TRP L 188 -9.01 -41.29 25.74
CA TRP L 188 -9.53 -41.22 24.37
C TRP L 188 -8.41 -41.21 23.36
N ILE L 189 -7.32 -40.51 23.67
CA ILE L 189 -6.18 -40.44 22.77
C ILE L 189 -5.59 -41.82 22.50
N GLN L 190 -5.33 -42.58 23.57
CA GLN L 190 -4.76 -43.91 23.46
C GLN L 190 -5.69 -44.86 22.74
N GLU L 191 -6.98 -44.73 22.99
CA GLU L 191 -7.98 -45.55 22.32
C GLU L 191 -8.05 -45.32 20.79
N ASN L 192 -7.74 -44.11 20.35
CA ASN L 192 -7.87 -43.75 18.95
C ASN L 192 -6.50 -43.65 18.22
N GLY L 193 -5.49 -44.38 18.70
CA GLY L 193 -4.21 -44.52 18.00
C GLY L 193 -3.07 -43.62 18.48
N GLY L 194 -3.32 -42.86 19.55
CA GLY L 194 -2.30 -41.95 20.08
C GLY L 194 -1.98 -40.79 19.17
N TRP L 195 -0.95 -40.04 19.53
CA TRP L 195 -0.62 -38.85 18.80
C TRP L 195 -0.16 -39.12 17.38
N ASP L 196 0.28 -40.35 17.10
CA ASP L 196 0.63 -40.77 15.73
C ASP L 196 -0.53 -40.60 14.79
N THR L 197 -1.70 -41.00 15.23
CA THR L 197 -2.90 -40.86 14.41
C THR L 197 -3.19 -39.39 14.12
N PHE L 198 -3.02 -38.51 15.12
CA PHE L 198 -3.25 -37.07 14.90
C PHE L 198 -2.34 -36.55 13.82
N VAL L 199 -1.07 -36.92 13.88
CA VAL L 199 -0.09 -36.49 12.90
C VAL L 199 -0.44 -37.02 11.51
N ASP L 200 -0.84 -38.29 11.43
CA ASP L 200 -1.24 -38.90 10.14
C ASP L 200 -2.43 -38.14 9.52
N LEU L 201 -3.43 -37.83 10.33
CA LEU L 201 -4.59 -37.14 9.85
C LEU L 201 -4.24 -35.74 9.46
N TYR L 202 -3.36 -35.05 10.19
CA TYR L 202 -3.11 -33.63 9.86
C TYR L 202 -2.30 -33.51 8.57
N GLY L 203 -1.39 -34.46 8.37
CA GLY L 203 -0.45 -34.43 7.25
C GLY L 203 -0.88 -35.34 6.13
N ASN L 204 -1.94 -36.12 6.35
CA ASN L 204 -2.43 -37.09 5.37
C ASN L 204 -1.45 -38.23 5.06
C4 1XJ M . 17.47 25.86 14.29
C5 1XJ M . 17.39 26.36 16.64
C6 1XJ M . 17.28 36.15 15.77
C7 1XJ M . 17.81 35.20 17.92
C8 1XJ M . 17.56 34.92 15.18
C10 1XJ M . 13.14 39.98 18.12
C13 1XJ M . 14.53 39.80 18.45
C15 1XJ M . 16.01 26.08 16.65
C17 1XJ M . 18.11 26.19 15.46
C20 1XJ M . 12.12 39.27 18.85
C21 1XJ M . 11.34 36.41 16.62
C22 1XJ M . 14.84 38.98 19.52
C24 1XJ M . 15.43 25.70 15.46
C26 1XJ M . 20.19 27.69 14.68
C28 1XJ M . 20.27 25.58 16.05
C1 1XJ M . 13.72 35.20 17.45
C2 1XJ M . 13.75 36.24 16.54
C3 1XJ M . 12.49 34.80 17.96
C9 1XJ M . 18.13 33.99 17.31
C11 1XJ M . 12.57 36.85 16.15
C12 1XJ M . 11.31 35.37 17.53
C14 1XJ M . 16.13 25.58 14.27
C16 1XJ M . 13.89 38.32 20.31
C18 1XJ M . 17.44 36.25 17.14
C19 1XJ M . 18.02 33.83 15.95
C23 1XJ M . 12.56 38.44 19.91
C25 1XJ M . 19.54 26.53 15.22
C27 1XJ M . 17.08 37.46 17.91
C29 1XJ M . 21.63 27.85 14.45
C30 1XJ M . 21.77 25.97 16.10
C31 1XJ M . 19.04 31.60 16.25
C32 1XJ M . 17.79 32.11 14.19
C33 1XJ M . 19.32 30.19 15.76
C34 1XJ M . 18.72 31.10 13.64
C35 1XJ M . 5.84 41.42 15.55
C36 1XJ M . 5.91 41.09 17.93
C37 1XJ M . 4.39 40.94 15.51
C38 1XJ M . 4.40 40.88 17.89
C39 1XJ M . 22.37 26.56 14.79
C40 1XJ M . 23.80 26.96 14.92
C41 1XJ M . 22.22 25.54 13.69
C42 1XJ M . 19.21 28.58 13.98
C43 1XJ M . 8.78 40.12 17.46
C44 1XJ M . 7.96 40.99 16.57
C45 1XJ M . 10.48 38.94 16.03
C46 1XJ M . 10.20 39.81 17.21
C47 1XJ M . 11.03 38.88 22.18
N48 1XJ M . 18.36 32.55 15.38
N51 1XJ M . 10.74 39.48 18.49
N52 1XJ M . 17.10 37.46 19.31
N49 1XJ M . 18.75 29.90 14.44
N50 1XJ M . 6.54 40.77 16.62
O53 1XJ M . 16.62 38.45 17.41
O54 1XJ M . 10.19 37.19 20.47
O55 1XJ M . 12.23 36.57 21.77
O56 1XJ M . 16.51 38.65 21.38
O57 1XJ M . 17.12 40.05 19.48
O58 1XJ M . 3.77 41.27 16.70
F59 1XJ M . 10.09 38.36 22.92
F60 1XJ M . 12.03 39.25 22.97
F61 1XJ M . 10.48 39.97 21.63
S62 1XJ M . 9.88 37.24 16.08
S63 1XJ M . 11.49 37.62 21.01
S64 1XJ M . 16.48 38.78 19.94
CL6 1XJ M . 13.75 25.28 15.32
C4 1XJ N . -17.87 -44.49 -4.30
C5 1XJ N . -16.31 -42.82 -5.05
C6 1XJ N . -15.13 -44.37 -14.47
C7 1XJ N . -13.46 -42.89 -13.45
C8 1XJ N . -15.39 -44.79 -13.16
C10 1XJ N . -16.15 -40.50 -19.24
C13 1XJ N . -14.96 -41.08 -18.78
C15 1XJ N . -17.34 -41.93 -5.14
C17 1XJ N . -16.58 -44.09 -4.58
C20 1XJ N . -16.47 -39.21 -18.80
C21 1XJ N . -18.93 -40.20 -16.27
C22 1XJ N . -14.14 -40.34 -17.90
C24 1XJ N . -18.61 -42.32 -4.81
C26 1XJ N . -15.03 -46.02 -5.54
C28 1XJ N . -14.72 -44.73 -3.41
C1 1XJ N . -16.92 -40.48 -14.38
C2 1XJ N . -17.22 -41.52 -15.22
C3 1XJ N . -17.64 -39.29 -14.47
C9 1XJ N . -13.77 -43.32 -12.17
C11 1XJ N . -18.21 -41.39 -16.19
C12 1XJ N . -18.63 -39.14 -15.43
C14 1XJ N . -18.92 -43.60 -4.37
C16 1XJ N . -14.44 -39.05 -17.48
C18 1XJ N . -14.12 -43.45 -14.59
C19 1XJ N . -14.77 -44.30 -12.00
C23 1XJ N . -15.63 -38.52 -17.94
C25 1XJ N . -15.54 -45.12 -4.55
C27 1XJ N . -13.79 -42.93 -15.92
C29 1XJ N . -14.26 -47.19 -5.06
C30 1XJ N . -13.86 -45.94 -2.96
C31 1XJ N . -14.38 -44.45 -9.59
C32 1XJ N . -15.73 -46.15 -10.61
C33 1XJ N . -15.04 -44.68 -8.25
C34 1XJ N . -16.50 -46.26 -9.33
C35 1XJ N . -22.94 -38.61 -22.19
C36 1XJ N . -21.82 -36.44 -21.79
C37 1XJ N . -24.22 -37.86 -22.04
C38 1XJ N . -23.15 -35.79 -21.99
C39 1XJ N . -13.15 -46.69 -4.14
C40 1XJ N . -12.27 -45.73 -4.86
C41 1XJ N . -12.31 -47.85 -3.71
C42 1XJ N . -16.03 -46.14 -6.69
C43 1XJ N . -19.72 -38.15 -20.30
C44 1XJ N . -20.72 -38.58 -21.30
C45 1XJ N . -19.51 -40.36 -19.06
C46 1XJ N . -18.83 -39.22 -19.78
C47 1XJ N . -15.39 -35.75 -18.63
N48 1XJ N . -15.17 -44.85 -10.71
N51 1XJ N . -17.65 -38.59 -19.26
N52 1XJ N . -13.03 -41.73 -15.96
N49 1XJ N . -15.72 -45.97 -8.13
N50 1XJ N . -21.93 -37.87 -21.50
O53 1XJ N . -14.17 -43.41 -16.94
O54 1XJ N . -17.32 -36.53 -17.19
O55 1XJ N . -15.20 -36.60 -16.19
O56 1XJ N . -11.88 -39.80 -17.11
O57 1XJ N . -12.15 -41.82 -18.39
O58 1XJ N . -24.09 -36.62 -22.64
F59 1XJ N . -15.76 -34.52 -18.30
F60 1XJ N . -14.08 -35.74 -18.76
F61 1XJ N . -15.93 -36.17 -19.77
S62 1XJ N . -20.22 -40.05 -17.44
S63 1XJ N . -15.95 -36.87 -17.38
S64 1XJ N . -12.65 -41.01 -17.31
CL6 1XJ N . -19.88 -41.15 -4.94
C4 1XJ O . 19.83 -29.45 -13.30
C5 1XJ O . 19.55 -28.65 -11.03
C6 1XJ O . 19.40 -18.90 -11.85
C7 1XJ O . 20.15 -19.69 -9.72
C8 1XJ O . 19.74 -20.16 -12.38
C10 1XJ O . 15.34 -15.19 -9.72
C13 1XJ O . 16.71 -15.29 -9.39
C15 1XJ O . 18.20 -28.96 -11.07
C17 1XJ O . 20.36 -28.94 -12.12
C20 1XJ O . 14.39 -15.76 -8.85
C21 1XJ O . 13.54 -18.56 -11.03
C22 1XJ O . 17.07 -15.95 -8.19
C24 1XJ O . 17.71 -29.52 -12.25
C26 1XJ O . 22.51 -27.33 -12.39
C28 1XJ O . 22.32 -29.48 -11.14
C1 1XJ O . 15.58 -20.04 -9.87
C2 1XJ O . 15.87 -19.04 -10.82
C3 1XJ O . 14.25 -20.28 -9.51
C9 1XJ O . 20.49 -20.94 -10.28
C11 1XJ O . 14.86 -18.29 -11.39
C12 1XJ O . 13.25 -19.54 -10.10
C14 1XJ O . 18.49 -29.77 -13.37
C16 1XJ O . 16.17 -16.52 -7.30
C18 1XJ O . 19.63 -18.67 -10.50
C19 1XJ O . 20.29 -21.20 -11.61
C23 1XJ O . 14.85 -16.39 -7.69
C25 1XJ O . 21.80 -28.54 -12.15
C27 1XJ O . 19.23 -17.41 -9.82
C29 1XJ O . 23.98 -27.40 -12.56
C30 1XJ O . 23.84 -29.34 -10.99
C31 1XJ O . 21.47 -23.32 -11.39
C32 1XJ O . 20.66 -22.70 -13.59
C33 1XJ O . 21.41 -24.80 -11.78
C34 1XJ O . 20.53 -24.15 -13.94
C35 1XJ O . 8.01 -13.50 -12.08
C36 1XJ O . 8.06 -14.00 -9.72
C37 1XJ O . 6.59 -13.99 -12.20
C38 1XJ O . 6.60 -14.31 -9.84
C39 1XJ O . 24.52 -28.82 -12.27
C40 1XJ O . 26.01 -28.68 -12.08
C41 1XJ O . 24.16 -29.76 -13.37
C42 1XJ O . 21.75 -26.48 -13.41
C43 1XJ O . 10.98 -14.93 -10.07
C44 1XJ O . 10.12 -14.28 -11.09
C45 1XJ O . 12.78 -15.92 -11.57
C46 1XJ O . 12.41 -15.21 -10.33
C47 1XJ O . 13.13 -15.97 -5.43
N48 1XJ O . 20.65 -22.48 -12.19
N51 1XJ O . 13.00 -15.70 -9.13
N52 1XJ O . 19.28 -17.37 -8.43
N49 1XJ O . 21.45 -25.06 -13.23
N50 1XJ O . 8.68 -14.24 -11.03
O53 1XJ O . 18.77 -16.45 -10.38
O54 1XJ O . 12.60 -17.61 -7.48
O55 1XJ O . 14.25 -18.35 -6.01
O56 1XJ O . 18.81 -16.08 -6.29
O57 1XJ O . 19.47 -14.88 -8.19
O58 1XJ O . 5.97 -13.76 -10.97
F59 1XJ O . 12.37 -16.45 -4.45
F60 1XJ O . 14.12 -15.43 -4.78
F61 1XJ O . 12.45 -15.08 -6.14
S62 1XJ O . 12.26 -17.63 -11.78
S63 1XJ O . 13.68 -17.13 -6.63
S64 1XJ O . 18.75 -16.05 -7.73
CL6 1XJ O . 16.04 -29.93 -12.33
C4 1XJ P . -19.82 10.62 23.63
C5 1XJ P . -18.39 12.38 22.85
C6 1XJ P . -17.20 10.80 13.38
C7 1XJ P . -15.62 12.38 14.42
C8 1XJ P . -17.51 10.35 14.67
C10 1XJ P . -18.40 14.65 8.76
C13 1XJ P . -17.20 14.11 9.16
C15 1XJ P . -19.49 13.26 22.81
C17 1XJ P . -18.57 11.09 23.32
C20 1XJ P . -18.77 15.90 9.24
C21 1XJ P . -21.28 14.90 11.58
C22 1XJ P . -16.36 14.84 10.03
C24 1XJ P . -20.74 12.79 23.20
C26 1XJ P . -17.12 9.10 22.31
C28 1XJ P . -16.73 10.37 24.46
C1 1XJ P . -19.24 14.38 13.32
C2 1XJ P . -19.75 13.34 12.54
C3 1XJ P . -19.76 15.65 13.30
C9 1XJ P . -15.94 11.91 15.72
C11 1XJ P . -20.76 13.59 11.64
C12 1XJ P . -20.78 15.91 12.38
C14 1XJ P . -20.92 11.47 23.61
C16 1XJ P . -16.68 16.08 10.50
C18 1XJ P . -16.24 11.80 13.29
C19 1XJ P . -16.89 10.90 15.83
C23 1XJ P . -17.89 16.58 10.08
C25 1XJ P . -17.53 10.07 23.28
C27 1XJ P . -15.91 12.38 11.98
C29 1XJ P . -16.46 7.85 22.78
C30 1XJ P . -15.95 9.08 24.88
C31 1XJ P . -16.37 10.64 18.18
C32 1XJ P . -18.05 9.18 17.19
C33 1XJ P . -17.07 10.56 19.51
C34 1XJ P . -18.69 9.12 18.52
C35 1XJ P . -25.18 16.48 5.59
C36 1XJ P . -23.93 18.58 6.09
C37 1XJ P . -26.41 17.31 5.54
C38 1XJ P . -25.22 19.38 6.12
C39 1XJ P . -15.31 8.31 23.70
C40 1XJ P . -14.42 9.25 22.93
C41 1XJ P . -14.48 7.14 24.13
C42 1XJ P . -18.08 9.13 21.12
C43 1XJ P . -21.91 16.84 7.49
C44 1XJ P . -22.90 16.47 6.45
C45 1XJ P . -21.92 14.73 8.89
C46 1XJ P . -21.11 15.80 8.19
C47 1XJ P . -17.61 19.24 9.34
N48 1XJ P . -17.25 10.36 17.11
N51 1XJ P . -20.02 16.48 8.86
N52 1XJ P . -15.04 13.51 11.95
N49 1XJ P . -17.79 9.28 19.67
N50 1XJ P . -24.15 17.17 6.35
O53 1XJ P . -16.39 11.97 10.96
O54 1XJ P . -19.59 18.45 10.85
O55 1XJ P . -17.42 18.45 11.92
O56 1XJ P . -13.94 15.33 10.75
O57 1XJ P . -14.36 13.10 9.66
O58 1XJ P . -26.17 18.69 5.36
F59 1XJ P . -17.87 20.52 9.57
F60 1XJ P . -16.30 19.09 9.17
F61 1XJ P . -18.19 18.86 8.19
S62 1XJ P . -22.60 15.22 10.46
S63 1XJ P . -18.20 18.22 10.68
S64 1XJ P . -14.79 14.17 10.58
CL6 1XJ P . -22.13 13.86 23.17
C4 1XJ Q . 0.61 31.19 -20.58
C5 1XJ Q . 2.74 31.64 -21.65
C6 1XJ Q . 2.47 39.70 -26.21
C7 1XJ Q . 4.16 38.12 -26.92
C8 1XJ Q . 1.77 38.62 -25.65
C10 1XJ Q . 6.42 44.55 -26.03
C13 1XJ Q . 6.16 43.72 -27.10
C15 1XJ Q . 3.29 32.04 -20.44
C17 1XJ Q . 1.44 31.17 -21.71
C20 1XJ Q . 7.51 44.27 -25.20
C21 1XJ Q . 5.79 42.91 -22.46
C22 1XJ Q . 6.98 42.61 -27.33
C24 1XJ Q . 2.46 32.03 -19.32
C26 1XJ Q . -0.09 31.43 -23.93
C28 1XJ Q . 1.32 29.46 -23.16
C1 1XJ Q . 5.55 40.49 -23.74
C2 1XJ Q . 4.62 41.48 -23.96
C3 1XJ Q . 6.62 40.72 -22.86
C9 1XJ Q . 3.42 37.06 -26.34
C11 1XJ Q . 4.73 42.68 -23.30
C12 1XJ Q . 6.74 41.94 -22.22
C14 1XJ Q . 1.12 31.60 -19.37
C16 1XJ Q . 8.05 42.31 -26.56
C18 1XJ Q . 3.67 39.43 -26.87
C19 1XJ Q . 2.21 37.29 -25.69
C23 1XJ Q . 8.29 43.14 -25.51
C25 1XJ Q . 0.78 30.81 -22.97
C27 1XJ Q . 4.45 40.57 -27.49
C29 1XJ Q . -0.98 30.63 -24.81
C30 1XJ Q . 0.25 28.62 -23.89
C31 1XJ Q . 1.50 34.99 -25.72
C32 1XJ Q . 0.38 36.41 -24.11
C33 1XJ Q . 1.02 33.87 -24.83
C34 1XJ Q . -0.76 35.44 -24.34
C35 1XJ Q . 7.25 49.75 -20.17
C36 1XJ Q . 9.54 49.24 -20.68
C37 1XJ Q . 7.64 49.93 -18.72
C38 1XJ Q . 9.61 50.50 -19.83
C39 1XJ Q . -0.35 29.28 -25.15
C40 1XJ Q . 0.74 29.44 -26.16
C41 1XJ Q . -1.44 28.44 -25.74
C42 1XJ Q . -0.56 32.83 -23.52
C43 1XJ Q . 7.97 46.93 -22.59
C44 1XJ Q . 7.80 48.37 -22.20
C45 1XJ Q . 5.77 45.74 -22.91
C46 1XJ Q . 7.05 46.17 -23.52
C47 1XJ Q . 11.01 43.68 -25.26
N48 1XJ Q . 1.43 36.25 -25.06
N51 1XJ Q . 7.82 45.13 -24.11
N52 1XJ Q . 5.74 40.35 -28.02
N49 1XJ Q . -0.36 34.02 -24.36
N50 1XJ Q . 8.15 48.85 -20.88
O53 1XJ Q . 4.01 41.69 -27.56
O54 1XJ Q . 9.54 42.83 -23.20
O55 1XJ Q . 10.02 41.27 -24.91
O56 1XJ Q . 7.81 40.91 -29.21
O57 1XJ Q . 5.89 42.23 -29.67
O58 1XJ Q . 8.95 50.38 -18.60
F59 1XJ Q . 12.22 43.52 -24.68
F60 1XJ Q . 11.12 43.43 -26.57
F61 1XJ Q . 10.63 44.95 -25.03
S62 1XJ Q . 5.88 44.47 -21.66
S63 1XJ Q . 9.72 42.64 -24.60
S64 1XJ Q . 6.62 41.52 -28.65
CL6 1XJ Q . 3.06 32.56 -17.76
C4 1XJ R . 13.27 -1.21 35.95
C5 1XJ R . 15.49 -1.13 34.92
C6 1XJ R . 15.12 6.80 30.31
C7 1XJ R . 16.81 5.25 29.43
C8 1XJ R . 14.47 5.70 30.87
C10 1XJ R . 18.98 11.84 30.30
C13 1XJ R . 18.66 10.94 29.26
C15 1XJ R . 16.00 -0.73 36.17
C17 1XJ R . 14.11 -1.40 34.84
C20 1XJ R . 20.15 11.61 31.11
C21 1XJ R . 18.19 10.14 34.10
C22 1XJ R . 19.52 9.84 29.10
C24 1XJ R . 15.13 -0.57 37.28
C26 1XJ R . 12.23 -1.35 32.88
C28 1XJ R . 13.90 -3.15 33.51
C1 1XJ R . 18.12 7.74 32.69
C2 1XJ R . 17.15 8.74 32.47
C3 1XJ R . 19.15 7.96 33.60
C9 1XJ R . 16.11 4.16 30.01
C11 1XJ R . 17.17 9.92 33.18
C12 1XJ R . 19.19 9.17 34.30
C14 1XJ R . 13.76 -0.80 37.19
C16 1XJ R . 20.65 9.58 29.86
C18 1XJ R . 16.28 6.56 29.57
C19 1XJ R . 14.93 4.38 30.75
C23 1XJ R . 20.93 10.46 30.89
C25 1XJ R . 13.40 -1.77 33.60
C27 1XJ R . 17.01 7.74 28.99
C29 1XJ R . 11.49 -2.20 31.93
C30 1XJ R . 12.93 -4.01 32.67
C31 1XJ R . 14.53 1.99 31.29
C32 1XJ R . 12.83 3.65 31.85
C33 1XJ R . 13.43 0.95 31.51
C34 1XJ R . 12.37 2.67 32.89
C35 1XJ R . 19.65 16.70 35.60
C36 1XJ R . 21.99 16.45 35.46
C37 1XJ R . 19.79 17.20 37.04
C38 1XJ R . 22.20 17.14 36.82
C39 1XJ R . 12.43 -3.27 31.42
C40 1XJ R . 13.66 -2.71 30.78
C41 1XJ R . 11.65 -4.10 30.45
C42 1XJ R . 11.75 0.08 33.06
C43 1XJ R . 19.37 14.33 33.58
C44 1XJ R . 20.60 14.96 34.11
C45 1XJ R . 19.76 12.16 34.30
C46 1XJ R . 19.48 12.93 33.11
C47 1XJ R . 23.63 11.17 31.14
N48 1XJ R . 14.13 3.35 31.38
N51 1XJ R . 20.44 12.56 32.13
N52 1XJ R . 18.27 7.52 28.46
N49 1XJ R . 12.30 1.30 32.39
N50 1XJ R . 20.67 15.75 35.31
O53 1XJ R . 16.58 8.88 28.94
O54 1XJ R . 22.19 10.19 33.27
O55 1XJ R . 22.78 8.70 31.56
O56 1XJ R . 20.36 8.17 27.34
O57 1XJ R . 18.43 9.41 26.77
O58 1XJ R . 21.06 17.70 37.42
F59 1XJ R . 24.81 10.86 31.65
F60 1XJ R . 23.77 10.90 29.82
F61 1XJ R . 23.29 12.49 31.34
S62 1XJ R . 18.27 11.63 34.98
S63 1XJ R . 22.41 10.08 31.85
S64 1XJ R . 19.13 8.70 27.84
CL6 1XJ R . 15.75 -0.07 38.83
C4 1XJ S . 20.22 5.57 -8.68
C5 1XJ S . 18.47 4.59 -10.00
C6 1XJ S . 14.64 13.11 -13.07
C7 1XJ S . 13.19 11.11 -13.26
C8 1XJ S . 15.39 12.43 -12.15
C10 1XJ S . 13.39 14.82 -19.08
C13 1XJ S . 12.52 14.59 -18.01
C15 1XJ S . 19.36 4.36 -11.01
C17 1XJ S . 18.93 5.16 -8.84
C20 1XJ S . 13.62 13.74 -19.95
C21 1XJ S . 17.03 12.82 -18.80
C22 1XJ S . 11.92 13.34 -17.85
C24 1XJ S . 20.66 4.72 -10.81
C26 1XJ S . 17.25 6.72 -7.44
C28 1XJ S . 17.57 4.20 -7.44
C1 1XJ S . 15.84 11.11 -16.96
C2 1XJ S . 15.97 12.46 -16.63
C3 1XJ S . 16.28 10.63 -18.20
C9 1XJ S . 13.99 10.46 -12.32
C11 1XJ S . 16.57 13.30 -17.55
C12 1XJ S . 16.87 11.51 -19.13
C14 1XJ S . 21.13 5.32 -9.68
C16 1XJ S . 12.12 12.27 -18.71
C18 1XJ S . 13.53 12.44 -13.59
C19 1XJ S . 15.08 11.12 -11.76
C23 1XJ S . 12.99 12.52 -19.76
C25 1XJ S . 18.03 5.55 -7.77
C27 1XJ S . 12.70 13.09 -14.63
C29 1XJ S . 16.72 6.80 -6.07
C30 1XJ S . 16.54 4.33 -6.32
C31 1XJ S . 15.46 9.15 -10.43
C32 1XJ S . 16.82 11.16 -9.99
C33 1XJ S . 16.57 8.33 -9.80
C34 1XJ S . 17.83 10.21 -9.39
C35 1XJ S . 18.22 17.33 -24.54
C36 1XJ S . 17.10 15.32 -25.51
C37 1XJ S . 19.43 16.90 -25.26
C38 1XJ S . 18.32 15.32 -26.38
C39 1XJ S . 16.94 5.46 -5.34
C40 1XJ S . 16.10 5.45 -4.11
C41 1XJ S . 18.39 5.31 -5.00
C42 1XJ S . 17.94 7.98 -7.96
C43 1XJ S . 16.21 14.69 -22.54
C44 1XJ S . 16.72 15.99 -23.10
C45 1XJ S . 16.47 15.21 -20.11
C46 1XJ S . 15.55 14.84 -21.22
C47 1XJ S . 12.17 11.47 -22.26
N48 1XJ S . 15.91 10.45 -10.80
N51 1XJ S . 14.49 13.89 -21.04
N52 1XJ S . 11.71 12.34 -15.33
N49 1XJ S . 17.27 9.05 -8.75
N50 1XJ S . 17.29 16.24 -24.41
O53 1XJ S . 12.93 14.24 -14.94
O54 1XJ S . 14.60 11.08 -21.26
O55 1XJ S . 12.94 9.91 -20.27
O56 1XJ S . 10.01 11.93 -17.11
O57 1XJ S . 10.13 14.22 -16.17
O58 1XJ S . 18.91 16.57 -26.48
F59 1XJ S . 12.17 10.50 -23.18
F60 1XJ S . 10.97 11.64 -21.77
F61 1XJ S . 12.42 12.63 -22.85
S62 1XJ S . 17.73 13.97 -19.92
S63 1XJ S . 13.26 11.16 -20.87
S64 1XJ S . 10.83 12.97 -16.52
CL6 1XJ S . 21.80 4.42 -12.04
C4 1XJ T . -36.23 -5.67 18.38
C5 1XJ T . -38.11 -6.59 17.22
C6 1XJ T . -42.01 1.79 14.12
C7 1XJ T . -43.57 -0.11 14.10
C8 1XJ T . -41.26 1.07 15.05
C10 1XJ T . -43.16 3.54 8.47
C13 1XJ T . -44.05 3.28 9.50
C15 1XJ T . -37.32 -6.89 16.13
C17 1XJ T . -37.57 -6.01 18.34
C20 1XJ T . -42.91 2.48 7.55
C21 1XJ T . -39.70 1.48 8.75
C22 1XJ T . -44.66 2.01 9.53
C24 1XJ T . -35.97 -6.60 16.19
C26 1XJ T . -39.08 -4.44 20.01
C28 1XJ T . -38.81 -6.95 19.91
C1 1XJ T . -40.90 0.07 10.75
C2 1XJ T . -40.65 1.43 10.91
C3 1XJ T . -40.56 -0.60 9.60
C9 1XJ T . -42.78 -0.83 15.02
C11 1XJ T . -40.01 2.15 9.92
C12 1XJ T . -39.97 0.11 8.57
C14 1XJ T . -35.41 -5.99 17.31
C16 1XJ T . -44.47 0.99 8.60
C18 1XJ T . -43.18 1.18 13.69
C19 1XJ T . -41.62 -0.22 15.52
C23 1XJ T . -43.56 1.25 7.65
C25 1XJ T . -38.39 -5.60 19.51
C27 1XJ T . -44.01 1.85 12.63
C29 1XJ T . -39.47 -4.45 21.45
C30 1XJ T . -38.92 -6.91 21.43
C31 1XJ T . -41.31 -1.99 17.20
C32 1XJ T . -39.58 -0.26 16.98
C33 1XJ T . -40.28 -2.92 17.81
C34 1XJ T . -39.32 -0.78 18.38
C35 1XJ T . -38.21 6.07 3.20
C36 1XJ T . -39.48 4.31 1.93
C37 1XJ T . -37.10 5.91 2.19
C38 1XJ T . -38.31 4.29 0.96
C39 1XJ T . -39.93 -5.84 21.91
C40 1XJ T . -41.25 -6.18 21.32
C41 1XJ T . -40.04 -5.85 23.40
C42 1XJ T . -38.51 -3.14 19.48
C43 1XJ T . -40.50 3.71 4.96
C44 1XJ T . -40.01 4.93 4.29
C45 1XJ T . -39.91 3.93 7.34
C46 1XJ T . -41.03 3.81 6.35
C47 1XJ T . -44.57 0.30 5.27
N48 1XJ T . -40.77 -0.86 16.50
N51 1XJ T . -41.96 2.70 6.55
N52 1XJ T . -45.00 1.06 11.99
N49 1XJ T . -39.16 -2.23 18.50
N50 1XJ T . -39.07 4.89 3.21
O53 1XJ T . -43.80 2.97 12.20
O54 1XJ T . -42.01 0.04 5.92
O55 1XJ T . -43.51 -1.35 7.11
O56 1XJ T . -46.72 0.63 10.30
O57 1XJ T . -46.43 2.95 11.24
O58 1XJ T . -37.58 5.50 0.95
F59 1XJ T . -44.60 -0.48 4.20
F60 1XJ T . -45.72 0.31 5.89
F61 1XJ T . -44.46 1.52 4.81
S62 1XJ T . -38.96 2.39 7.50
S63 1XJ T . -43.33 -0.05 6.51
S64 1XJ T . -45.83 1.68 10.79
CL6 1XJ T . -34.95 -6.99 14.85
C4 1XJ U . 46.71 20.34 -37.32
C5 1XJ U . 44.27 20.46 -37.24
C6 1XJ U . 41.04 19.22 -46.04
C7 1XJ U . 39.53 20.64 -44.76
C8 1XJ U . 42.05 19.57 -45.15
C10 1XJ U . 36.85 15.38 -48.17
C13 1XJ U . 36.84 16.79 -48.21
C15 1XJ U . 44.20 19.14 -36.76
C17 1XJ U . 45.52 21.05 -37.47
C20 1XJ U . 36.20 14.71 -47.12
C21 1XJ U . 39.18 13.85 -45.45
C22 1XJ U . 36.17 17.50 -47.19
C24 1XJ U . 45.41 18.45 -36.55
C26 1XJ U . 45.61 22.97 -39.37
C28 1XJ U . 45.56 23.23 -36.86
C1 1XJ U . 39.00 16.22 -44.06
C2 1XJ U . 39.66 16.18 -45.28
C3 1XJ U . 38.45 15.08 -43.51
C9 1XJ U . 40.56 20.99 -43.89
C11 1XJ U . 39.74 15.00 -45.97
C12 1XJ U . 38.54 13.90 -44.23
C14 1XJ U . 46.65 19.04 -36.82
C16 1XJ U . 35.52 16.87 -46.16
C18 1XJ U . 39.79 19.78 -45.85
C19 1XJ U . 41.85 20.44 -44.07
C23 1XJ U . 35.59 15.51 -46.17
C25 1XJ U . 45.62 22.40 -38.06
C27 1XJ U . 38.68 19.38 -46.75
C29 1XJ U . 46.35 24.25 -39.53
C30 1XJ U . 46.28 24.58 -37.12
C31 1XJ U . 42.87 21.89 -42.43
C32 1XJ U . 44.27 20.28 -43.61
C33 1XJ U . 43.77 21.80 -41.22
C34 1XJ U . 45.30 20.35 -42.49
C35 1XJ U . 37.30 7.70 -49.10
C36 1XJ U . 35.24 8.34 -48.05
C37 1XJ U . 37.27 6.35 -48.41
C38 1XJ U . 34.95 6.86 -48.36
C39 1XJ U . 45.82 25.21 -38.46
C40 1XJ U . 44.33 25.32 -38.45
C41 1XJ U . 46.37 26.58 -38.69
C42 1XJ U . 45.96 21.85 -40.35
C43 1XJ U . 36.08 11.28 -48.37
C44 1XJ U . 36.80 10.08 -48.85
C45 1XJ U . 37.79 11.63 -46.80
C46 1XJ U . 36.89 12.32 -47.71
C47 1XJ U . 33.14 14.35 -45.54
N48 1XJ U . 42.99 20.73 -43.23
N51 1XJ U . 36.12 13.28 -46.99
N52 1XJ U . 37.39 19.65 -46.29
N49 1XJ U . 45.16 21.47 -41.55
N50 1XJ U . 36.59 8.74 -48.39
O53 1XJ U . 38.85 18.82 -47.82
O54 1XJ U . 35.33 13.51 -44.47
O55 1XJ U . 34.63 15.78 -43.83
O56 1XJ U . 34.89 19.53 -46.32
O57 1XJ U . 35.92 19.97 -48.38
O58 1XJ U . 35.96 5.92 -48.20
F59 1XJ U . 32.48 13.73 -44.58
F60 1XJ U . 32.51 15.48 -45.89
F61 1XJ U . 33.27 13.50 -46.61
S62 1XJ U . 39.31 12.34 -46.34
S63 1XJ U . 34.72 14.76 -44.87
S64 1XJ U . 36.07 19.24 -47.11
CL6 1XJ U . 45.40 16.81 -35.96
C4 1XJ V . -9.96 9.24 -9.84
C5 1XJ V . -12.36 9.23 -9.84
C6 1XJ V . -15.58 8.20 -18.74
C7 1XJ V . -17.14 9.57 -17.49
C8 1XJ V . -14.61 8.53 -17.79
C10 1XJ V . -19.71 4.40 -20.78
C13 1XJ V . -19.77 5.80 -20.72
C15 1XJ V . -12.40 7.90 -9.43
C17 1XJ V . -11.17 9.91 -9.99
C20 1XJ V . -20.32 3.71 -19.75
C21 1XJ V . -17.29 2.74 -17.98
C22 1XJ V . -20.43 6.48 -19.68
C24 1XJ V . -11.18 7.27 -9.23
C26 1XJ V . -11.21 11.85 -11.86
C28 1XJ V . -11.30 12.10 -9.35
C1 1XJ V . -17.27 5.20 -16.69
C2 1XJ V . -16.55 5.03 -17.89
C3 1XJ V . -17.97 4.15 -16.13
C9 1XJ V . -16.17 9.89 -16.54
C11 1XJ V . -16.55 3.80 -18.54
C12 1XJ V . -17.97 2.92 -16.79
C14 1XJ V . -9.95 7.91 -9.43
C16 1XJ V . -21.07 5.79 -18.67
C18 1XJ V . -16.82 8.78 -18.61
C19 1XJ V . -14.88 9.38 -16.69
C23 1XJ V . -20.96 4.41 -18.70
C25 1XJ V . -11.15 11.27 -10.54
C27 1XJ V . -17.94 8.44 -19.52
C29 1XJ V . -10.36 13.09 -12.06
C30 1XJ V . -10.35 13.29 -9.55
C31 1XJ V . -13.95 10.90 -15.09
C32 1XJ V . -12.59 8.97 -15.72
C33 1XJ V . -13.05 10.90 -13.89
C34 1XJ V . -11.43 9.90 -15.46
C35 1XJ V . -19.16 -3.28 -21.51
C36 1XJ V . -21.38 -3.01 -20.63
C37 1XJ V . -19.65 -4.59 -22.04
C38 1XJ V . -21.69 -4.38 -21.15
C39 1XJ V . -10.55 14.05 -10.89
C40 1XJ V . -11.92 14.62 -11.00
C41 1XJ V . -9.52 15.11 -11.04
C42 1XJ V . -10.98 10.74 -12.88
C43 1XJ V . -20.19 0.28 -21.08
C44 1XJ V . -19.86 -1.11 -20.67
C45 1XJ V . -18.88 0.81 -19.18
C46 1XJ V . -19.45 1.40 -20.38
C47 1XJ V . -23.47 3.29 -18.08
N48 1XJ V . -13.84 9.66 -15.74
N51 1XJ V . -20.33 2.32 -19.78
N52 1XJ V . -19.17 8.66 -18.94
N49 1XJ V . -11.62 10.67 -14.21
N50 1XJ V . -20.25 -2.35 -21.30
O53 1XJ V . -17.89 7.97 -20.66
O54 1XJ V . -21.11 2.30 -17.20
O55 1XJ V . -21.92 4.45 -16.25
O56 1XJ V . -21.72 8.67 -19.11
O57 1XJ V . -20.61 8.75 -21.07
O58 1XJ V . -20.54 -5.12 -21.14
F59 1XJ V . -24.25 2.68 -17.18
F60 1XJ V . -24.06 4.44 -18.45
F61 1XJ V . -23.40 2.49 -19.15
S62 1XJ V . -17.26 1.15 -18.73
S63 1XJ V . -21.81 3.55 -17.42
S64 1XJ V . -20.47 8.25 -19.72
CL6 1XJ V . -11.17 5.63 -8.71
C4 1XJ W . -26.71 8.74 -40.33
C5 1XJ W . -25.68 6.55 -40.00
C6 1XJ W . -27.50 1.15 -47.77
C7 1XJ W . -27.07 -0.19 -45.77
C8 1XJ W . -27.81 2.23 -46.92
C10 1XJ W . -23.44 -1.81 -51.24
C13 1XJ W . -24.50 -2.37 -50.51
C15 1XJ W . -24.41 7.10 -40.21
C17 1XJ W . -26.80 7.38 -40.02
C20 1XJ W . -22.16 -1.78 -50.64
C21 1XJ W . -21.91 1.73 -49.89
C22 1XJ W . -24.28 -2.87 -49.22
C24 1XJ W . -24.38 8.45 -40.47
C26 1XJ W . -29.25 6.52 -40.69
C28 1XJ W . -28.25 6.83 -38.41
C1 1XJ W . -23.35 1.31 -47.53
C2 1XJ W . -24.03 1.43 -48.73
C3 1XJ W . -21.97 1.39 -47.51
C9 1XJ W . -27.41 0.89 -44.93
C11 1XJ W . -23.30 1.63 -49.90
C12 1XJ W . -21.25 1.60 -48.69
C14 1XJ W . -25.47 9.30 -40.52
C16 1XJ W . -23.03 -2.86 -48.61
C18 1XJ W . -27.12 -0.05 -47.17
C19 1XJ W . -27.82 2.12 -45.51
C23 1XJ W . -22.00 -2.29 -49.33
C25 1XJ W . -28.15 6.84 -39.87
C27 1XJ W . -26.69 -1.19 -48.03
C29 1XJ W . -30.55 6.08 -40.19
C30 1XJ W . -29.73 6.95 -38.00
C31 1XJ W . -28.67 3.06 -43.38
C32 1XJ W . -28.41 4.56 -45.26
C33 1XJ W . -28.63 4.27 -42.47
C34 1XJ W . -29.43 5.30 -44.44
C35 1XJ W . -18.00 1.06 -56.14
C36 1XJ W . -16.92 -0.38 -54.52
C37 1XJ W . -16.68 1.82 -56.23
C38 1XJ W . -15.89 -0.35 -55.64
C39 1XJ W . -30.53 5.83 -38.68
C40 1XJ W . -29.86 4.56 -38.28
C41 1XJ W . -31.97 5.76 -38.30
C42 1XJ W . -28.94 6.67 -42.17
C43 1XJ W . -19.71 -0.60 -53.19
C44 1XJ W . -19.37 -0.06 -54.51
C45 1XJ W . -21.69 0.84 -52.60
C46 1XJ W . -21.09 -0.52 -52.62
C47 1XJ W . -19.70 -3.92 -49.08
N48 1XJ W . -28.18 3.28 -44.72
N51 1XJ W . -21.07 -1.21 -51.38
N52 1XJ W . -26.12 -2.31 -47.42
N49 1XJ W . -28.89 5.55 -43.14
N50 1XJ W . -18.08 0.45 -54.85
O53 1XJ W . -26.78 -1.18 -49.21
O54 1XJ W . -19.60 -1.23 -48.84
O55 1XJ W . -20.58 -2.54 -47.08
O56 1XJ W . -25.28 -4.51 -47.37
O57 1XJ W . -26.65 -4.04 -49.24
O58 1XJ W . -15.63 0.91 -56.19
F59 1XJ W . -18.60 -4.23 -48.44
F60 1XJ W . -20.57 -4.89 -48.83
F61 1XJ W . -19.41 -3.98 -50.38
S62 1XJ W . -21.02 1.99 -51.41
S63 1XJ W . -20.41 -2.36 -48.51
S64 1XJ W . -25.63 -3.51 -48.34
CL6 1XJ W . -22.86 9.17 -40.71
C4 1XJ X . -13.74 -20.81 21.33
C5 1XJ X . -12.74 -23.02 21.64
C6 1XJ X . -14.20 -28.14 13.49
C7 1XJ X . -13.94 -29.59 15.43
C8 1XJ X . -14.59 -27.14 14.40
C10 1XJ X . -10.06 -31.20 10.19
C13 1XJ X . -11.13 -31.74 10.91
C15 1XJ X . -11.48 -22.47 21.48
C17 1XJ X . -13.83 -22.17 21.59
C20 1XJ X . -8.83 -31.17 10.81
C21 1XJ X . -8.63 -27.53 11.71
C22 1XJ X . -10.94 -32.21 12.21
C24 1XJ X . -11.41 -21.09 21.26
C26 1XJ X . -16.12 -23.45 20.89
C28 1XJ X . -15.33 -22.45 23.09
C1 1XJ X . -10.05 -28.02 14.05
C2 1XJ X . -10.70 -27.99 12.83
C3 1XJ X . -8.68 -27.79 14.08
C9 1XJ X . -14.35 -28.58 16.30
C11 1XJ X . -9.99 -27.75 11.66
C12 1XJ X . -7.97 -27.53 12.92
C14 1XJ X . -12.49 -20.24 21.18
C16 1XJ X . -9.74 -32.19 12.86
C18 1XJ X . -13.88 -29.39 14.05
C19 1XJ X . -14.68 -27.33 15.80
C23 1XJ X . -8.71 -31.65 12.12
C25 1XJ X . -15.15 -22.77 21.69
C27 1XJ X . -13.44 -30.53 13.21
C29 1XJ X . -17.55 -23.24 21.28
C30 1XJ X . -16.81 -22.38 23.44
C31 1XJ X . -15.52 -26.56 17.99
C32 1XJ X . -15.56 -25.05 16.06
C33 1XJ X . -16.04 -25.42 18.84
C34 1XJ X . -15.73 -23.89 16.97
C35 1XJ X . -4.82 -27.98 5.45
C36 1XJ X . -3.70 -29.72 6.85
C37 1XJ X . -3.45 -27.44 5.19
C38 1XJ X . -2.41 -29.09 6.45
C39 1XJ X . -17.63 -23.52 22.78
C40 1XJ X . -17.01 -24.85 23.07
C41 1XJ X . -19.06 -23.53 23.19
C42 1XJ X . -15.89 -23.12 19.43
C43 1XJ X . -6.36 -29.55 8.52
C44 1XJ X . -6.05 -29.38 7.09
C45 1XJ X . -8.48 -28.44 9.11
C46 1XJ X . -7.75 -29.71 9.01
C47 1XJ X . -6.43 -33.23 12.46
N48 1XJ X . -15.09 -26.24 16.66
N51 1XJ X . -7.73 -30.63 10.11
N52 1XJ X . -12.81 -31.56 13.88
N49 1XJ X . -15.55 -24.10 18.40
N50 1XJ X . -4.81 -28.79 6.66
O53 1XJ X . -13.61 -30.64 12.02
O54 1XJ X . -6.22 -30.62 12.65
O55 1XJ X . -7.30 -31.84 14.43
O56 1XJ X . -11.65 -33.73 14.03
O57 1XJ X . -13.24 -33.54 12.29
O58 1XJ X . -2.57 -28.52 5.18
F59 1XJ X . -5.24 -33.43 13.02
F60 1XJ X . -7.18 -34.29 12.82
F61 1XJ X . -6.26 -33.22 11.14
S62 1XJ X . -7.79 -27.23 10.22
S63 1XJ X . -7.16 -31.67 12.98
S64 1XJ X . -12.25 -32.84 13.11
CL6 1XJ X . -9.87 -20.37 21.09
#